data_8ENF
# 
_entry.id   8ENF 
# 
_audit_conform.dict_name       mmcif_pdbx.dic 
_audit_conform.dict_version    5.398 
_audit_conform.dict_location   http://mmcif.pdb.org/dictionaries/ascii/mmcif_pdbx.dic 
# 
loop_
_database_2.database_id 
_database_2.database_code 
_database_2.pdbx_database_accession 
_database_2.pdbx_DOI 
PDB   8ENF         pdb_00008enf 10.2210/pdb8enf/pdb 
WWPDB D_1000268840 ?            ?                   
# 
loop_
_pdbx_audit_revision_history.ordinal 
_pdbx_audit_revision_history.data_content_type 
_pdbx_audit_revision_history.major_revision 
_pdbx_audit_revision_history.minor_revision 
_pdbx_audit_revision_history.revision_date 
1 'Structure model' 1 0 2023-01-11 
2 'Structure model' 1 1 2023-04-05 
3 'Structure model' 1 2 2023-10-25 
4 'Structure model' 1 3 2024-11-06 
# 
_pdbx_audit_revision_details.ordinal             1 
_pdbx_audit_revision_details.revision_ordinal    1 
_pdbx_audit_revision_details.data_content_type   'Structure model' 
_pdbx_audit_revision_details.provider            repository 
_pdbx_audit_revision_details.type                'Initial release' 
_pdbx_audit_revision_details.description         ? 
_pdbx_audit_revision_details.details             ? 
# 
loop_
_pdbx_audit_revision_group.ordinal 
_pdbx_audit_revision_group.revision_ordinal 
_pdbx_audit_revision_group.data_content_type 
_pdbx_audit_revision_group.group 
1 2 'Structure model' 'Refinement description' 
2 2 'Structure model' 'Structure summary'      
3 3 'Structure model' 'Data collection'        
4 3 'Structure model' 'Refinement description' 
5 4 'Structure model' 'Structure summary'      
# 
loop_
_pdbx_audit_revision_category.ordinal 
_pdbx_audit_revision_category.revision_ordinal 
_pdbx_audit_revision_category.data_content_type 
_pdbx_audit_revision_category.category 
1 2 'Structure model' pdbx_contact_author           
2 2 'Structure model' pdbx_initial_refinement_model 
3 2 'Structure model' software                      
4 3 'Structure model' chem_comp_atom                
5 3 'Structure model' chem_comp_bond                
6 3 'Structure model' pdbx_initial_refinement_model 
7 4 'Structure model' pdbx_entry_details            
8 4 'Structure model' pdbx_modification_feature     
# 
loop_
_pdbx_audit_revision_item.ordinal 
_pdbx_audit_revision_item.revision_ordinal 
_pdbx_audit_revision_item.data_content_type 
_pdbx_audit_revision_item.item 
1 2 'Structure model' '_pdbx_initial_refinement_model.accession_code' 
2 2 'Structure model' '_pdbx_initial_refinement_model.source_name'    
3 3 'Structure model' '_pdbx_initial_refinement_model.details'        
# 
_pdbx_database_status.status_code                     REL 
_pdbx_database_status.status_code_sf                  REL 
_pdbx_database_status.status_code_mr                  ? 
_pdbx_database_status.entry_id                        8ENF 
_pdbx_database_status.recvd_initial_deposition_date   2022-09-29 
_pdbx_database_status.SG_entry                        N 
_pdbx_database_status.deposit_site                    RCSB 
_pdbx_database_status.process_site                    RCSB 
_pdbx_database_status.status_code_cs                  ? 
_pdbx_database_status.status_code_nmr_data            ? 
_pdbx_database_status.methods_development_category    ? 
_pdbx_database_status.pdb_format_compatible           Y 
# 
_pdbx_contact_author.id                 2 
_pdbx_contact_author.email              wah2@cumc.columbia.edu 
_pdbx_contact_author.name_first         Wayne 
_pdbx_contact_author.name_last          Hendrickson 
_pdbx_contact_author.name_mi            A 
_pdbx_contact_author.role               'principal investigator/group leader' 
_pdbx_contact_author.identifier_ORCID   0000-0003-1412-5747 
# 
loop_
_audit_author.name 
_audit_author.pdbx_ordinal 
_audit_author.identifier_ORCID 
'Gong, Z.'          1 0000-0003-0760-1493 
'Hendrickson, W.A.' 2 0000-0003-1412-5747 
# 
loop_
_citation.abstract 
_citation.abstract_id_CAS 
_citation.book_id_ISBN 
_citation.book_publisher 
_citation.book_publisher_city 
_citation.book_title 
_citation.coordinate_linkage 
_citation.country 
_citation.database_id_Medline 
_citation.details 
_citation.id 
_citation.journal_abbrev 
_citation.journal_id_ASTM 
_citation.journal_id_CSD 
_citation.journal_id_ISSN 
_citation.journal_full 
_citation.journal_issue 
_citation.journal_volume 
_citation.language 
_citation.page_first 
_citation.page_last 
_citation.title 
_citation.year 
_citation.database_id_CSD 
_citation.pdbx_database_id_DOI 
_citation.pdbx_database_id_PubMed 
_citation.pdbx_database_id_patent 
_citation.unpublished_flag 
? ? ? ? ? ? ? US ? ? primary 'Proc Natl Acad Sci U S A' PNASA6 0040 1091-6490 ? ? 120 ? e2218630120 ? 
;Crystal structure of LGR ligand alpha2/beta5 from Caenorhabditis elegans with implications for the evolution of glycoprotein hormones
;
2023 ? 10.1073/pnas.2218630120 36574673 ? ? 
? ? ? ? ? ? ? ?  ? ? 1       'To be Published'          ?      0353 ?         ? ? ?   ? ?           ? 
'Combining AlphaFold and phenix.mr_rosetta for solving challenging crystal structures' ?    ? ?                       ?        ? ? 
# 
loop_
_citation_author.citation_id 
_citation_author.name 
_citation_author.ordinal 
_citation_author.identifier_ORCID 
primary 'Gong, Z.'          1 0000-0003-0760-1493 
primary 'Wang, W.'          2 ?                   
primary 'El Omari, K.'      3 ?                   
primary 'Lebedev, A.A.'     4 ?                   
primary 'Clarke, O.B.'      5 0000-0003-1876-196X 
primary 'Hendrickson, W.A.' 6 0000-0003-1412-5747 
1       'Wang, W.'          7 0000-0003-4872-9370 
1       'Gong, Z.'          8 0000-0003-0760-1493 
1       'Hendrickson, W.A.' 9 0000-0003-1412-5747 
# 
loop_
_entity.id 
_entity.type 
_entity.src_method 
_entity.pdbx_description 
_entity.formula_weight 
_entity.pdbx_number_of_molecules 
_entity.pdbx_ec 
_entity.pdbx_mutation 
_entity.pdbx_fragment 
_entity.details 
1 polymer man Bursicon                             10565.464 1 ? ? ? ? 
2 polymer man 'Cys_knot domain-containing protein' 11590.098 1 ? ? ? ? 
# 
loop_
_entity_name_com.entity_id 
_entity_name_com.name 
1 'Bursicon subunit alpha'              
2 'Putative glycoprotein hormone-beta5' 
# 
loop_
_entity_poly.entity_id 
_entity_poly.type 
_entity_poly.nstd_linkage 
_entity_poly.nstd_monomer 
_entity_poly.pdbx_seq_one_letter_code 
_entity_poly.pdbx_seq_one_letter_code_can 
_entity_poly.pdbx_strand_id 
_entity_poly.pdbx_target_identifier 
1 'polypeptide(L)' no no 
;GVTKNNSCKKVGVEELINEKGCDLMIIRINRCRGHCFSFTFPNPLTKKYSVHAKCCRMVEWEMLETELKCSKGNRNLRIP
SATQCECFDCLV
;
;GVTKNNSCKKVGVEELINEKGCDLMIIRINRCRGHCFSFTFPNPLTKKYSVHAKCCRMVEWEMLETELKCSKGNRNLRIP
SATQCECFDCLV
;
A ? 
2 'polypeptide(L)' no no 
;GKECEFAMRLVPGFNPLRQVDANGKECRGNVELPFCKGYCKTSESGTHGFPPRVQNSKVCTLVTTSTRKVVLDDCDDGAD
ESVKFVMVPHGTDCECSAVPLEQHHS
;
;GKECEFAMRLVPGFNPLRQVDANGKECRGNVELPFCKGYCKTSESGTHGFPPRVQNSKVCTLVTTSTRKVVLDDCDDGAD
ESVKFVMVPHGTDCECSAVPLEQHHS
;
B ? 
# 
loop_
_entity_poly_seq.entity_id 
_entity_poly_seq.num 
_entity_poly_seq.mon_id 
_entity_poly_seq.hetero 
1 1   GLY n 
1 2   VAL n 
1 3   THR n 
1 4   LYS n 
1 5   ASN n 
1 6   ASN n 
1 7   SER n 
1 8   CYS n 
1 9   LYS n 
1 10  LYS n 
1 11  VAL n 
1 12  GLY n 
1 13  VAL n 
1 14  GLU n 
1 15  GLU n 
1 16  LEU n 
1 17  ILE n 
1 18  ASN n 
1 19  GLU n 
1 20  LYS n 
1 21  GLY n 
1 22  CYS n 
1 23  ASP n 
1 24  LEU n 
1 25  MET n 
1 26  ILE n 
1 27  ILE n 
1 28  ARG n 
1 29  ILE n 
1 30  ASN n 
1 31  ARG n 
1 32  CYS n 
1 33  ARG n 
1 34  GLY n 
1 35  HIS n 
1 36  CYS n 
1 37  PHE n 
1 38  SER n 
1 39  PHE n 
1 40  THR n 
1 41  PHE n 
1 42  PRO n 
1 43  ASN n 
1 44  PRO n 
1 45  LEU n 
1 46  THR n 
1 47  LYS n 
1 48  LYS n 
1 49  TYR n 
1 50  SER n 
1 51  VAL n 
1 52  HIS n 
1 53  ALA n 
1 54  LYS n 
1 55  CYS n 
1 56  CYS n 
1 57  ARG n 
1 58  MET n 
1 59  VAL n 
1 60  GLU n 
1 61  TRP n 
1 62  GLU n 
1 63  MET n 
1 64  LEU n 
1 65  GLU n 
1 66  THR n 
1 67  GLU n 
1 68  LEU n 
1 69  LYS n 
1 70  CYS n 
1 71  SER n 
1 72  LYS n 
1 73  GLY n 
1 74  ASN n 
1 75  ARG n 
1 76  ASN n 
1 77  LEU n 
1 78  ARG n 
1 79  ILE n 
1 80  PRO n 
1 81  SER n 
1 82  ALA n 
1 83  THR n 
1 84  GLN n 
1 85  CYS n 
1 86  GLU n 
1 87  CYS n 
1 88  PHE n 
1 89  ASP n 
1 90  CYS n 
1 91  LEU n 
1 92  VAL n 
2 1   GLY n 
2 2   LYS n 
2 3   GLU n 
2 4   CYS n 
2 5   GLU n 
2 6   PHE n 
2 7   ALA n 
2 8   MET n 
2 9   ARG n 
2 10  LEU n 
2 11  VAL n 
2 12  PRO n 
2 13  GLY n 
2 14  PHE n 
2 15  ASN n 
2 16  PRO n 
2 17  LEU n 
2 18  ARG n 
2 19  GLN n 
2 20  VAL n 
2 21  ASP n 
2 22  ALA n 
2 23  ASN n 
2 24  GLY n 
2 25  LYS n 
2 26  GLU n 
2 27  CYS n 
2 28  ARG n 
2 29  GLY n 
2 30  ASN n 
2 31  VAL n 
2 32  GLU n 
2 33  LEU n 
2 34  PRO n 
2 35  PHE n 
2 36  CYS n 
2 37  LYS n 
2 38  GLY n 
2 39  TYR n 
2 40  CYS n 
2 41  LYS n 
2 42  THR n 
2 43  SER n 
2 44  GLU n 
2 45  SER n 
2 46  GLY n 
2 47  THR n 
2 48  HIS n 
2 49  GLY n 
2 50  PHE n 
2 51  PRO n 
2 52  PRO n 
2 53  ARG n 
2 54  VAL n 
2 55  GLN n 
2 56  ASN n 
2 57  SER n 
2 58  LYS n 
2 59  VAL n 
2 60  CYS n 
2 61  THR n 
2 62  LEU n 
2 63  VAL n 
2 64  THR n 
2 65  THR n 
2 66  SER n 
2 67  THR n 
2 68  ARG n 
2 69  LYS n 
2 70  VAL n 
2 71  VAL n 
2 72  LEU n 
2 73  ASP n 
2 74  ASP n 
2 75  CYS n 
2 76  ASP n 
2 77  ASP n 
2 78  GLY n 
2 79  ALA n 
2 80  ASP n 
2 81  GLU n 
2 82  SER n 
2 83  VAL n 
2 84  LYS n 
2 85  PHE n 
2 86  VAL n 
2 87  MET n 
2 88  VAL n 
2 89  PRO n 
2 90  HIS n 
2 91  GLY n 
2 92  THR n 
2 93  ASP n 
2 94  CYS n 
2 95  GLU n 
2 96  CYS n 
2 97  SER n 
2 98  ALA n 
2 99  VAL n 
2 100 PRO n 
2 101 LEU n 
2 102 GLU n 
2 103 GLN n 
2 104 HIS n 
2 105 HIS n 
2 106 SER n 
# 
loop_
_entity_src_gen.entity_id 
_entity_src_gen.pdbx_src_id 
_entity_src_gen.pdbx_alt_source_flag 
_entity_src_gen.pdbx_seq_type 
_entity_src_gen.pdbx_beg_seq_num 
_entity_src_gen.pdbx_end_seq_num 
_entity_src_gen.gene_src_common_name 
_entity_src_gen.gene_src_genus 
_entity_src_gen.pdbx_gene_src_gene 
_entity_src_gen.gene_src_species 
_entity_src_gen.gene_src_strain 
_entity_src_gen.gene_src_tissue 
_entity_src_gen.gene_src_tissue_fraction 
_entity_src_gen.gene_src_details 
_entity_src_gen.pdbx_gene_src_fragment 
_entity_src_gen.pdbx_gene_src_scientific_name 
_entity_src_gen.pdbx_gene_src_ncbi_taxonomy_id 
_entity_src_gen.pdbx_gene_src_variant 
_entity_src_gen.pdbx_gene_src_cell_line 
_entity_src_gen.pdbx_gene_src_atcc 
_entity_src_gen.pdbx_gene_src_organ 
_entity_src_gen.pdbx_gene_src_organelle 
_entity_src_gen.pdbx_gene_src_cell 
_entity_src_gen.pdbx_gene_src_cellular_location 
_entity_src_gen.host_org_common_name 
_entity_src_gen.pdbx_host_org_scientific_name 
_entity_src_gen.pdbx_host_org_ncbi_taxonomy_id 
_entity_src_gen.host_org_genus 
_entity_src_gen.pdbx_host_org_gene 
_entity_src_gen.pdbx_host_org_organ 
_entity_src_gen.host_org_species 
_entity_src_gen.pdbx_host_org_tissue 
_entity_src_gen.pdbx_host_org_tissue_fraction 
_entity_src_gen.pdbx_host_org_strain 
_entity_src_gen.pdbx_host_org_variant 
_entity_src_gen.pdbx_host_org_cell_line 
_entity_src_gen.pdbx_host_org_atcc 
_entity_src_gen.pdbx_host_org_culture_collection 
_entity_src_gen.pdbx_host_org_cell 
_entity_src_gen.pdbx_host_org_organelle 
_entity_src_gen.pdbx_host_org_cellular_location 
_entity_src_gen.pdbx_host_org_vector_type 
_entity_src_gen.pdbx_host_org_vector 
_entity_src_gen.host_org_details 
_entity_src_gen.expression_system_id 
_entity_src_gen.plasmid_name 
_entity_src_gen.plasmid_details 
_entity_src_gen.pdbx_description 
1 1 sample 'Biological sequence' 1 92  ? ? ?                               ? ? ? ? ? ? 'Caenorhabditis elegans' 6239 ? ? ? ? ? ? ? 
human 'Homo sapiens' 9606 ? ? ? ? ? ? ? ? ? ? ? ? ? ? ? ? ? ? ? ? ? 
2 1 sample 'Biological sequence' 1 106 ? ? 'gpb5, CELE_T23B12.8, T23B12.8' ? ? ? ? ? ? 'Caenorhabditis elegans' 6239 ? ? ? ? ? ? ? 
human 'Homo sapiens' 9606 ? ? ? ? ? ? ? ? ? ? ? ? ? ? ? ? ? ? ? ? ? 
# 
loop_
_chem_comp.id 
_chem_comp.type 
_chem_comp.mon_nstd_flag 
_chem_comp.name 
_chem_comp.pdbx_synonyms 
_chem_comp.formula 
_chem_comp.formula_weight 
ALA 'L-peptide linking' y ALANINE         ? 'C3 H7 N O2'     89.093  
ARG 'L-peptide linking' y ARGININE        ? 'C6 H15 N4 O2 1' 175.209 
ASN 'L-peptide linking' y ASPARAGINE      ? 'C4 H8 N2 O3'    132.118 
ASP 'L-peptide linking' y 'ASPARTIC ACID' ? 'C4 H7 N O4'     133.103 
CYS 'L-peptide linking' y CYSTEINE        ? 'C3 H7 N O2 S'   121.158 
GLN 'L-peptide linking' y GLUTAMINE       ? 'C5 H10 N2 O3'   146.144 
GLU 'L-peptide linking' y 'GLUTAMIC ACID' ? 'C5 H9 N O4'     147.129 
GLY 'peptide linking'   y GLYCINE         ? 'C2 H5 N O2'     75.067  
HIS 'L-peptide linking' y HISTIDINE       ? 'C6 H10 N3 O2 1' 156.162 
ILE 'L-peptide linking' y ISOLEUCINE      ? 'C6 H13 N O2'    131.173 
LEU 'L-peptide linking' y LEUCINE         ? 'C6 H13 N O2'    131.173 
LYS 'L-peptide linking' y LYSINE          ? 'C6 H15 N2 O2 1' 147.195 
MET 'L-peptide linking' y METHIONINE      ? 'C5 H11 N O2 S'  149.211 
PHE 'L-peptide linking' y PHENYLALANINE   ? 'C9 H11 N O2'    165.189 
PRO 'L-peptide linking' y PROLINE         ? 'C5 H9 N O2'     115.130 
SER 'L-peptide linking' y SERINE          ? 'C3 H7 N O3'     105.093 
THR 'L-peptide linking' y THREONINE       ? 'C4 H9 N O3'     119.119 
TRP 'L-peptide linking' y TRYPTOPHAN      ? 'C11 H12 N2 O2'  204.225 
TYR 'L-peptide linking' y TYROSINE        ? 'C9 H11 N O3'    181.189 
VAL 'L-peptide linking' y VALINE          ? 'C5 H11 N O2'    117.146 
# 
loop_
_pdbx_poly_seq_scheme.asym_id 
_pdbx_poly_seq_scheme.entity_id 
_pdbx_poly_seq_scheme.seq_id 
_pdbx_poly_seq_scheme.mon_id 
_pdbx_poly_seq_scheme.ndb_seq_num 
_pdbx_poly_seq_scheme.pdb_seq_num 
_pdbx_poly_seq_scheme.auth_seq_num 
_pdbx_poly_seq_scheme.pdb_mon_id 
_pdbx_poly_seq_scheme.auth_mon_id 
_pdbx_poly_seq_scheme.pdb_strand_id 
_pdbx_poly_seq_scheme.pdb_ins_code 
_pdbx_poly_seq_scheme.hetero 
A 1 1   GLY 1   1   ?   ?   ?   A . n 
A 1 2   VAL 2   2   ?   ?   ?   A . n 
A 1 3   THR 3   3   ?   ?   ?   A . n 
A 1 4   LYS 4   4   ?   ?   ?   A . n 
A 1 5   ASN 5   5   ?   ?   ?   A . n 
A 1 6   ASN 6   6   6   ASN ASN A . n 
A 1 7   SER 7   7   7   SER SER A . n 
A 1 8   CYS 8   8   8   CYS CYS A . n 
A 1 9   LYS 9   9   9   LYS LYS A . n 
A 1 10  LYS 10  10  10  LYS LYS A . n 
A 1 11  VAL 11  11  11  VAL VAL A . n 
A 1 12  GLY 12  12  12  GLY GLY A . n 
A 1 13  VAL 13  13  13  VAL VAL A . n 
A 1 14  GLU 14  14  14  GLU GLU A . n 
A 1 15  GLU 15  15  15  GLU GLU A . n 
A 1 16  LEU 16  16  16  LEU LEU A . n 
A 1 17  ILE 17  17  17  ILE ILE A . n 
A 1 18  ASN 18  18  18  ASN ASN A . n 
A 1 19  GLU 19  19  19  GLU GLU A . n 
A 1 20  LYS 20  20  20  LYS LYS A . n 
A 1 21  GLY 21  21  21  GLY GLY A . n 
A 1 22  CYS 22  22  22  CYS CYS A . n 
A 1 23  ASP 23  23  23  ASP ASP A . n 
A 1 24  LEU 24  24  24  LEU LEU A . n 
A 1 25  MET 25  25  25  MET MET A . n 
A 1 26  ILE 26  26  26  ILE ILE A . n 
A 1 27  ILE 27  27  27  ILE ILE A . n 
A 1 28  ARG 28  28  28  ARG ARG A . n 
A 1 29  ILE 29  29  29  ILE ILE A . n 
A 1 30  ASN 30  30  30  ASN ASN A . n 
A 1 31  ARG 31  31  31  ARG ARG A . n 
A 1 32  CYS 32  32  32  CYS CYS A . n 
A 1 33  ARG 33  33  33  ARG ARG A . n 
A 1 34  GLY 34  34  34  GLY GLY A . n 
A 1 35  HIS 35  35  35  HIS HIS A . n 
A 1 36  CYS 36  36  36  CYS CYS A . n 
A 1 37  PHE 37  37  37  PHE PHE A . n 
A 1 38  SER 38  38  38  SER SER A . n 
A 1 39  PHE 39  39  39  PHE PHE A . n 
A 1 40  THR 40  40  40  THR THR A . n 
A 1 41  PHE 41  41  41  PHE PHE A . n 
A 1 42  PRO 42  42  42  PRO PRO A . n 
A 1 43  ASN 43  43  43  ASN ASN A . n 
A 1 44  PRO 44  44  44  PRO PRO A . n 
A 1 45  LEU 45  45  45  LEU LEU A . n 
A 1 46  THR 46  46  46  THR THR A . n 
A 1 47  LYS 47  47  47  LYS LYS A . n 
A 1 48  LYS 48  48  48  LYS LYS A . n 
A 1 49  TYR 49  49  49  TYR TYR A . n 
A 1 50  SER 50  50  50  SER SER A . n 
A 1 51  VAL 51  51  51  VAL VAL A . n 
A 1 52  HIS 52  52  52  HIS HIS A . n 
A 1 53  ALA 53  53  53  ALA ALA A . n 
A 1 54  LYS 54  54  54  LYS LYS A . n 
A 1 55  CYS 55  55  55  CYS CYS A . n 
A 1 56  CYS 56  56  56  CYS CYS A . n 
A 1 57  ARG 57  57  57  ARG ARG A . n 
A 1 58  MET 58  58  58  MET MET A . n 
A 1 59  VAL 59  59  59  VAL VAL A . n 
A 1 60  GLU 60  60  60  GLU GLU A . n 
A 1 61  TRP 61  61  61  TRP TRP A . n 
A 1 62  GLU 62  62  62  GLU GLU A . n 
A 1 63  MET 63  63  63  MET MET A . n 
A 1 64  LEU 64  64  64  LEU LEU A . n 
A 1 65  GLU 65  65  65  GLU GLU A . n 
A 1 66  THR 66  66  66  THR THR A . n 
A 1 67  GLU 67  67  67  GLU GLU A . n 
A 1 68  LEU 68  68  68  LEU LEU A . n 
A 1 69  LYS 69  69  69  LYS LYS A . n 
A 1 70  CYS 70  70  70  CYS CYS A . n 
A 1 71  SER 71  71  71  SER SER A . n 
A 1 72  LYS 72  72  72  LYS LYS A . n 
A 1 73  GLY 73  73  73  GLY GLY A . n 
A 1 74  ASN 74  74  74  ASN ASN A . n 
A 1 75  ARG 75  75  75  ARG ARG A . n 
A 1 76  ASN 76  76  76  ASN ASN A . n 
A 1 77  LEU 77  77  77  LEU LEU A . n 
A 1 78  ARG 78  78  78  ARG ARG A . n 
A 1 79  ILE 79  79  79  ILE ILE A . n 
A 1 80  PRO 80  80  80  PRO PRO A . n 
A 1 81  SER 81  81  81  SER SER A . n 
A 1 82  ALA 82  82  82  ALA ALA A . n 
A 1 83  THR 83  83  83  THR THR A . n 
A 1 84  GLN 84  84  84  GLN GLN A . n 
A 1 85  CYS 85  85  85  CYS CYS A . n 
A 1 86  GLU 86  86  86  GLU GLU A . n 
A 1 87  CYS 87  87  87  CYS CYS A . n 
A 1 88  PHE 88  88  88  PHE PHE A . n 
A 1 89  ASP 89  89  89  ASP ASP A . n 
A 1 90  CYS 90  90  90  CYS CYS A . n 
A 1 91  LEU 91  91  91  LEU LEU A . n 
A 1 92  VAL 92  92  92  VAL VAL A . n 
B 2 1   GLY 1   1   ?   ?   ?   B . n 
B 2 2   LYS 2   2   ?   ?   ?   B . n 
B 2 3   GLU 3   3   3   GLU GLU B . n 
B 2 4   CYS 4   4   4   CYS CYS B . n 
B 2 5   GLU 5   5   5   GLU GLU B . n 
B 2 6   PHE 6   6   6   PHE PHE B . n 
B 2 7   ALA 7   7   7   ALA ALA B . n 
B 2 8   MET 8   8   8   MET MET B . n 
B 2 9   ARG 9   9   9   ARG ARG B . n 
B 2 10  LEU 10  10  10  LEU LEU B . n 
B 2 11  VAL 11  11  11  VAL VAL B . n 
B 2 12  PRO 12  12  12  PRO PRO B . n 
B 2 13  GLY 13  13  13  GLY GLY B . n 
B 2 14  PHE 14  14  14  PHE PHE B . n 
B 2 15  ASN 15  15  15  ASN ASN B . n 
B 2 16  PRO 16  16  16  PRO PRO B . n 
B 2 17  LEU 17  17  17  LEU LEU B . n 
B 2 18  ARG 18  18  18  ARG ARG B . n 
B 2 19  GLN 19  19  19  GLN GLN B . n 
B 2 20  VAL 20  20  20  VAL VAL B . n 
B 2 21  ASP 21  21  21  ASP ASP B . n 
B 2 22  ALA 22  22  22  ALA ALA B . n 
B 2 23  ASN 23  23  23  ASN ASN B . n 
B 2 24  GLY 24  24  24  GLY GLY B . n 
B 2 25  LYS 25  25  25  LYS LYS B . n 
B 2 26  GLU 26  26  26  GLU GLU B . n 
B 2 27  CYS 27  27  27  CYS CYS B . n 
B 2 28  ARG 28  28  28  ARG ARG B . n 
B 2 29  GLY 29  29  29  GLY GLY B . n 
B 2 30  ASN 30  30  30  ASN ASN B . n 
B 2 31  VAL 31  31  31  VAL VAL B . n 
B 2 32  GLU 32  32  32  GLU GLU B . n 
B 2 33  LEU 33  33  33  LEU LEU B . n 
B 2 34  PRO 34  34  34  PRO PRO B . n 
B 2 35  PHE 35  35  35  PHE PHE B . n 
B 2 36  CYS 36  36  36  CYS CYS B . n 
B 2 37  LYS 37  37  37  LYS LYS B . n 
B 2 38  GLY 38  38  38  GLY GLY B . n 
B 2 39  TYR 39  39  39  TYR TYR B . n 
B 2 40  CYS 40  40  40  CYS CYS B . n 
B 2 41  LYS 41  41  41  LYS LYS B . n 
B 2 42  THR 42  42  42  THR THR B . n 
B 2 43  SER 43  43  43  SER SER B . n 
B 2 44  GLU 44  44  44  GLU GLU B . n 
B 2 45  SER 45  45  45  SER SER B . n 
B 2 46  GLY 46  46  46  GLY GLY B . n 
B 2 47  THR 47  47  47  THR THR B . n 
B 2 48  HIS 48  48  48  HIS HIS B . n 
B 2 49  GLY 49  49  49  GLY GLY B . n 
B 2 50  PHE 50  50  50  PHE PHE B . n 
B 2 51  PRO 51  51  51  PRO PRO B . n 
B 2 52  PRO 52  52  52  PRO PRO B . n 
B 2 53  ARG 53  53  53  ARG ARG B . n 
B 2 54  VAL 54  54  54  VAL VAL B . n 
B 2 55  GLN 55  55  55  GLN GLN B . n 
B 2 56  ASN 56  56  56  ASN ASN B . n 
B 2 57  SER 57  57  57  SER SER B . n 
B 2 58  LYS 58  58  58  LYS LYS B . n 
B 2 59  VAL 59  59  59  VAL VAL B . n 
B 2 60  CYS 60  60  60  CYS CYS B . n 
B 2 61  THR 61  61  61  THR THR B . n 
B 2 62  LEU 62  62  62  LEU LEU B . n 
B 2 63  VAL 63  63  63  VAL VAL B . n 
B 2 64  THR 64  64  64  THR THR B . n 
B 2 65  THR 65  65  65  THR THR B . n 
B 2 66  SER 66  66  66  SER SER B . n 
B 2 67  THR 67  67  67  THR THR B . n 
B 2 68  ARG 68  68  68  ARG ARG B . n 
B 2 69  LYS 69  69  69  LYS LYS B . n 
B 2 70  VAL 70  70  70  VAL VAL B . n 
B 2 71  VAL 71  71  71  VAL VAL B . n 
B 2 72  LEU 72  72  72  LEU LEU B . n 
B 2 73  ASP 73  73  73  ASP ASP B . n 
B 2 74  ASP 74  74  74  ASP ASP B . n 
B 2 75  CYS 75  75  75  CYS CYS B . n 
B 2 76  ASP 76  76  76  ASP ASP B . n 
B 2 77  ASP 77  77  77  ASP ASP B . n 
B 2 78  GLY 78  78  78  GLY GLY B . n 
B 2 79  ALA 79  79  79  ALA ALA B . n 
B 2 80  ASP 80  80  80  ASP ASP B . n 
B 2 81  GLU 81  81  81  GLU GLU B . n 
B 2 82  SER 82  82  82  SER SER B . n 
B 2 83  VAL 83  83  83  VAL VAL B . n 
B 2 84  LYS 84  84  84  LYS LYS B . n 
B 2 85  PHE 85  85  85  PHE PHE B . n 
B 2 86  VAL 86  86  86  VAL VAL B . n 
B 2 87  MET 87  87  87  MET MET B . n 
B 2 88  VAL 88  88  88  VAL VAL B . n 
B 2 89  PRO 89  89  89  PRO PRO B . n 
B 2 90  HIS 90  90  90  HIS HIS B . n 
B 2 91  GLY 91  91  91  GLY GLY B . n 
B 2 92  THR 92  92  92  THR THR B . n 
B 2 93  ASP 93  93  93  ASP ASP B . n 
B 2 94  CYS 94  94  94  CYS CYS B . n 
B 2 95  GLU 95  95  95  GLU GLU B . n 
B 2 96  CYS 96  96  96  CYS CYS B . n 
B 2 97  SER 97  97  97  SER SER B . n 
B 2 98  ALA 98  98  98  ALA ALA B . n 
B 2 99  VAL 99  99  99  VAL VAL B . n 
B 2 100 PRO 100 100 100 PRO PRO B . n 
B 2 101 LEU 101 101 101 LEU LEU B . n 
B 2 102 GLU 102 102 102 GLU GLU B . n 
B 2 103 GLN 103 103 103 GLN GLN B . n 
B 2 104 HIS 104 104 ?   ?   ?   B . n 
B 2 105 HIS 105 105 ?   ?   ?   B . n 
B 2 106 SER 106 106 ?   ?   ?   B . n 
# 
loop_
_software.citation_id 
_software.classification 
_software.compiler_name 
_software.compiler_version 
_software.contact_author 
_software.contact_author_email 
_software.date 
_software.description 
_software.dependencies 
_software.hardware 
_software.language 
_software.location 
_software.mods 
_software.name 
_software.os 
_software.os_version 
_software.type 
_software.version 
_software.pdbx_ordinal 
? refinement       ? ? ? ? ? ? ? ? ? ? ? PHENIX    ? ? ? 1.20rc3_4406 1 
? 'data reduction' ? ? ? ? ? ? ? ? ? ? ? XDS       ? ? ? 2019-04-17   2 
? 'data scaling'   ? ? ? ? ? ? ? ? ? ? ? STARANISO ? ? ? .            3 
# 
_cell.angle_alpha                  90.000 
_cell.angle_alpha_esd              ? 
_cell.angle_beta                   90.000 
_cell.angle_beta_esd               ? 
_cell.angle_gamma                  120.000 
_cell.angle_gamma_esd              ? 
_cell.entry_id                     8ENF 
_cell.details                      ? 
_cell.formula_units_Z              ? 
_cell.length_a                     89.733 
_cell.length_a_esd                 ? 
_cell.length_b                     89.733 
_cell.length_b_esd                 ? 
_cell.length_c                     99.655 
_cell.length_c_esd                 ? 
_cell.volume                       694918.863 
_cell.volume_esd                   ? 
_cell.Z_PDB                        6 
_cell.reciprocal_angle_alpha       ? 
_cell.reciprocal_angle_beta        ? 
_cell.reciprocal_angle_gamma       ? 
_cell.reciprocal_angle_alpha_esd   ? 
_cell.reciprocal_angle_beta_esd    ? 
_cell.reciprocal_angle_gamma_esd   ? 
_cell.reciprocal_length_a          ? 
_cell.reciprocal_length_b          ? 
_cell.reciprocal_length_c          ? 
_cell.reciprocal_length_a_esd      ? 
_cell.reciprocal_length_b_esd      ? 
_cell.reciprocal_length_c_esd      ? 
_cell.pdbx_unique_axis             ? 
_cell.pdbx_esd_method              ? 
# 
_symmetry.entry_id                         8ENF 
_symmetry.cell_setting                     ? 
_symmetry.Int_Tables_number                154 
_symmetry.space_group_name_Hall            
;P 32 2"
;
_symmetry.space_group_name_H-M             'P 32 2 1' 
_symmetry.pdbx_full_space_group_name_H-M   ? 
# 
_exptl.absorpt_coefficient_mu     ? 
_exptl.absorpt_correction_T_max   ? 
_exptl.absorpt_correction_T_min   ? 
_exptl.absorpt_correction_type    ? 
_exptl.absorpt_process_details    ? 
_exptl.entry_id                   8ENF 
_exptl.crystals_number            1 
_exptl.details                    ? 
_exptl.method                     'X-RAY DIFFRACTION' 
_exptl.method_details             ? 
# 
_exptl_crystal.colour                       ? 
_exptl_crystal.density_diffrn               ? 
_exptl_crystal.density_Matthews             5.23 
_exptl_crystal.density_method               ? 
_exptl_crystal.density_percent_sol          76.47 
_exptl_crystal.description                  ? 
_exptl_crystal.F_000                        ? 
_exptl_crystal.id                           1 
_exptl_crystal.preparation                  ? 
_exptl_crystal.size_max                     ? 
_exptl_crystal.size_mid                     ? 
_exptl_crystal.size_min                     ? 
_exptl_crystal.size_rad                     ? 
_exptl_crystal.colour_lustre                ? 
_exptl_crystal.colour_modifier              ? 
_exptl_crystal.colour_primary               ? 
_exptl_crystal.density_meas                 ? 
_exptl_crystal.density_meas_esd             ? 
_exptl_crystal.density_meas_gt              ? 
_exptl_crystal.density_meas_lt              ? 
_exptl_crystal.density_meas_temp            ? 
_exptl_crystal.density_meas_temp_esd        ? 
_exptl_crystal.density_meas_temp_gt         ? 
_exptl_crystal.density_meas_temp_lt         ? 
_exptl_crystal.pdbx_crystal_image_url       ? 
_exptl_crystal.pdbx_crystal_image_format    ? 
_exptl_crystal.pdbx_mosaicity               ? 
_exptl_crystal.pdbx_mosaicity_esd           ? 
_exptl_crystal.pdbx_mosaic_method           ? 
_exptl_crystal.pdbx_mosaic_block_size       ? 
_exptl_crystal.pdbx_mosaic_block_size_esd   ? 
# 
_exptl_crystal_grow.apparatus       ? 
_exptl_crystal_grow.atmosphere      ? 
_exptl_crystal_grow.crystal_id      1 
_exptl_crystal_grow.details         ? 
_exptl_crystal_grow.method          'VAPOR DIFFUSION, HANGING DROP' 
_exptl_crystal_grow.method_ref      ? 
_exptl_crystal_grow.pH              ? 
_exptl_crystal_grow.pressure        ? 
_exptl_crystal_grow.pressure_esd    ? 
_exptl_crystal_grow.seeding         ? 
_exptl_crystal_grow.seeding_ref     ? 
_exptl_crystal_grow.temp_details    ? 
_exptl_crystal_grow.temp_esd        ? 
_exptl_crystal_grow.time            ? 
_exptl_crystal_grow.pdbx_details    '0.2 M magnesium chloride, 0.1 M MES, pH 6.0, 50% w/v PEG200' 
_exptl_crystal_grow.pdbx_pH_range   ? 
_exptl_crystal_grow.temp            293 
# 
_diffrn.ambient_environment              ? 
_diffrn.ambient_temp                     100 
_diffrn.ambient_temp_details             ? 
_diffrn.ambient_temp_esd                 ? 
_diffrn.crystal_id                       1 
_diffrn.crystal_support                  ? 
_diffrn.crystal_treatment                ? 
_diffrn.details                          ? 
_diffrn.id                               1 
_diffrn.ambient_pressure                 ? 
_diffrn.ambient_pressure_esd             ? 
_diffrn.ambient_pressure_gt              ? 
_diffrn.ambient_pressure_lt              ? 
_diffrn.ambient_temp_gt                  ? 
_diffrn.ambient_temp_lt                  ? 
_diffrn.pdbx_serial_crystal_experiment   N 
# 
_diffrn_detector.details                      ? 
_diffrn_detector.detector                     CCD 
_diffrn_detector.diffrn_id                    1 
_diffrn_detector.type                         'ADSC QUANTUM 315' 
_diffrn_detector.area_resol_mean              ? 
_diffrn_detector.dtime                        ? 
_diffrn_detector.pdbx_frames_total            ? 
_diffrn_detector.pdbx_collection_time_total   ? 
_diffrn_detector.pdbx_collection_date         2019-10-24 
_diffrn_detector.pdbx_frequency               ? 
_diffrn_detector.id                           ? 
_diffrn_detector.number_of_axes               ? 
# 
_diffrn_radiation.collimation                      ? 
_diffrn_radiation.diffrn_id                        1 
_diffrn_radiation.filter_edge                      ? 
_diffrn_radiation.inhomogeneity                    ? 
_diffrn_radiation.monochromator                    ? 
_diffrn_radiation.polarisn_norm                    ? 
_diffrn_radiation.polarisn_ratio                   ? 
_diffrn_radiation.probe                            ? 
_diffrn_radiation.type                             ? 
_diffrn_radiation.xray_symbol                      ? 
_diffrn_radiation.wavelength_id                    1 
_diffrn_radiation.pdbx_monochromatic_or_laue_m_l   M 
_diffrn_radiation.pdbx_wavelength_list             ? 
_diffrn_radiation.pdbx_wavelength                  ? 
_diffrn_radiation.pdbx_diffrn_protocol             'SINGLE WAVELENGTH' 
_diffrn_radiation.pdbx_analyzer                    ? 
_diffrn_radiation.pdbx_scattering_type             x-ray 
# 
_diffrn_radiation_wavelength.id           1 
_diffrn_radiation_wavelength.wavelength   0.9792 
_diffrn_radiation_wavelength.wt           1.0 
# 
_diffrn_source.current                     ? 
_diffrn_source.details                     ? 
_diffrn_source.diffrn_id                   1 
_diffrn_source.power                       ? 
_diffrn_source.size                        ? 
_diffrn_source.source                      SYNCHROTRON 
_diffrn_source.target                      ? 
_diffrn_source.type                        'APS BEAMLINE 24-ID-E' 
_diffrn_source.voltage                     ? 
_diffrn_source.take-off_angle              ? 
_diffrn_source.pdbx_wavelength_list        0.9792 
_diffrn_source.pdbx_wavelength             ? 
_diffrn_source.pdbx_synchrotron_beamline   24-ID-E 
_diffrn_source.pdbx_synchrotron_site       APS 
# 
_reflns.B_iso_Wilson_estimate                          165.38 
_reflns.entry_id                                       8ENF 
_reflns.data_reduction_details                         ? 
_reflns.data_reduction_method                          ? 
_reflns.d_resolution_high                              3.29 
_reflns.d_resolution_low                               44.87 
_reflns.details                                        ? 
_reflns.limit_h_max                                    ? 
_reflns.limit_h_min                                    ? 
_reflns.limit_k_max                                    ? 
_reflns.limit_k_min                                    ? 
_reflns.limit_l_max                                    ? 
_reflns.limit_l_min                                    ? 
_reflns.number_all                                     ? 
_reflns.number_obs                                     6059 
_reflns.observed_criterion                             ? 
_reflns.observed_criterion_F_max                       ? 
_reflns.observed_criterion_F_min                       ? 
_reflns.observed_criterion_I_max                       ? 
_reflns.observed_criterion_I_min                       ? 
_reflns.observed_criterion_sigma_F                     ? 
_reflns.observed_criterion_sigma_I                     ? 
_reflns.percent_possible_obs                           93.2 
_reflns.R_free_details                                 ? 
_reflns.Rmerge_F_all                                   ? 
_reflns.Rmerge_F_obs                                   ? 
_reflns.Friedel_coverage                               ? 
_reflns.number_gt                                      ? 
_reflns.threshold_expression                           ? 
_reflns.pdbx_redundancy                                19.7 
_reflns.pdbx_netI_over_av_sigmaI                       ? 
_reflns.pdbx_netI_over_sigmaI                          14.1 
_reflns.pdbx_res_netI_over_av_sigmaI_2                 ? 
_reflns.pdbx_res_netI_over_sigmaI_2                    ? 
_reflns.pdbx_chi_squared                               ? 
_reflns.pdbx_scaling_rejects                           ? 
_reflns.pdbx_d_res_high_opt                            ? 
_reflns.pdbx_d_res_low_opt                             ? 
_reflns.pdbx_d_res_opt_method                          ? 
_reflns.phase_calculation_details                      ? 
_reflns.pdbx_Rrim_I_all                                ? 
_reflns.pdbx_Rpim_I_all                                ? 
_reflns.pdbx_d_opt                                     ? 
_reflns.pdbx_number_measured_all                       ? 
_reflns.pdbx_diffrn_id                                 1 
_reflns.pdbx_ordinal                                   1 
_reflns.pdbx_CC_half                                   0.999 
_reflns.pdbx_CC_star                                   ? 
_reflns.pdbx_R_split                                   ? 
_reflns.pdbx_Rmerge_I_obs                              0.112 
_reflns.pdbx_Rmerge_I_all                              ? 
_reflns.pdbx_Rsym_value                                ? 
_reflns.pdbx_CC_split_method                           ? 
_reflns.pdbx_aniso_diffraction_limit_axis_1_ortho[1]   ? 
_reflns.pdbx_aniso_diffraction_limit_axis_1_ortho[2]   ? 
_reflns.pdbx_aniso_diffraction_limit_axis_1_ortho[3]   ? 
_reflns.pdbx_aniso_diffraction_limit_axis_2_ortho[1]   ? 
_reflns.pdbx_aniso_diffraction_limit_axis_2_ortho[2]   ? 
_reflns.pdbx_aniso_diffraction_limit_axis_2_ortho[3]   ? 
_reflns.pdbx_aniso_diffraction_limit_axis_3_ortho[1]   ? 
_reflns.pdbx_aniso_diffraction_limit_axis_3_ortho[2]   ? 
_reflns.pdbx_aniso_diffraction_limit_axis_3_ortho[3]   ? 
_reflns.pdbx_aniso_diffraction_limit_1                 ? 
_reflns.pdbx_aniso_diffraction_limit_2                 ? 
_reflns.pdbx_aniso_diffraction_limit_3                 ? 
_reflns.pdbx_aniso_B_tensor_eigenvector_1_ortho[1]     ? 
_reflns.pdbx_aniso_B_tensor_eigenvector_1_ortho[2]     ? 
_reflns.pdbx_aniso_B_tensor_eigenvector_1_ortho[3]     ? 
_reflns.pdbx_aniso_B_tensor_eigenvector_2_ortho[1]     ? 
_reflns.pdbx_aniso_B_tensor_eigenvector_2_ortho[2]     ? 
_reflns.pdbx_aniso_B_tensor_eigenvector_2_ortho[3]     ? 
_reflns.pdbx_aniso_B_tensor_eigenvector_3_ortho[1]     ? 
_reflns.pdbx_aniso_B_tensor_eigenvector_3_ortho[2]     ? 
_reflns.pdbx_aniso_B_tensor_eigenvector_3_ortho[3]     ? 
_reflns.pdbx_aniso_B_tensor_eigenvalue_1               ? 
_reflns.pdbx_aniso_B_tensor_eigenvalue_2               ? 
_reflns.pdbx_aniso_B_tensor_eigenvalue_3               ? 
_reflns.pdbx_orthogonalization_convention              ? 
_reflns.pdbx_percent_possible_ellipsoidal              ? 
_reflns.pdbx_percent_possible_spherical                ? 
_reflns.pdbx_percent_possible_ellipsoidal_anomalous    ? 
_reflns.pdbx_percent_possible_spherical_anomalous      ? 
_reflns.pdbx_redundancy_anomalous                      ? 
_reflns.pdbx_CC_half_anomalous                         ? 
_reflns.pdbx_absDiff_over_sigma_anomalous              ? 
_reflns.pdbx_percent_possible_anomalous                ? 
_reflns.pdbx_observed_signal_threshold                 ? 
_reflns.pdbx_signal_type                               ? 
_reflns.pdbx_signal_details                            ? 
_reflns.pdbx_signal_software_id                        ? 
# 
_reflns_shell.d_res_high                                    3.29 
_reflns_shell.d_res_low                                     3.57 
_reflns_shell.meanI_over_sigI_all                           ? 
_reflns_shell.meanI_over_sigI_obs                           ? 
_reflns_shell.number_measured_all                           ? 
_reflns_shell.number_measured_obs                           ? 
_reflns_shell.number_possible                               ? 
_reflns_shell.number_unique_all                             ? 
_reflns_shell.number_unique_obs                             404 
_reflns_shell.percent_possible_obs                          ? 
_reflns_shell.Rmerge_F_all                                  ? 
_reflns_shell.Rmerge_F_obs                                  ? 
_reflns_shell.meanI_over_sigI_gt                            ? 
_reflns_shell.meanI_over_uI_all                             ? 
_reflns_shell.meanI_over_uI_gt                              ? 
_reflns_shell.number_measured_gt                            ? 
_reflns_shell.number_unique_gt                              ? 
_reflns_shell.percent_possible_gt                           ? 
_reflns_shell.Rmerge_F_gt                                   ? 
_reflns_shell.Rmerge_I_gt                                   ? 
_reflns_shell.pdbx_redundancy                               ? 
_reflns_shell.pdbx_chi_squared                              ? 
_reflns_shell.pdbx_netI_over_sigmaI_all                     ? 
_reflns_shell.pdbx_netI_over_sigmaI_obs                     ? 
_reflns_shell.pdbx_Rrim_I_all                               ? 
_reflns_shell.pdbx_Rpim_I_all                               ? 
_reflns_shell.pdbx_rejects                                  ? 
_reflns_shell.pdbx_ordinal                                  1 
_reflns_shell.pdbx_diffrn_id                                1 
_reflns_shell.pdbx_CC_half                                  0.389 
_reflns_shell.pdbx_CC_star                                  ? 
_reflns_shell.pdbx_R_split                                  ? 
_reflns_shell.percent_possible_all                          ? 
_reflns_shell.Rmerge_I_all                                  ? 
_reflns_shell.Rmerge_I_obs                                  ? 
_reflns_shell.pdbx_Rsym_value                               ? 
_reflns_shell.pdbx_percent_possible_ellipsoidal             ? 
_reflns_shell.pdbx_percent_possible_spherical               ? 
_reflns_shell.pdbx_percent_possible_ellipsoidal_anomalous   ? 
_reflns_shell.pdbx_percent_possible_spherical_anomalous     ? 
_reflns_shell.pdbx_redundancy_anomalous                     ? 
_reflns_shell.pdbx_CC_half_anomalous                        ? 
_reflns_shell.pdbx_absDiff_over_sigma_anomalous             ? 
_reflns_shell.pdbx_percent_possible_anomalous               ? 
# 
_refine.aniso_B[1][1]                            ? 
_refine.aniso_B[1][2]                            ? 
_refine.aniso_B[1][3]                            ? 
_refine.aniso_B[2][2]                            ? 
_refine.aniso_B[2][3]                            ? 
_refine.aniso_B[3][3]                            ? 
_refine.B_iso_max                                ? 
_refine.B_iso_mean                               158.84 
_refine.B_iso_min                                ? 
_refine.correlation_coeff_Fo_to_Fc               ? 
_refine.correlation_coeff_Fo_to_Fc_free          ? 
_refine.details                                  ? 
_refine.diff_density_max                         ? 
_refine.diff_density_max_esd                     ? 
_refine.diff_density_min                         ? 
_refine.diff_density_min_esd                     ? 
_refine.diff_density_rms                         ? 
_refine.diff_density_rms_esd                     ? 
_refine.entry_id                                 8ENF 
_refine.pdbx_refine_id                           'X-RAY DIFFRACTION' 
_refine.ls_abs_structure_details                 ? 
_refine.ls_abs_structure_Flack                   ? 
_refine.ls_abs_structure_Flack_esd               ? 
_refine.ls_abs_structure_Rogers                  ? 
_refine.ls_abs_structure_Rogers_esd              ? 
_refine.ls_d_res_high                            3.29 
_refine.ls_d_res_low                             44.87 
_refine.ls_extinction_coef                       ? 
_refine.ls_extinction_coef_esd                   ? 
_refine.ls_extinction_expression                 ? 
_refine.ls_extinction_method                     ? 
_refine.ls_goodness_of_fit_all                   ? 
_refine.ls_goodness_of_fit_all_esd               ? 
_refine.ls_goodness_of_fit_obs                   ? 
_refine.ls_goodness_of_fit_obs_esd               ? 
_refine.ls_hydrogen_treatment                    ? 
_refine.ls_matrix_type                           ? 
_refine.ls_number_constraints                    ? 
_refine.ls_number_parameters                     ? 
_refine.ls_number_reflns_all                     ? 
_refine.ls_number_reflns_obs                     6058 
_refine.ls_number_reflns_R_free                  600 
_refine.ls_number_reflns_R_work                  5458 
_refine.ls_number_restraints                     ? 
_refine.ls_percent_reflns_obs                    82.56 
_refine.ls_percent_reflns_R_free                 9.90 
_refine.ls_R_factor_all                          ? 
_refine.ls_R_factor_obs                          0.3056 
_refine.ls_R_factor_R_free                       0.3443 
_refine.ls_R_factor_R_free_error                 ? 
_refine.ls_R_factor_R_free_error_details         ? 
_refine.ls_R_factor_R_work                       0.3016 
_refine.ls_R_Fsqd_factor_obs                     ? 
_refine.ls_R_I_factor_obs                        ? 
_refine.ls_redundancy_reflns_all                 ? 
_refine.ls_redundancy_reflns_obs                 ? 
_refine.ls_restrained_S_all                      ? 
_refine.ls_restrained_S_obs                      ? 
_refine.ls_shift_over_esd_max                    ? 
_refine.ls_shift_over_esd_mean                   ? 
_refine.ls_structure_factor_coef                 ? 
_refine.ls_weighting_details                     ? 
_refine.ls_weighting_scheme                      ? 
_refine.ls_wR_factor_all                         ? 
_refine.ls_wR_factor_obs                         ? 
_refine.ls_wR_factor_R_free                      ? 
_refine.ls_wR_factor_R_work                      ? 
_refine.occupancy_max                            ? 
_refine.occupancy_min                            ? 
_refine.solvent_model_details                    'FLAT BULK SOLVENT MODEL' 
_refine.solvent_model_param_bsol                 ? 
_refine.solvent_model_param_ksol                 ? 
_refine.pdbx_R_complete                          ? 
_refine.ls_R_factor_gt                           ? 
_refine.ls_goodness_of_fit_gt                    ? 
_refine.ls_goodness_of_fit_ref                   ? 
_refine.ls_shift_over_su_max                     ? 
_refine.ls_shift_over_su_max_lt                  ? 
_refine.ls_shift_over_su_mean                    ? 
_refine.ls_shift_over_su_mean_lt                 ? 
_refine.pdbx_ls_sigma_I                          ? 
_refine.pdbx_ls_sigma_F                          1.34 
_refine.pdbx_ls_sigma_Fsqd                       ? 
_refine.pdbx_data_cutoff_high_absF               ? 
_refine.pdbx_data_cutoff_high_rms_absF           ? 
_refine.pdbx_data_cutoff_low_absF                ? 
_refine.pdbx_isotropic_thermal_model             ? 
_refine.pdbx_ls_cross_valid_method               'FREE R-VALUE' 
_refine.pdbx_method_to_determine_struct          'MOLECULAR REPLACEMENT' 
_refine.pdbx_starting_model                      'PDB entry 8ENB' 
_refine.pdbx_stereochemistry_target_values       'GeoStd + Monomer Library + CDL v1.2' 
_refine.pdbx_R_Free_selection_details            ? 
_refine.pdbx_stereochem_target_val_spec_case     ? 
_refine.pdbx_overall_ESU_R                       ? 
_refine.pdbx_overall_ESU_R_Free                  ? 
_refine.pdbx_solvent_vdw_probe_radii             1.1100 
_refine.pdbx_solvent_ion_probe_radii             ? 
_refine.pdbx_solvent_shrinkage_radii             0.9000 
_refine.pdbx_real_space_R                        ? 
_refine.pdbx_density_correlation                 ? 
_refine.pdbx_pd_number_of_powder_patterns        ? 
_refine.pdbx_pd_number_of_points                 ? 
_refine.pdbx_pd_meas_number_of_points            ? 
_refine.pdbx_pd_proc_ls_prof_R_factor            ? 
_refine.pdbx_pd_proc_ls_prof_wR_factor           ? 
_refine.pdbx_pd_Marquardt_correlation_coeff      ? 
_refine.pdbx_pd_Fsqrd_R_factor                   ? 
_refine.pdbx_pd_ls_matrix_band_width             ? 
_refine.pdbx_overall_phase_error                 44.9477 
_refine.pdbx_overall_SU_R_free_Cruickshank_DPI   ? 
_refine.pdbx_overall_SU_R_free_Blow_DPI          ? 
_refine.pdbx_overall_SU_R_Blow_DPI               ? 
_refine.pdbx_TLS_residual_ADP_flag               ? 
_refine.pdbx_diffrn_id                           1 
_refine.overall_SU_B                             ? 
_refine.overall_SU_ML                            0.5182 
_refine.overall_SU_R_Cruickshank_DPI             ? 
_refine.overall_SU_R_free                        ? 
_refine.overall_FOM_free_R_set                   ? 
_refine.overall_FOM_work_R_set                   ? 
_refine.pdbx_average_fsc_overall                 ? 
_refine.pdbx_average_fsc_work                    ? 
_refine.pdbx_average_fsc_free                    ? 
# 
_refine_hist.pdbx_refine_id                   'X-RAY DIFFRACTION' 
_refine_hist.cycle_id                         LAST 
_refine_hist.details                          ? 
_refine_hist.d_res_high                       3.29 
_refine_hist.d_res_low                        44.87 
_refine_hist.number_atoms_solvent             0 
_refine_hist.number_atoms_total               1458 
_refine_hist.number_reflns_all                ? 
_refine_hist.number_reflns_obs                ? 
_refine_hist.number_reflns_R_free             ? 
_refine_hist.number_reflns_R_work             ? 
_refine_hist.R_factor_all                     ? 
_refine_hist.R_factor_obs                     ? 
_refine_hist.R_factor_R_free                  ? 
_refine_hist.R_factor_R_work                  ? 
_refine_hist.pdbx_number_residues_total       ? 
_refine_hist.pdbx_B_iso_mean_ligand           ? 
_refine_hist.pdbx_B_iso_mean_solvent          ? 
_refine_hist.pdbx_number_atoms_protein        1458 
_refine_hist.pdbx_number_atoms_nucleic_acid   0 
_refine_hist.pdbx_number_atoms_ligand         0 
_refine_hist.pdbx_number_atoms_lipid          ? 
_refine_hist.pdbx_number_atoms_carb           ? 
_refine_hist.pdbx_pseudo_atom_details         ? 
# 
loop_
_refine_ls_restr.pdbx_refine_id 
_refine_ls_restr.criterion 
_refine_ls_restr.dev_ideal 
_refine_ls_restr.dev_ideal_target 
_refine_ls_restr.number 
_refine_ls_restr.rejects 
_refine_ls_restr.type 
_refine_ls_restr.weight 
_refine_ls_restr.pdbx_restraint_function 
'X-RAY DIFFRACTION' ? 0.0027  ? 1483 ? f_bond_d           ? ? 
'X-RAY DIFFRACTION' ? 0.6217  ? 1996 ? f_angle_d          ? ? 
'X-RAY DIFFRACTION' ? 0.0448  ? 222  ? f_chiral_restr     ? ? 
'X-RAY DIFFRACTION' ? 0.0058  ? 262  ? f_plane_restr      ? ? 
'X-RAY DIFFRACTION' ? 18.2586 ? 567  ? f_dihedral_angle_d ? ? 
# 
loop_
_refine_ls_shell.pdbx_refine_id 
_refine_ls_shell.d_res_high 
_refine_ls_shell.d_res_low 
_refine_ls_shell.number_reflns_all 
_refine_ls_shell.number_reflns_obs 
_refine_ls_shell.number_reflns_R_free 
_refine_ls_shell.number_reflns_R_work 
_refine_ls_shell.percent_reflns_obs 
_refine_ls_shell.percent_reflns_R_free 
_refine_ls_shell.R_factor_all 
_refine_ls_shell.R_factor_obs 
_refine_ls_shell.R_factor_R_free_error 
_refine_ls_shell.R_factor_R_work 
_refine_ls_shell.redundancy_reflns_all 
_refine_ls_shell.redundancy_reflns_obs 
_refine_ls_shell.wR_factor_all 
_refine_ls_shell.wR_factor_obs 
_refine_ls_shell.wR_factor_R_free 
_refine_ls_shell.wR_factor_R_work 
_refine_ls_shell.pdbx_R_complete 
_refine_ls_shell.pdbx_total_number_of_bins_used 
_refine_ls_shell.pdbx_phase_error 
_refine_ls_shell.pdbx_fsc_work 
_refine_ls_shell.pdbx_fsc_free 
_refine_ls_shell.R_factor_R_free 
'X-RAY DIFFRACTION' 3.29 3.63  . . 54  518  31.67  . . . . 0.4324 . . . . . . . . . . . 0.4318 
'X-RAY DIFFRACTION' 3.63 4.15  . . 175 1572 97.49  . . . . 0.3345 . . . . . . . . . . . 0.3551 
'X-RAY DIFFRACTION' 4.15 5.22  . . 182 1639 100.00 . . . . 0.3554 . . . . . . . . . . . 0.3533 
'X-RAY DIFFRACTION' 5.23 44.87 . . 189 1729 99.95  . . . . 0.2693 . . . . . . . . . . . 0.3358 
# 
_struct.entry_id                     8ENF 
_struct.title                        'Crystal structure of LGR ligand alpha2/beta5 from C. elegans in crystal form 1 (native)' 
_struct.pdbx_model_details           ? 
_struct.pdbx_formula_weight          ? 
_struct.pdbx_formula_weight_method   ? 
_struct.pdbx_model_type_details      ? 
_struct.pdbx_CASP_flag               N 
# 
_struct_keywords.entry_id        8ENF 
_struct_keywords.text            
;cystine-knot hormone (CKH), leucine-rich repeat-containing G protein-coupled receptor (LGR), evolution, glycoprotein hormone (GPH), thyrostimulin, STRUCTURAL PROTEIN
;
_struct_keywords.pdbx_keywords   'STRUCTURAL PROTEIN' 
# 
loop_
_struct_asym.id 
_struct_asym.pdbx_blank_PDB_chainid_flag 
_struct_asym.pdbx_modified 
_struct_asym.entity_id 
_struct_asym.details 
A N N 1 ? 
B N N 2 ? 
# 
loop_
_struct_ref.id 
_struct_ref.db_name 
_struct_ref.db_code 
_struct_ref.pdbx_db_accession 
_struct_ref.pdbx_db_isoform 
_struct_ref.entity_id 
_struct_ref.pdbx_seq_one_letter_code 
_struct_ref.pdbx_align_begin 
1 UNP A0T3A2_CAEEL A0T3A2 ? 1 
;GVTKNNSCKKVGVEELINEKGCDLMIIRINRCRGHCFSFTFPNPLTKKYSVHAKCCRMVEWEMLETELKCSKGNRNLRIP
SATQCECFDCLV
;
29 
2 UNP A7DT38_CAEEL A7DT38 ? 2 
;GKECEFAMRLVPGFNPLRQVDANGKECRGNVELPFCKGYCKTSESGTHGFPPRVQNSKVCTLVTTSTRKVVLDDCDDGAD
ESVKFVMVPHGTDCECSAVPLEQHHS
;
20 
# 
loop_
_struct_ref_seq.align_id 
_struct_ref_seq.ref_id 
_struct_ref_seq.pdbx_PDB_id_code 
_struct_ref_seq.pdbx_strand_id 
_struct_ref_seq.seq_align_beg 
_struct_ref_seq.pdbx_seq_align_beg_ins_code 
_struct_ref_seq.seq_align_end 
_struct_ref_seq.pdbx_seq_align_end_ins_code 
_struct_ref_seq.pdbx_db_accession 
_struct_ref_seq.db_align_beg 
_struct_ref_seq.pdbx_db_align_beg_ins_code 
_struct_ref_seq.db_align_end 
_struct_ref_seq.pdbx_db_align_end_ins_code 
_struct_ref_seq.pdbx_auth_seq_align_beg 
_struct_ref_seq.pdbx_auth_seq_align_end 
1 1 8ENF A 1 ? 92  ? A0T3A2 29 ? 120 ? 1 92  
2 2 8ENF B 1 ? 106 ? A7DT38 20 ? 125 ? 1 106 
# 
_pdbx_struct_assembly.id                   1 
_pdbx_struct_assembly.details              author_and_software_defined_assembly 
_pdbx_struct_assembly.method_details       PISA 
_pdbx_struct_assembly.oligomeric_details   dimeric 
_pdbx_struct_assembly.oligomeric_count     2 
# 
loop_
_pdbx_struct_assembly_prop.biol_id 
_pdbx_struct_assembly_prop.type 
_pdbx_struct_assembly_prop.value 
_pdbx_struct_assembly_prop.details 
1 'ABSA (A^2)' 2980  ? 
1 MORE         -21   ? 
1 'SSA (A^2)'  11110 ? 
# 
_pdbx_struct_assembly_gen.assembly_id       1 
_pdbx_struct_assembly_gen.oper_expression   1 
_pdbx_struct_assembly_gen.asym_id_list      A,B 
# 
_pdbx_struct_assembly_auth_evidence.id                     1 
_pdbx_struct_assembly_auth_evidence.assembly_id            1 
_pdbx_struct_assembly_auth_evidence.experimental_support   'gel filtration' 
_pdbx_struct_assembly_auth_evidence.details                ? 
# 
_pdbx_struct_oper_list.id                   1 
_pdbx_struct_oper_list.type                 'identity operation' 
_pdbx_struct_oper_list.name                 1_555 
_pdbx_struct_oper_list.symmetry_operation   x,y,z 
_pdbx_struct_oper_list.matrix[1][1]         1.0000000000 
_pdbx_struct_oper_list.matrix[1][2]         0.0000000000 
_pdbx_struct_oper_list.matrix[1][3]         0.0000000000 
_pdbx_struct_oper_list.vector[1]            0.0000000000 
_pdbx_struct_oper_list.matrix[2][1]         0.0000000000 
_pdbx_struct_oper_list.matrix[2][2]         1.0000000000 
_pdbx_struct_oper_list.matrix[2][3]         0.0000000000 
_pdbx_struct_oper_list.vector[2]            0.0000000000 
_pdbx_struct_oper_list.matrix[3][1]         0.0000000000 
_pdbx_struct_oper_list.matrix[3][2]         0.0000000000 
_pdbx_struct_oper_list.matrix[3][3]         1.0000000000 
_pdbx_struct_oper_list.vector[3]            0.0000000000 
# 
loop_
_struct_conf.conf_type_id 
_struct_conf.id 
_struct_conf.pdbx_PDB_helix_id 
_struct_conf.beg_label_comp_id 
_struct_conf.beg_label_asym_id 
_struct_conf.beg_label_seq_id 
_struct_conf.pdbx_beg_PDB_ins_code 
_struct_conf.end_label_comp_id 
_struct_conf.end_label_asym_id 
_struct_conf.end_label_seq_id 
_struct_conf.pdbx_end_PDB_ins_code 
_struct_conf.beg_auth_comp_id 
_struct_conf.beg_auth_asym_id 
_struct_conf.beg_auth_seq_id 
_struct_conf.end_auth_comp_id 
_struct_conf.end_auth_asym_id 
_struct_conf.end_auth_seq_id 
_struct_conf.pdbx_PDB_helix_class 
_struct_conf.details 
_struct_conf.pdbx_PDB_helix_length 
HELX_P HELX_P1 AA1 VAL B 11 ? ASN B 15  ? VAL B 11 ASN B 15  5 ? 5 
HELX_P HELX_P2 AA2 ALA B 22 ? GLY B 24  ? ALA B 22 GLY B 24  5 ? 3 
HELX_P HELX_P3 AA3 ASP B 80 ? VAL B 83  ? ASP B 80 VAL B 83  5 ? 4 
HELX_P HELX_P4 AA4 ALA B 98 ? GLN B 103 ? ALA B 98 GLN B 103 1 ? 6 
# 
_struct_conf_type.id          HELX_P 
_struct_conf_type.criteria    ? 
_struct_conf_type.reference   ? 
# 
loop_
_struct_conn.id 
_struct_conn.conn_type_id 
_struct_conn.pdbx_leaving_atom_flag 
_struct_conn.pdbx_PDB_id 
_struct_conn.ptnr1_label_asym_id 
_struct_conn.ptnr1_label_comp_id 
_struct_conn.ptnr1_label_seq_id 
_struct_conn.ptnr1_label_atom_id 
_struct_conn.pdbx_ptnr1_label_alt_id 
_struct_conn.pdbx_ptnr1_PDB_ins_code 
_struct_conn.pdbx_ptnr1_standard_comp_id 
_struct_conn.ptnr1_symmetry 
_struct_conn.ptnr2_label_asym_id 
_struct_conn.ptnr2_label_comp_id 
_struct_conn.ptnr2_label_seq_id 
_struct_conn.ptnr2_label_atom_id 
_struct_conn.pdbx_ptnr2_label_alt_id 
_struct_conn.pdbx_ptnr2_PDB_ins_code 
_struct_conn.ptnr1_auth_asym_id 
_struct_conn.ptnr1_auth_comp_id 
_struct_conn.ptnr1_auth_seq_id 
_struct_conn.ptnr2_auth_asym_id 
_struct_conn.ptnr2_auth_comp_id 
_struct_conn.ptnr2_auth_seq_id 
_struct_conn.ptnr2_symmetry 
_struct_conn.pdbx_ptnr3_label_atom_id 
_struct_conn.pdbx_ptnr3_label_seq_id 
_struct_conn.pdbx_ptnr3_label_comp_id 
_struct_conn.pdbx_ptnr3_label_asym_id 
_struct_conn.pdbx_ptnr3_label_alt_id 
_struct_conn.pdbx_ptnr3_PDB_ins_code 
_struct_conn.details 
_struct_conn.pdbx_dist_value 
_struct_conn.pdbx_value_order 
_struct_conn.pdbx_role 
disulf1 disulf ? ? A CYS 8  SG ? ? ? 1_555 A CYS 56 SG ? ? A CYS 8  A CYS 56 1_555 ? ? ? ? ? ? ? 2.030 ? ? 
disulf2 disulf ? ? A CYS 22 SG ? ? ? 1_555 A CYS 70 SG ? ? A CYS 22 A CYS 70 1_555 ? ? ? ? ? ? ? 2.033 ? ? 
disulf3 disulf ? ? A CYS 32 SG ? ? ? 1_555 A CYS 85 SG ? ? A CYS 32 A CYS 85 1_555 ? ? ? ? ? ? ? 2.031 ? ? 
disulf4 disulf ? ? A CYS 36 SG ? ? ? 1_555 A CYS 87 SG ? ? A CYS 36 A CYS 87 1_555 ? ? ? ? ? ? ? 2.032 ? ? 
disulf5 disulf ? ? A CYS 55 SG ? ? ? 1_555 A CYS 90 SG ? ? A CYS 55 A CYS 90 1_555 ? ? ? ? ? ? ? 2.029 ? ? 
disulf6 disulf ? ? B CYS 4  SG ? ? ? 1_555 B CYS 60 SG ? ? B CYS 4  B CYS 60 1_555 ? ? ? ? ? ? ? 2.034 ? ? 
disulf7 disulf ? ? B CYS 27 SG ? ? ? 1_555 B CYS 75 SG ? ? B CYS 27 B CYS 75 1_555 ? ? ? ? ? ? ? 2.030 ? ? 
disulf8 disulf ? ? B CYS 36 SG ? ? ? 1_555 B CYS 94 SG ? ? B CYS 36 B CYS 94 1_555 ? ? ? ? ? ? ? 2.029 ? ? 
disulf9 disulf ? ? B CYS 40 SG ? ? ? 1_555 B CYS 96 SG ? ? B CYS 40 B CYS 96 1_555 ? ? ? ? ? ? ? 2.033 ? ? 
# 
_struct_conn_type.id          disulf 
_struct_conn_type.criteria    ? 
_struct_conn_type.reference   ? 
# 
loop_
_pdbx_modification_feature.ordinal 
_pdbx_modification_feature.label_comp_id 
_pdbx_modification_feature.label_asym_id 
_pdbx_modification_feature.label_seq_id 
_pdbx_modification_feature.label_alt_id 
_pdbx_modification_feature.modified_residue_label_comp_id 
_pdbx_modification_feature.modified_residue_label_asym_id 
_pdbx_modification_feature.modified_residue_label_seq_id 
_pdbx_modification_feature.modified_residue_label_alt_id 
_pdbx_modification_feature.auth_comp_id 
_pdbx_modification_feature.auth_asym_id 
_pdbx_modification_feature.auth_seq_id 
_pdbx_modification_feature.PDB_ins_code 
_pdbx_modification_feature.symmetry 
_pdbx_modification_feature.modified_residue_auth_comp_id 
_pdbx_modification_feature.modified_residue_auth_asym_id 
_pdbx_modification_feature.modified_residue_auth_seq_id 
_pdbx_modification_feature.modified_residue_PDB_ins_code 
_pdbx_modification_feature.modified_residue_symmetry 
_pdbx_modification_feature.comp_id_linking_atom 
_pdbx_modification_feature.modified_residue_id_linking_atom 
_pdbx_modification_feature.modified_residue_id 
_pdbx_modification_feature.ref_pcm_id 
_pdbx_modification_feature.ref_comp_id 
_pdbx_modification_feature.type 
_pdbx_modification_feature.category 
1 CYS A 8  ? CYS A 56 ? CYS A 8  ? 1_555 CYS A 56 ? 1_555 SG SG . . . None 'Disulfide bridge' 
2 CYS A 22 ? CYS A 70 ? CYS A 22 ? 1_555 CYS A 70 ? 1_555 SG SG . . . None 'Disulfide bridge' 
3 CYS A 32 ? CYS A 85 ? CYS A 32 ? 1_555 CYS A 85 ? 1_555 SG SG . . . None 'Disulfide bridge' 
4 CYS A 36 ? CYS A 87 ? CYS A 36 ? 1_555 CYS A 87 ? 1_555 SG SG . . . None 'Disulfide bridge' 
5 CYS A 55 ? CYS A 90 ? CYS A 55 ? 1_555 CYS A 90 ? 1_555 SG SG . . . None 'Disulfide bridge' 
6 CYS B 4  ? CYS B 60 ? CYS B 4  ? 1_555 CYS B 60 ? 1_555 SG SG . . . None 'Disulfide bridge' 
7 CYS B 27 ? CYS B 75 ? CYS B 27 ? 1_555 CYS B 75 ? 1_555 SG SG . . . None 'Disulfide bridge' 
8 CYS B 36 ? CYS B 94 ? CYS B 36 ? 1_555 CYS B 94 ? 1_555 SG SG . . . None 'Disulfide bridge' 
9 CYS B 40 ? CYS B 96 ? CYS B 40 ? 1_555 CYS B 96 ? 1_555 SG SG . . . None 'Disulfide bridge' 
# 
loop_
_struct_mon_prot_cis.pdbx_id 
_struct_mon_prot_cis.label_comp_id 
_struct_mon_prot_cis.label_seq_id 
_struct_mon_prot_cis.label_asym_id 
_struct_mon_prot_cis.label_alt_id 
_struct_mon_prot_cis.pdbx_PDB_ins_code 
_struct_mon_prot_cis.auth_comp_id 
_struct_mon_prot_cis.auth_seq_id 
_struct_mon_prot_cis.auth_asym_id 
_struct_mon_prot_cis.pdbx_label_comp_id_2 
_struct_mon_prot_cis.pdbx_label_seq_id_2 
_struct_mon_prot_cis.pdbx_label_asym_id_2 
_struct_mon_prot_cis.pdbx_PDB_ins_code_2 
_struct_mon_prot_cis.pdbx_auth_comp_id_2 
_struct_mon_prot_cis.pdbx_auth_seq_id_2 
_struct_mon_prot_cis.pdbx_auth_asym_id_2 
_struct_mon_prot_cis.pdbx_PDB_model_num 
_struct_mon_prot_cis.pdbx_omega_angle 
1 ASN 15 B . ? ASN 15 B PRO 16 B ? PRO 16 B 1 -4.38 
2 PHE 50 B . ? PHE 50 B PRO 51 B ? PRO 51 B 1 -3.86 
# 
loop_
_struct_sheet.id 
_struct_sheet.type 
_struct_sheet.number_strands 
_struct_sheet.details 
AA1 ? 4 ? 
AA2 ? 5 ? 
AA3 ? 3 ? 
AA4 ? 2 ? 
# 
loop_
_struct_sheet_order.sheet_id 
_struct_sheet_order.range_id_1 
_struct_sheet_order.range_id_2 
_struct_sheet_order.offset 
_struct_sheet_order.sense 
AA1 1 2 ? anti-parallel 
AA1 2 3 ? anti-parallel 
AA1 3 4 ? anti-parallel 
AA2 1 2 ? anti-parallel 
AA2 2 3 ? anti-parallel 
AA2 3 4 ? anti-parallel 
AA2 4 5 ? anti-parallel 
AA3 1 2 ? anti-parallel 
AA3 2 3 ? anti-parallel 
AA4 1 2 ? anti-parallel 
# 
loop_
_struct_sheet_range.sheet_id 
_struct_sheet_range.id 
_struct_sheet_range.beg_label_comp_id 
_struct_sheet_range.beg_label_asym_id 
_struct_sheet_range.beg_label_seq_id 
_struct_sheet_range.pdbx_beg_PDB_ins_code 
_struct_sheet_range.end_label_comp_id 
_struct_sheet_range.end_label_asym_id 
_struct_sheet_range.end_label_seq_id 
_struct_sheet_range.pdbx_end_PDB_ins_code 
_struct_sheet_range.beg_auth_comp_id 
_struct_sheet_range.beg_auth_asym_id 
_struct_sheet_range.beg_auth_seq_id 
_struct_sheet_range.end_auth_comp_id 
_struct_sheet_range.end_auth_asym_id 
_struct_sheet_range.end_auth_seq_id 
AA1 1 SER A 7  ? ILE A 17 ? SER A 7  ILE A 17 
AA1 2 MET A 25 ? ASN A 43 ? MET A 25 ASN A 43 
AA1 3 LEU B 33 ? GLY B 46 ? LEU B 33 GLY B 46 
AA1 4 CYS B 4  ? ARG B 9  ? CYS B 4  ARG B 9  
AA2 1 ARG A 75 ? ASP A 89 ? ARG A 75 ASP A 89 
AA2 2 LYS A 48 ? LEU A 68 ? LYS A 48 LEU A 68 
AA2 3 MET A 25 ? ASN A 43 ? MET A 25 ASN A 43 
AA2 4 LEU B 33 ? GLY B 46 ? LEU B 33 GLY B 46 
AA2 5 ARG B 53 ? ASN B 56 ? ARG B 53 ASN B 56 
AA3 1 LEU B 17 ? VAL B 20 ? LEU B 17 VAL B 20 
AA3 2 GLU B 26 ? GLY B 29 ? GLU B 26 GLY B 29 
AA3 3 ASP B 74 ? CYS B 75 ? ASP B 74 CYS B 75 
AA4 1 VAL B 59 ? VAL B 71 ? VAL B 59 VAL B 71 
AA4 2 PHE B 85 ? SER B 97 ? PHE B 85 SER B 97 
# 
loop_
_pdbx_struct_sheet_hbond.sheet_id 
_pdbx_struct_sheet_hbond.range_id_1 
_pdbx_struct_sheet_hbond.range_id_2 
_pdbx_struct_sheet_hbond.range_1_label_atom_id 
_pdbx_struct_sheet_hbond.range_1_label_comp_id 
_pdbx_struct_sheet_hbond.range_1_label_asym_id 
_pdbx_struct_sheet_hbond.range_1_label_seq_id 
_pdbx_struct_sheet_hbond.range_1_PDB_ins_code 
_pdbx_struct_sheet_hbond.range_1_auth_atom_id 
_pdbx_struct_sheet_hbond.range_1_auth_comp_id 
_pdbx_struct_sheet_hbond.range_1_auth_asym_id 
_pdbx_struct_sheet_hbond.range_1_auth_seq_id 
_pdbx_struct_sheet_hbond.range_2_label_atom_id 
_pdbx_struct_sheet_hbond.range_2_label_comp_id 
_pdbx_struct_sheet_hbond.range_2_label_asym_id 
_pdbx_struct_sheet_hbond.range_2_label_seq_id 
_pdbx_struct_sheet_hbond.range_2_PDB_ins_code 
_pdbx_struct_sheet_hbond.range_2_auth_atom_id 
_pdbx_struct_sheet_hbond.range_2_auth_comp_id 
_pdbx_struct_sheet_hbond.range_2_auth_asym_id 
_pdbx_struct_sheet_hbond.range_2_auth_seq_id 
AA1 1 2 N VAL A 11 ? N VAL A 11 O ARG A 31 ? O ARG A 31 
AA1 2 3 N CYS A 32 ? N CYS A 32 O GLU B 44 ? O GLU B 44 
AA1 3 4 O LEU B 33 ? O LEU B 33 N ARG B 9  ? N ARG B 9  
AA2 1 2 O GLU A 86 ? O GLU A 86 N ARG A 57 ? N ARG A 57 
AA2 2 3 O SER A 50 ? O SER A 50 N PHE A 41 ? N PHE A 41 
AA2 3 4 N CYS A 32 ? N CYS A 32 O GLU B 44 ? O GLU B 44 
AA2 4 5 N SER B 43 ? N SER B 43 O ASN B 56 ? O ASN B 56 
AA3 1 2 N GLN B 19 ? N GLN B 19 O CYS B 27 ? O CYS B 27 
AA3 2 3 N ARG B 28 ? N ARG B 28 O ASP B 74 ? O ASP B 74 
AA4 1 2 N THR B 61 ? N THR B 61 O GLU B 95 ? O GLU B 95 
# 
_pdbx_entry_details.entry_id                   8ENF 
_pdbx_entry_details.compound_details           ? 
_pdbx_entry_details.source_details             ? 
_pdbx_entry_details.nonpolymer_details         ? 
_pdbx_entry_details.sequence_details           ? 
_pdbx_entry_details.has_ligand_of_interest     ? 
_pdbx_entry_details.has_protein_modification   Y 
# 
loop_
_space_group_symop.id 
_space_group_symop.operation_xyz 
1 x,y,z          
2 -y,x-y,z+2/3   
3 -x+y,-x,z+1/3  
4 x-y,-y,-z+1/3  
5 -x,-x+y,-z+2/3 
6 y,x,-z         
# 
loop_
_pdbx_unobs_or_zero_occ_residues.id 
_pdbx_unobs_or_zero_occ_residues.PDB_model_num 
_pdbx_unobs_or_zero_occ_residues.polymer_flag 
_pdbx_unobs_or_zero_occ_residues.occupancy_flag 
_pdbx_unobs_or_zero_occ_residues.auth_asym_id 
_pdbx_unobs_or_zero_occ_residues.auth_comp_id 
_pdbx_unobs_or_zero_occ_residues.auth_seq_id 
_pdbx_unobs_or_zero_occ_residues.PDB_ins_code 
_pdbx_unobs_or_zero_occ_residues.label_asym_id 
_pdbx_unobs_or_zero_occ_residues.label_comp_id 
_pdbx_unobs_or_zero_occ_residues.label_seq_id 
1  1 Y 1 A GLY 1   ? A GLY 1   
2  1 Y 1 A VAL 2   ? A VAL 2   
3  1 Y 1 A THR 3   ? A THR 3   
4  1 Y 1 A LYS 4   ? A LYS 4   
5  1 Y 1 A ASN 5   ? A ASN 5   
6  1 Y 1 B GLY 1   ? B GLY 1   
7  1 Y 1 B LYS 2   ? B LYS 2   
8  1 Y 1 B HIS 104 ? B HIS 104 
9  1 Y 1 B HIS 105 ? B HIS 105 
10 1 Y 1 B SER 106 ? B SER 106 
# 
loop_
_chem_comp_atom.comp_id 
_chem_comp_atom.atom_id 
_chem_comp_atom.type_symbol 
_chem_comp_atom.pdbx_aromatic_flag 
_chem_comp_atom.pdbx_stereo_config 
_chem_comp_atom.pdbx_ordinal 
ALA N    N N N 1   
ALA CA   C N S 2   
ALA C    C N N 3   
ALA O    O N N 4   
ALA CB   C N N 5   
ALA OXT  O N N 6   
ALA H    H N N 7   
ALA H2   H N N 8   
ALA HA   H N N 9   
ALA HB1  H N N 10  
ALA HB2  H N N 11  
ALA HB3  H N N 12  
ALA HXT  H N N 13  
ARG N    N N N 14  
ARG CA   C N S 15  
ARG C    C N N 16  
ARG O    O N N 17  
ARG CB   C N N 18  
ARG CG   C N N 19  
ARG CD   C N N 20  
ARG NE   N N N 21  
ARG CZ   C N N 22  
ARG NH1  N N N 23  
ARG NH2  N N N 24  
ARG OXT  O N N 25  
ARG H    H N N 26  
ARG H2   H N N 27  
ARG HA   H N N 28  
ARG HB2  H N N 29  
ARG HB3  H N N 30  
ARG HG2  H N N 31  
ARG HG3  H N N 32  
ARG HD2  H N N 33  
ARG HD3  H N N 34  
ARG HE   H N N 35  
ARG HH11 H N N 36  
ARG HH12 H N N 37  
ARG HH21 H N N 38  
ARG HH22 H N N 39  
ARG HXT  H N N 40  
ASN N    N N N 41  
ASN CA   C N S 42  
ASN C    C N N 43  
ASN O    O N N 44  
ASN CB   C N N 45  
ASN CG   C N N 46  
ASN OD1  O N N 47  
ASN ND2  N N N 48  
ASN OXT  O N N 49  
ASN H    H N N 50  
ASN H2   H N N 51  
ASN HA   H N N 52  
ASN HB2  H N N 53  
ASN HB3  H N N 54  
ASN HD21 H N N 55  
ASN HD22 H N N 56  
ASN HXT  H N N 57  
ASP N    N N N 58  
ASP CA   C N S 59  
ASP C    C N N 60  
ASP O    O N N 61  
ASP CB   C N N 62  
ASP CG   C N N 63  
ASP OD1  O N N 64  
ASP OD2  O N N 65  
ASP OXT  O N N 66  
ASP H    H N N 67  
ASP H2   H N N 68  
ASP HA   H N N 69  
ASP HB2  H N N 70  
ASP HB3  H N N 71  
ASP HD2  H N N 72  
ASP HXT  H N N 73  
CYS N    N N N 74  
CYS CA   C N R 75  
CYS C    C N N 76  
CYS O    O N N 77  
CYS CB   C N N 78  
CYS SG   S N N 79  
CYS OXT  O N N 80  
CYS H    H N N 81  
CYS H2   H N N 82  
CYS HA   H N N 83  
CYS HB2  H N N 84  
CYS HB3  H N N 85  
CYS HG   H N N 86  
CYS HXT  H N N 87  
GLN N    N N N 88  
GLN CA   C N S 89  
GLN C    C N N 90  
GLN O    O N N 91  
GLN CB   C N N 92  
GLN CG   C N N 93  
GLN CD   C N N 94  
GLN OE1  O N N 95  
GLN NE2  N N N 96  
GLN OXT  O N N 97  
GLN H    H N N 98  
GLN H2   H N N 99  
GLN HA   H N N 100 
GLN HB2  H N N 101 
GLN HB3  H N N 102 
GLN HG2  H N N 103 
GLN HG3  H N N 104 
GLN HE21 H N N 105 
GLN HE22 H N N 106 
GLN HXT  H N N 107 
GLU N    N N N 108 
GLU CA   C N S 109 
GLU C    C N N 110 
GLU O    O N N 111 
GLU CB   C N N 112 
GLU CG   C N N 113 
GLU CD   C N N 114 
GLU OE1  O N N 115 
GLU OE2  O N N 116 
GLU OXT  O N N 117 
GLU H    H N N 118 
GLU H2   H N N 119 
GLU HA   H N N 120 
GLU HB2  H N N 121 
GLU HB3  H N N 122 
GLU HG2  H N N 123 
GLU HG3  H N N 124 
GLU HE2  H N N 125 
GLU HXT  H N N 126 
GLY N    N N N 127 
GLY CA   C N N 128 
GLY C    C N N 129 
GLY O    O N N 130 
GLY OXT  O N N 131 
GLY H    H N N 132 
GLY H2   H N N 133 
GLY HA2  H N N 134 
GLY HA3  H N N 135 
GLY HXT  H N N 136 
HIS N    N N N 137 
HIS CA   C N S 138 
HIS C    C N N 139 
HIS O    O N N 140 
HIS CB   C N N 141 
HIS CG   C Y N 142 
HIS ND1  N Y N 143 
HIS CD2  C Y N 144 
HIS CE1  C Y N 145 
HIS NE2  N Y N 146 
HIS OXT  O N N 147 
HIS H    H N N 148 
HIS H2   H N N 149 
HIS HA   H N N 150 
HIS HB2  H N N 151 
HIS HB3  H N N 152 
HIS HD1  H N N 153 
HIS HD2  H N N 154 
HIS HE1  H N N 155 
HIS HE2  H N N 156 
HIS HXT  H N N 157 
ILE N    N N N 158 
ILE CA   C N S 159 
ILE C    C N N 160 
ILE O    O N N 161 
ILE CB   C N S 162 
ILE CG1  C N N 163 
ILE CG2  C N N 164 
ILE CD1  C N N 165 
ILE OXT  O N N 166 
ILE H    H N N 167 
ILE H2   H N N 168 
ILE HA   H N N 169 
ILE HB   H N N 170 
ILE HG12 H N N 171 
ILE HG13 H N N 172 
ILE HG21 H N N 173 
ILE HG22 H N N 174 
ILE HG23 H N N 175 
ILE HD11 H N N 176 
ILE HD12 H N N 177 
ILE HD13 H N N 178 
ILE HXT  H N N 179 
LEU N    N N N 180 
LEU CA   C N S 181 
LEU C    C N N 182 
LEU O    O N N 183 
LEU CB   C N N 184 
LEU CG   C N N 185 
LEU CD1  C N N 186 
LEU CD2  C N N 187 
LEU OXT  O N N 188 
LEU H    H N N 189 
LEU H2   H N N 190 
LEU HA   H N N 191 
LEU HB2  H N N 192 
LEU HB3  H N N 193 
LEU HG   H N N 194 
LEU HD11 H N N 195 
LEU HD12 H N N 196 
LEU HD13 H N N 197 
LEU HD21 H N N 198 
LEU HD22 H N N 199 
LEU HD23 H N N 200 
LEU HXT  H N N 201 
LYS N    N N N 202 
LYS CA   C N S 203 
LYS C    C N N 204 
LYS O    O N N 205 
LYS CB   C N N 206 
LYS CG   C N N 207 
LYS CD   C N N 208 
LYS CE   C N N 209 
LYS NZ   N N N 210 
LYS OXT  O N N 211 
LYS H    H N N 212 
LYS H2   H N N 213 
LYS HA   H N N 214 
LYS HB2  H N N 215 
LYS HB3  H N N 216 
LYS HG2  H N N 217 
LYS HG3  H N N 218 
LYS HD2  H N N 219 
LYS HD3  H N N 220 
LYS HE2  H N N 221 
LYS HE3  H N N 222 
LYS HZ1  H N N 223 
LYS HZ2  H N N 224 
LYS HZ3  H N N 225 
LYS HXT  H N N 226 
MET N    N N N 227 
MET CA   C N S 228 
MET C    C N N 229 
MET O    O N N 230 
MET CB   C N N 231 
MET CG   C N N 232 
MET SD   S N N 233 
MET CE   C N N 234 
MET OXT  O N N 235 
MET H    H N N 236 
MET H2   H N N 237 
MET HA   H N N 238 
MET HB2  H N N 239 
MET HB3  H N N 240 
MET HG2  H N N 241 
MET HG3  H N N 242 
MET HE1  H N N 243 
MET HE2  H N N 244 
MET HE3  H N N 245 
MET HXT  H N N 246 
PHE N    N N N 247 
PHE CA   C N S 248 
PHE C    C N N 249 
PHE O    O N N 250 
PHE CB   C N N 251 
PHE CG   C Y N 252 
PHE CD1  C Y N 253 
PHE CD2  C Y N 254 
PHE CE1  C Y N 255 
PHE CE2  C Y N 256 
PHE CZ   C Y N 257 
PHE OXT  O N N 258 
PHE H    H N N 259 
PHE H2   H N N 260 
PHE HA   H N N 261 
PHE HB2  H N N 262 
PHE HB3  H N N 263 
PHE HD1  H N N 264 
PHE HD2  H N N 265 
PHE HE1  H N N 266 
PHE HE2  H N N 267 
PHE HZ   H N N 268 
PHE HXT  H N N 269 
PRO N    N N N 270 
PRO CA   C N S 271 
PRO C    C N N 272 
PRO O    O N N 273 
PRO CB   C N N 274 
PRO CG   C N N 275 
PRO CD   C N N 276 
PRO OXT  O N N 277 
PRO H    H N N 278 
PRO HA   H N N 279 
PRO HB2  H N N 280 
PRO HB3  H N N 281 
PRO HG2  H N N 282 
PRO HG3  H N N 283 
PRO HD2  H N N 284 
PRO HD3  H N N 285 
PRO HXT  H N N 286 
SER N    N N N 287 
SER CA   C N S 288 
SER C    C N N 289 
SER O    O N N 290 
SER CB   C N N 291 
SER OG   O N N 292 
SER OXT  O N N 293 
SER H    H N N 294 
SER H2   H N N 295 
SER HA   H N N 296 
SER HB2  H N N 297 
SER HB3  H N N 298 
SER HG   H N N 299 
SER HXT  H N N 300 
THR N    N N N 301 
THR CA   C N S 302 
THR C    C N N 303 
THR O    O N N 304 
THR CB   C N R 305 
THR OG1  O N N 306 
THR CG2  C N N 307 
THR OXT  O N N 308 
THR H    H N N 309 
THR H2   H N N 310 
THR HA   H N N 311 
THR HB   H N N 312 
THR HG1  H N N 313 
THR HG21 H N N 314 
THR HG22 H N N 315 
THR HG23 H N N 316 
THR HXT  H N N 317 
TRP N    N N N 318 
TRP CA   C N S 319 
TRP C    C N N 320 
TRP O    O N N 321 
TRP CB   C N N 322 
TRP CG   C Y N 323 
TRP CD1  C Y N 324 
TRP CD2  C Y N 325 
TRP NE1  N Y N 326 
TRP CE2  C Y N 327 
TRP CE3  C Y N 328 
TRP CZ2  C Y N 329 
TRP CZ3  C Y N 330 
TRP CH2  C Y N 331 
TRP OXT  O N N 332 
TRP H    H N N 333 
TRP H2   H N N 334 
TRP HA   H N N 335 
TRP HB2  H N N 336 
TRP HB3  H N N 337 
TRP HD1  H N N 338 
TRP HE1  H N N 339 
TRP HE3  H N N 340 
TRP HZ2  H N N 341 
TRP HZ3  H N N 342 
TRP HH2  H N N 343 
TRP HXT  H N N 344 
TYR N    N N N 345 
TYR CA   C N S 346 
TYR C    C N N 347 
TYR O    O N N 348 
TYR CB   C N N 349 
TYR CG   C Y N 350 
TYR CD1  C Y N 351 
TYR CD2  C Y N 352 
TYR CE1  C Y N 353 
TYR CE2  C Y N 354 
TYR CZ   C Y N 355 
TYR OH   O N N 356 
TYR OXT  O N N 357 
TYR H    H N N 358 
TYR H2   H N N 359 
TYR HA   H N N 360 
TYR HB2  H N N 361 
TYR HB3  H N N 362 
TYR HD1  H N N 363 
TYR HD2  H N N 364 
TYR HE1  H N N 365 
TYR HE2  H N N 366 
TYR HH   H N N 367 
TYR HXT  H N N 368 
VAL N    N N N 369 
VAL CA   C N S 370 
VAL C    C N N 371 
VAL O    O N N 372 
VAL CB   C N N 373 
VAL CG1  C N N 374 
VAL CG2  C N N 375 
VAL OXT  O N N 376 
VAL H    H N N 377 
VAL H2   H N N 378 
VAL HA   H N N 379 
VAL HB   H N N 380 
VAL HG11 H N N 381 
VAL HG12 H N N 382 
VAL HG13 H N N 383 
VAL HG21 H N N 384 
VAL HG22 H N N 385 
VAL HG23 H N N 386 
VAL HXT  H N N 387 
# 
loop_
_chem_comp_bond.comp_id 
_chem_comp_bond.atom_id_1 
_chem_comp_bond.atom_id_2 
_chem_comp_bond.value_order 
_chem_comp_bond.pdbx_aromatic_flag 
_chem_comp_bond.pdbx_stereo_config 
_chem_comp_bond.pdbx_ordinal 
ALA N   CA   sing N N 1   
ALA N   H    sing N N 2   
ALA N   H2   sing N N 3   
ALA CA  C    sing N N 4   
ALA CA  CB   sing N N 5   
ALA CA  HA   sing N N 6   
ALA C   O    doub N N 7   
ALA C   OXT  sing N N 8   
ALA CB  HB1  sing N N 9   
ALA CB  HB2  sing N N 10  
ALA CB  HB3  sing N N 11  
ALA OXT HXT  sing N N 12  
ARG N   CA   sing N N 13  
ARG N   H    sing N N 14  
ARG N   H2   sing N N 15  
ARG CA  C    sing N N 16  
ARG CA  CB   sing N N 17  
ARG CA  HA   sing N N 18  
ARG C   O    doub N N 19  
ARG C   OXT  sing N N 20  
ARG CB  CG   sing N N 21  
ARG CB  HB2  sing N N 22  
ARG CB  HB3  sing N N 23  
ARG CG  CD   sing N N 24  
ARG CG  HG2  sing N N 25  
ARG CG  HG3  sing N N 26  
ARG CD  NE   sing N N 27  
ARG CD  HD2  sing N N 28  
ARG CD  HD3  sing N N 29  
ARG NE  CZ   sing N N 30  
ARG NE  HE   sing N N 31  
ARG CZ  NH1  sing N N 32  
ARG CZ  NH2  doub N N 33  
ARG NH1 HH11 sing N N 34  
ARG NH1 HH12 sing N N 35  
ARG NH2 HH21 sing N N 36  
ARG NH2 HH22 sing N N 37  
ARG OXT HXT  sing N N 38  
ASN N   CA   sing N N 39  
ASN N   H    sing N N 40  
ASN N   H2   sing N N 41  
ASN CA  C    sing N N 42  
ASN CA  CB   sing N N 43  
ASN CA  HA   sing N N 44  
ASN C   O    doub N N 45  
ASN C   OXT  sing N N 46  
ASN CB  CG   sing N N 47  
ASN CB  HB2  sing N N 48  
ASN CB  HB3  sing N N 49  
ASN CG  OD1  doub N N 50  
ASN CG  ND2  sing N N 51  
ASN ND2 HD21 sing N N 52  
ASN ND2 HD22 sing N N 53  
ASN OXT HXT  sing N N 54  
ASP N   CA   sing N N 55  
ASP N   H    sing N N 56  
ASP N   H2   sing N N 57  
ASP CA  C    sing N N 58  
ASP CA  CB   sing N N 59  
ASP CA  HA   sing N N 60  
ASP C   O    doub N N 61  
ASP C   OXT  sing N N 62  
ASP CB  CG   sing N N 63  
ASP CB  HB2  sing N N 64  
ASP CB  HB3  sing N N 65  
ASP CG  OD1  doub N N 66  
ASP CG  OD2  sing N N 67  
ASP OD2 HD2  sing N N 68  
ASP OXT HXT  sing N N 69  
CYS N   CA   sing N N 70  
CYS N   H    sing N N 71  
CYS N   H2   sing N N 72  
CYS CA  C    sing N N 73  
CYS CA  CB   sing N N 74  
CYS CA  HA   sing N N 75  
CYS C   O    doub N N 76  
CYS C   OXT  sing N N 77  
CYS CB  SG   sing N N 78  
CYS CB  HB2  sing N N 79  
CYS CB  HB3  sing N N 80  
CYS SG  HG   sing N N 81  
CYS OXT HXT  sing N N 82  
GLN N   CA   sing N N 83  
GLN N   H    sing N N 84  
GLN N   H2   sing N N 85  
GLN CA  C    sing N N 86  
GLN CA  CB   sing N N 87  
GLN CA  HA   sing N N 88  
GLN C   O    doub N N 89  
GLN C   OXT  sing N N 90  
GLN CB  CG   sing N N 91  
GLN CB  HB2  sing N N 92  
GLN CB  HB3  sing N N 93  
GLN CG  CD   sing N N 94  
GLN CG  HG2  sing N N 95  
GLN CG  HG3  sing N N 96  
GLN CD  OE1  doub N N 97  
GLN CD  NE2  sing N N 98  
GLN NE2 HE21 sing N N 99  
GLN NE2 HE22 sing N N 100 
GLN OXT HXT  sing N N 101 
GLU N   CA   sing N N 102 
GLU N   H    sing N N 103 
GLU N   H2   sing N N 104 
GLU CA  C    sing N N 105 
GLU CA  CB   sing N N 106 
GLU CA  HA   sing N N 107 
GLU C   O    doub N N 108 
GLU C   OXT  sing N N 109 
GLU CB  CG   sing N N 110 
GLU CB  HB2  sing N N 111 
GLU CB  HB3  sing N N 112 
GLU CG  CD   sing N N 113 
GLU CG  HG2  sing N N 114 
GLU CG  HG3  sing N N 115 
GLU CD  OE1  doub N N 116 
GLU CD  OE2  sing N N 117 
GLU OE2 HE2  sing N N 118 
GLU OXT HXT  sing N N 119 
GLY N   CA   sing N N 120 
GLY N   H    sing N N 121 
GLY N   H2   sing N N 122 
GLY CA  C    sing N N 123 
GLY CA  HA2  sing N N 124 
GLY CA  HA3  sing N N 125 
GLY C   O    doub N N 126 
GLY C   OXT  sing N N 127 
GLY OXT HXT  sing N N 128 
HIS N   CA   sing N N 129 
HIS N   H    sing N N 130 
HIS N   H2   sing N N 131 
HIS CA  C    sing N N 132 
HIS CA  CB   sing N N 133 
HIS CA  HA   sing N N 134 
HIS C   O    doub N N 135 
HIS C   OXT  sing N N 136 
HIS CB  CG   sing N N 137 
HIS CB  HB2  sing N N 138 
HIS CB  HB3  sing N N 139 
HIS CG  ND1  sing Y N 140 
HIS CG  CD2  doub Y N 141 
HIS ND1 CE1  doub Y N 142 
HIS ND1 HD1  sing N N 143 
HIS CD2 NE2  sing Y N 144 
HIS CD2 HD2  sing N N 145 
HIS CE1 NE2  sing Y N 146 
HIS CE1 HE1  sing N N 147 
HIS NE2 HE2  sing N N 148 
HIS OXT HXT  sing N N 149 
ILE N   CA   sing N N 150 
ILE N   H    sing N N 151 
ILE N   H2   sing N N 152 
ILE CA  C    sing N N 153 
ILE CA  CB   sing N N 154 
ILE CA  HA   sing N N 155 
ILE C   O    doub N N 156 
ILE C   OXT  sing N N 157 
ILE CB  CG1  sing N N 158 
ILE CB  CG2  sing N N 159 
ILE CB  HB   sing N N 160 
ILE CG1 CD1  sing N N 161 
ILE CG1 HG12 sing N N 162 
ILE CG1 HG13 sing N N 163 
ILE CG2 HG21 sing N N 164 
ILE CG2 HG22 sing N N 165 
ILE CG2 HG23 sing N N 166 
ILE CD1 HD11 sing N N 167 
ILE CD1 HD12 sing N N 168 
ILE CD1 HD13 sing N N 169 
ILE OXT HXT  sing N N 170 
LEU N   CA   sing N N 171 
LEU N   H    sing N N 172 
LEU N   H2   sing N N 173 
LEU CA  C    sing N N 174 
LEU CA  CB   sing N N 175 
LEU CA  HA   sing N N 176 
LEU C   O    doub N N 177 
LEU C   OXT  sing N N 178 
LEU CB  CG   sing N N 179 
LEU CB  HB2  sing N N 180 
LEU CB  HB3  sing N N 181 
LEU CG  CD1  sing N N 182 
LEU CG  CD2  sing N N 183 
LEU CG  HG   sing N N 184 
LEU CD1 HD11 sing N N 185 
LEU CD1 HD12 sing N N 186 
LEU CD1 HD13 sing N N 187 
LEU CD2 HD21 sing N N 188 
LEU CD2 HD22 sing N N 189 
LEU CD2 HD23 sing N N 190 
LEU OXT HXT  sing N N 191 
LYS N   CA   sing N N 192 
LYS N   H    sing N N 193 
LYS N   H2   sing N N 194 
LYS CA  C    sing N N 195 
LYS CA  CB   sing N N 196 
LYS CA  HA   sing N N 197 
LYS C   O    doub N N 198 
LYS C   OXT  sing N N 199 
LYS CB  CG   sing N N 200 
LYS CB  HB2  sing N N 201 
LYS CB  HB3  sing N N 202 
LYS CG  CD   sing N N 203 
LYS CG  HG2  sing N N 204 
LYS CG  HG3  sing N N 205 
LYS CD  CE   sing N N 206 
LYS CD  HD2  sing N N 207 
LYS CD  HD3  sing N N 208 
LYS CE  NZ   sing N N 209 
LYS CE  HE2  sing N N 210 
LYS CE  HE3  sing N N 211 
LYS NZ  HZ1  sing N N 212 
LYS NZ  HZ2  sing N N 213 
LYS NZ  HZ3  sing N N 214 
LYS OXT HXT  sing N N 215 
MET N   CA   sing N N 216 
MET N   H    sing N N 217 
MET N   H2   sing N N 218 
MET CA  C    sing N N 219 
MET CA  CB   sing N N 220 
MET CA  HA   sing N N 221 
MET C   O    doub N N 222 
MET C   OXT  sing N N 223 
MET CB  CG   sing N N 224 
MET CB  HB2  sing N N 225 
MET CB  HB3  sing N N 226 
MET CG  SD   sing N N 227 
MET CG  HG2  sing N N 228 
MET CG  HG3  sing N N 229 
MET SD  CE   sing N N 230 
MET CE  HE1  sing N N 231 
MET CE  HE2  sing N N 232 
MET CE  HE3  sing N N 233 
MET OXT HXT  sing N N 234 
PHE N   CA   sing N N 235 
PHE N   H    sing N N 236 
PHE N   H2   sing N N 237 
PHE CA  C    sing N N 238 
PHE CA  CB   sing N N 239 
PHE CA  HA   sing N N 240 
PHE C   O    doub N N 241 
PHE C   OXT  sing N N 242 
PHE CB  CG   sing N N 243 
PHE CB  HB2  sing N N 244 
PHE CB  HB3  sing N N 245 
PHE CG  CD1  doub Y N 246 
PHE CG  CD2  sing Y N 247 
PHE CD1 CE1  sing Y N 248 
PHE CD1 HD1  sing N N 249 
PHE CD2 CE2  doub Y N 250 
PHE CD2 HD2  sing N N 251 
PHE CE1 CZ   doub Y N 252 
PHE CE1 HE1  sing N N 253 
PHE CE2 CZ   sing Y N 254 
PHE CE2 HE2  sing N N 255 
PHE CZ  HZ   sing N N 256 
PHE OXT HXT  sing N N 257 
PRO N   CA   sing N N 258 
PRO N   CD   sing N N 259 
PRO N   H    sing N N 260 
PRO CA  C    sing N N 261 
PRO CA  CB   sing N N 262 
PRO CA  HA   sing N N 263 
PRO C   O    doub N N 264 
PRO C   OXT  sing N N 265 
PRO CB  CG   sing N N 266 
PRO CB  HB2  sing N N 267 
PRO CB  HB3  sing N N 268 
PRO CG  CD   sing N N 269 
PRO CG  HG2  sing N N 270 
PRO CG  HG3  sing N N 271 
PRO CD  HD2  sing N N 272 
PRO CD  HD3  sing N N 273 
PRO OXT HXT  sing N N 274 
SER N   CA   sing N N 275 
SER N   H    sing N N 276 
SER N   H2   sing N N 277 
SER CA  C    sing N N 278 
SER CA  CB   sing N N 279 
SER CA  HA   sing N N 280 
SER C   O    doub N N 281 
SER C   OXT  sing N N 282 
SER CB  OG   sing N N 283 
SER CB  HB2  sing N N 284 
SER CB  HB3  sing N N 285 
SER OG  HG   sing N N 286 
SER OXT HXT  sing N N 287 
THR N   CA   sing N N 288 
THR N   H    sing N N 289 
THR N   H2   sing N N 290 
THR CA  C    sing N N 291 
THR CA  CB   sing N N 292 
THR CA  HA   sing N N 293 
THR C   O    doub N N 294 
THR C   OXT  sing N N 295 
THR CB  OG1  sing N N 296 
THR CB  CG2  sing N N 297 
THR CB  HB   sing N N 298 
THR OG1 HG1  sing N N 299 
THR CG2 HG21 sing N N 300 
THR CG2 HG22 sing N N 301 
THR CG2 HG23 sing N N 302 
THR OXT HXT  sing N N 303 
TRP N   CA   sing N N 304 
TRP N   H    sing N N 305 
TRP N   H2   sing N N 306 
TRP CA  C    sing N N 307 
TRP CA  CB   sing N N 308 
TRP CA  HA   sing N N 309 
TRP C   O    doub N N 310 
TRP C   OXT  sing N N 311 
TRP CB  CG   sing N N 312 
TRP CB  HB2  sing N N 313 
TRP CB  HB3  sing N N 314 
TRP CG  CD1  doub Y N 315 
TRP CG  CD2  sing Y N 316 
TRP CD1 NE1  sing Y N 317 
TRP CD1 HD1  sing N N 318 
TRP CD2 CE2  doub Y N 319 
TRP CD2 CE3  sing Y N 320 
TRP NE1 CE2  sing Y N 321 
TRP NE1 HE1  sing N N 322 
TRP CE2 CZ2  sing Y N 323 
TRP CE3 CZ3  doub Y N 324 
TRP CE3 HE3  sing N N 325 
TRP CZ2 CH2  doub Y N 326 
TRP CZ2 HZ2  sing N N 327 
TRP CZ3 CH2  sing Y N 328 
TRP CZ3 HZ3  sing N N 329 
TRP CH2 HH2  sing N N 330 
TRP OXT HXT  sing N N 331 
TYR N   CA   sing N N 332 
TYR N   H    sing N N 333 
TYR N   H2   sing N N 334 
TYR CA  C    sing N N 335 
TYR CA  CB   sing N N 336 
TYR CA  HA   sing N N 337 
TYR C   O    doub N N 338 
TYR C   OXT  sing N N 339 
TYR CB  CG   sing N N 340 
TYR CB  HB2  sing N N 341 
TYR CB  HB3  sing N N 342 
TYR CG  CD1  doub Y N 343 
TYR CG  CD2  sing Y N 344 
TYR CD1 CE1  sing Y N 345 
TYR CD1 HD1  sing N N 346 
TYR CD2 CE2  doub Y N 347 
TYR CD2 HD2  sing N N 348 
TYR CE1 CZ   doub Y N 349 
TYR CE1 HE1  sing N N 350 
TYR CE2 CZ   sing Y N 351 
TYR CE2 HE2  sing N N 352 
TYR CZ  OH   sing N N 353 
TYR OH  HH   sing N N 354 
TYR OXT HXT  sing N N 355 
VAL N   CA   sing N N 356 
VAL N   H    sing N N 357 
VAL N   H2   sing N N 358 
VAL CA  C    sing N N 359 
VAL CA  CB   sing N N 360 
VAL CA  HA   sing N N 361 
VAL C   O    doub N N 362 
VAL C   OXT  sing N N 363 
VAL CB  CG1  sing N N 364 
VAL CB  CG2  sing N N 365 
VAL CB  HB   sing N N 366 
VAL CG1 HG11 sing N N 367 
VAL CG1 HG12 sing N N 368 
VAL CG1 HG13 sing N N 369 
VAL CG2 HG21 sing N N 370 
VAL CG2 HG22 sing N N 371 
VAL CG2 HG23 sing N N 372 
VAL OXT HXT  sing N N 373 
# 
_pdbx_audit_support.funding_organization   
'National Institutes of Health/National Institute of General Medical Sciences (NIH/NIGMS)' 
_pdbx_audit_support.country                'United States' 
_pdbx_audit_support.grant_number           GM107462 
_pdbx_audit_support.ordinal                1 
# 
_pdbx_initial_refinement_model.id               1 
_pdbx_initial_refinement_model.entity_id_list   ? 
_pdbx_initial_refinement_model.type             'experimental model' 
_pdbx_initial_refinement_model.source_name      PDB 
_pdbx_initial_refinement_model.accession_code   8ENB 
_pdbx_initial_refinement_model.details          'PDB entry 8ENB' 
# 
_space_group.name_H-M_alt     'P 32 2 1' 
_space_group.name_Hall        
;P 32 2"
;
_space_group.IT_number        154 
_space_group.crystal_system   trigonal 
_space_group.id               1 
# 
_atom_sites.entry_id                    8ENF 
_atom_sites.Cartn_transf_matrix[1][1]   ? 
_atom_sites.Cartn_transf_matrix[1][2]   ? 
_atom_sites.Cartn_transf_matrix[1][3]   ? 
_atom_sites.Cartn_transf_matrix[2][1]   ? 
_atom_sites.Cartn_transf_matrix[2][2]   ? 
_atom_sites.Cartn_transf_matrix[2][3]   ? 
_atom_sites.Cartn_transf_matrix[3][1]   ? 
_atom_sites.Cartn_transf_matrix[3][2]   ? 
_atom_sites.Cartn_transf_matrix[3][3]   ? 
_atom_sites.Cartn_transf_vector[1]      ? 
_atom_sites.Cartn_transf_vector[2]      ? 
_atom_sites.Cartn_transf_vector[3]      ? 
_atom_sites.fract_transf_matrix[1][1]   -0.01274100 
_atom_sites.fract_transf_matrix[1][2]   0.00044868 
_atom_sites.fract_transf_matrix[1][3]   -0.00174664 
_atom_sites.fract_transf_matrix[2][1]   -0.00508405 
_atom_sites.fract_transf_matrix[2][2]   -0.00363394 
_atom_sites.fract_transf_matrix[2][3]   -0.01124866 
_atom_sites.fract_transf_matrix[3][1]   -0.00079736 
_atom_sites.fract_transf_matrix[3][2]   -0.00940786 
_atom_sites.fract_transf_matrix[3][3]   0.00339964 
_atom_sites.fract_transf_vector[1]      0.038421 
_atom_sites.fract_transf_vector[2]      0.473065 
_atom_sites.fract_transf_vector[3]      0.155296 
_atom_sites.solution_primary            ? 
_atom_sites.solution_secondary          ? 
_atom_sites.solution_hydrogens          ? 
_atom_sites.special_details             ? 
# 
loop_
_atom_type.symbol 
_atom_type.scat_dispersion_real 
_atom_type.scat_dispersion_imag 
_atom_type.scat_Cromer_Mann_a1 
_atom_type.scat_Cromer_Mann_a2 
_atom_type.scat_Cromer_Mann_a3 
_atom_type.scat_Cromer_Mann_a4 
_atom_type.scat_Cromer_Mann_b1 
_atom_type.scat_Cromer_Mann_b2 
_atom_type.scat_Cromer_Mann_b3 
_atom_type.scat_Cromer_Mann_b4 
_atom_type.scat_Cromer_Mann_c 
_atom_type.scat_source 
_atom_type.scat_dispersion_source 
C ? ? 3.54356 2.42580 ? ? 25.62398 1.50364  ? ? 0.0 
;2-Gaussian fit: Grosse-Kunstleve RW, Sauter NK, Adams PD: Newsletter of the IUCr Commission on Crystallographic Computing 2004, 3, 22-31.
;
? 
N ? ? 6.96715 ?       ? ? 11.43723 ?        ? ? 0.0 
;1-Gaussian fit: Grosse-Kunstleve RW, Sauter NK, Adams PD: Newsletter of the IUCr Commission on Crystallographic Computing 2004, 3, 22-31.
;
? 
O ? ? 7.96527 ?       ? ? 9.05267  ?        ? ? 0.0 
;1-Gaussian fit: Grosse-Kunstleve RW, Sauter NK, Adams PD: Newsletter of the IUCr Commission on Crystallographic Computing 2004, 3, 22-31.
;
? 
S ? ? 9.55732 6.39887 ? ? 1.23737  29.19336 ? ? 0.0 
;2-Gaussian fit: Grosse-Kunstleve RW, Sauter NK, Adams PD: Newsletter of the IUCr Commission on Crystallographic Computing 2004, 3, 22-31.
;
? 
# 
loop_
_atom_site.group_PDB 
_atom_site.id 
_atom_site.type_symbol 
_atom_site.label_atom_id 
_atom_site.label_alt_id 
_atom_site.label_comp_id 
_atom_site.label_asym_id 
_atom_site.label_entity_id 
_atom_site.label_seq_id 
_atom_site.pdbx_PDB_ins_code 
_atom_site.Cartn_x 
_atom_site.Cartn_y 
_atom_site.Cartn_z 
_atom_site.occupancy 
_atom_site.B_iso_or_equiv 
_atom_site.pdbx_formal_charge 
_atom_site.auth_seq_id 
_atom_site.auth_comp_id 
_atom_site.auth_asym_id 
_atom_site.auth_atom_id 
_atom_site.pdbx_PDB_model_num 
ATOM 1    N N   . ASN A 1 6   ? 9.94051   1.05298   12.55855  1.000 123.02000 ? 6   ASN A N   1 
ATOM 2    C CA  . ASN A 1 6   ? 10.25335  0.19207   11.42434  1.000 139.76000 ? 6   ASN A CA  1 
ATOM 3    C C   . ASN A 1 6   ? 11.00565  -1.05475  11.87263  1.000 136.60000 ? 6   ASN A C   1 
ATOM 4    O O   . ASN A 1 6   ? 12.11010  -0.96348  12.40785  1.000 139.01000 ? 6   ASN A O   1 
ATOM 5    C CB  . ASN A 1 6   ? 11.07360  0.95302   10.38109  1.000 133.53000 ? 6   ASN A CB  1 
ATOM 6    C CG  . ASN A 1 6   ? 10.20589  1.64577   9.34946   1.000 152.06000 ? 6   ASN A CG  1 
ATOM 7    O OD1 . ASN A 1 6   ? 9.01878   1.87525   9.57621   1.000 162.89000 ? 6   ASN A OD1 1 
ATOM 8    N ND2 . ASN A 1 6   ? 10.79559  1.98614   8.20995   1.000 145.53000 ? 6   ASN A ND2 1 
ATOM 9    N N   . SER A 1 7   ? 10.40450  -2.22089  11.64822  1.000 140.92000 ? 7   SER A N   1 
ATOM 10   C CA  . SER A 1 7   ? 11.02473  -3.48594  12.03282  1.000 127.58000 ? 7   SER A CA  1 
ATOM 11   C C   . SER A 1 7   ? 10.57291  -4.55498  11.04949  1.000 139.01000 ? 7   SER A C   1 
ATOM 12   O O   . SER A 1 7   ? 9.42513   -4.99919  11.10660  1.000 160.50000 ? 7   SER A O   1 
ATOM 13   C CB  . SER A 1 7   ? 10.65662  -3.86704  13.46284  1.000 153.76000 ? 7   SER A CB  1 
ATOM 14   O OG  . SER A 1 7   ? 10.73614  -5.26980  13.65242  1.000 160.58000 ? 7   SER A OG  1 
ATOM 15   N N   . CYS A 1 8   ? 11.46839  -4.95411  10.14910  1.000 138.77000 ? 8   CYS A N   1 
ATOM 16   C CA  . CYS A 1 8   ? 11.21524  -6.00738  9.17040   1.000 137.45000 ? 8   CYS A CA  1 
ATOM 17   C C   . CYS A 1 8   ? 12.24763  -7.10332  9.39645   1.000 144.23000 ? 8   CYS A C   1 
ATOM 18   O O   . CYS A 1 8   ? 13.44229  -6.89589  9.15556   1.000 152.78000 ? 8   CYS A O   1 
ATOM 19   C CB  . CYS A 1 8   ? 11.28449  -5.45956  7.74495   1.000 138.65000 ? 8   CYS A CB  1 
ATOM 20   S SG  . CYS A 1 8   ? 11.20246  -6.70650  6.43574   1.000 158.01000 ? 8   CYS A SG  1 
ATOM 21   N N   . LYS A 1 9   ? 11.79208  -8.26476  9.85973   1.000 142.61000 ? 9   LYS A N   1 
ATOM 22   C CA  . LYS A 1 9   ? 12.66948  -9.32451  10.32374  1.000 154.82000 ? 9   LYS A CA  1 
ATOM 23   C C   . LYS A 1 9   ? 12.51616  -10.58182 9.47680   1.000 140.57000 ? 9   LYS A C   1 
ATOM 24   O O   . LYS A 1 9   ? 11.45119  -10.85779 8.90905   1.000 129.96000 ? 9   LYS A O   1 
ATOM 25   C CB  . LYS A 1 9   ? 12.38489  -9.65354  11.79642  1.000 145.01000 ? 9   LYS A CB  1 
ATOM 26   C CG  . LYS A 1 9   ? 10.92640  -9.48134  12.19065  1.000 162.94000 ? 9   LYS A CG  1 
ATOM 27   C CD  . LYS A 1 9   ? 10.52099  -10.43331 13.30144  1.000 183.58000 ? 9   LYS A CD  1 
ATOM 28   C CE  . LYS A 1 9   ? 10.90460  -9.88187  14.66356  1.000 168.57000 ? 9   LYS A CE  1 
ATOM 29   N NZ  . LYS A 1 9   ? 10.00667  -10.39401 15.73362  1.000 163.56000 ? 9   LYS A NZ  1 
ATOM 30   N N   . LYS A 1 10  ? 13.61097  -11.33597 9.40293   1.000 146.88000 ? 10  LYS A N   1 
ATOM 31   C CA  . LYS A 1 10  ? 13.63039  -12.63837 8.75216   1.000 132.19000 ? 10  LYS A CA  1 
ATOM 32   C C   . LYS A 1 10  ? 13.05119  -13.68562 9.69431   1.000 131.14000 ? 10  LYS A C   1 
ATOM 33   O O   . LYS A 1 10  ? 13.39777  -13.72351 10.87804  1.000 149.05000 ? 10  LYS A O   1 
ATOM 34   C CB  . LYS A 1 10  ? 15.06298  -13.00756 8.36465   1.000 151.04000 ? 10  LYS A CB  1 
ATOM 35   C CG  . LYS A 1 10  ? 15.19718  -13.86518 7.11793   1.000 158.32000 ? 10  LYS A CG  1 
ATOM 36   C CD  . LYS A 1 10  ? 16.58739  -13.72808 6.51280   1.000 155.18000 ? 10  LYS A CD  1 
ATOM 37   C CE  . LYS A 1 10  ? 17.62864  -14.44820 7.35587   1.000 162.29000 ? 10  LYS A CE  1 
ATOM 38   N NZ  . LYS A 1 10  ? 18.80120  -14.88354 6.55015   1.000 152.50000 ? 10  LYS A NZ  1 
ATOM 39   N N   . VAL A 1 11  ? 12.16564  -14.53001 9.17189   1.000 105.11000 ? 11  VAL A N   1 
ATOM 40   C CA  . VAL A 1 11  ? 11.47651  -15.54694 9.95374   1.000 127.67000 ? 11  VAL A CA  1 
ATOM 41   C C   . VAL A 1 11  ? 11.64288  -16.88235 9.24608   1.000 130.84000 ? 11  VAL A C   1 
ATOM 42   O O   . VAL A 1 11  ? 11.37239  -16.99018 8.04299   1.000 116.52000 ? 11  VAL A O   1 
ATOM 43   C CB  . VAL A 1 11  ? 9.98146   -15.21746 10.13407  1.000 117.27000 ? 11  VAL A CB  1 
ATOM 44   C CG1 . VAL A 1 11  ? 9.33748   -16.18795 11.10814  1.000 126.90000 ? 11  VAL A CG1 1 
ATOM 45   C CG2 . VAL A 1 11  ? 9.79932   -13.77944 10.59950  1.000 146.43000 ? 11  VAL A CG2 1 
ATOM 46   N N   . GLY A 1 12  ? 12.09889  -17.89100 9.98585   1.000 119.83000 ? 12  GLY A N   1 
ATOM 47   C CA  . GLY A 1 12  ? 12.22019  -19.22557 9.42641   1.000 132.10000 ? 12  GLY A CA  1 
ATOM 48   C C   . GLY A 1 12  ? 10.86755  -19.91623 9.36745   1.000 125.10000 ? 12  GLY A C   1 
ATOM 49   O O   . GLY A 1 12  ? 10.02312  -19.75654 10.24890  1.000 133.47000 ? 12  GLY A O   1 
ATOM 50   N N   . VAL A 1 13  ? 10.66486  -20.68815 8.30250   1.000 124.88000 ? 13  VAL A N   1 
ATOM 51   C CA  . VAL A 1 13  ? 9.40116   -21.36645 8.05064   1.000 123.79000 ? 13  VAL A CA  1 
ATOM 52   C C   . VAL A 1 13  ? 9.69628   -22.80466 7.65546   1.000 138.83000 ? 13  VAL A C   1 
ATOM 53   O O   . VAL A 1 13  ? 10.39082  -23.05133 6.66051   1.000 144.82000 ? 13  VAL A O   1 
ATOM 54   C CB  . VAL A 1 13  ? 8.57745   -20.67250 6.95298   1.000 109.71000 ? 13  VAL A CB  1 
ATOM 55   C CG1 . VAL A 1 13  ? 7.22438   -21.34784 6.80347   1.000 143.57000 ? 13  VAL A CG1 1 
ATOM 56   C CG2 . VAL A 1 13  ? 8.40013   -19.20436 7.27266   1.000 103.23000 ? 13  VAL A CG2 1 
ATOM 57   N N   . GLU A 1 14  ? 9.17834   -23.74702 8.43880   1.000 137.21000 ? 14  GLU A N   1 
ATOM 58   C CA  . GLU A 1 14  ? 9.08432   -25.13524 8.01689   1.000 140.17000 ? 14  GLU A CA  1 
ATOM 59   C C   . GLU A 1 14  ? 7.74646   -25.33484 7.31901   1.000 141.45000 ? 14  GLU A C   1 
ATOM 60   O O   . GLU A 1 14  ? 6.70260   -24.91679 7.82963   1.000 129.44000 ? 14  GLU A O   1 
ATOM 61   C CB  . GLU A 1 14  ? 9.21770   -26.09195 9.20257   1.000 172.70000 ? 14  GLU A CB  1 
ATOM 62   C CG  . GLU A 1 14  ? 10.52304  -25.96757 9.96805   1.000 181.01000 ? 14  GLU A CG  1 
ATOM 63   C CD  . GLU A 1 14  ? 10.46328  -26.63413 11.32689  1.000 167.24000 ? 14  GLU A CD  1 
ATOM 64   O OE1 . GLU A 1 14  ? 9.34396   -26.86037 11.83153  1.000 171.05000 ? 14  GLU A OE1 1 
ATOM 65   O OE2 . GLU A 1 14  ? 11.53760  -26.94468 11.88543  1.000 169.80000 ? 14  GLU A OE2 1 
ATOM 66   N N   . GLU A 1 15  ? 7.78730   -25.96081 6.14832   1.000 167.52000 ? 15  GLU A N   1 
ATOM 67   C CA  . GLU A 1 15  ? 6.61886   -26.15170 5.30471   1.000 150.93000 ? 15  GLU A CA  1 
ATOM 68   C C   . GLU A 1 15  ? 6.55329   -27.61565 4.90127   1.000 132.39000 ? 15  GLU A C   1 
ATOM 69   O O   . GLU A 1 15  ? 7.53489   -28.16875 4.39493   1.000 151.34000 ? 15  GLU A O   1 
ATOM 70   C CB  . GLU A 1 15  ? 6.69061   -25.24070 4.07311   1.000 139.52000 ? 15  GLU A CB  1 
ATOM 71   C CG  . GLU A 1 15  ? 6.20407   -25.86458 2.77862   1.000 133.32000 ? 15  GLU A CG  1 
ATOM 72   C CD  . GLU A 1 15  ? 6.52824   -25.00730 1.57269   1.000 186.45000 ? 15  GLU A CD  1 
ATOM 73   O OE1 . GLU A 1 15  ? 6.26937   -23.78694 1.62148   1.000 225.60000 ? 15  GLU A OE1 1 
ATOM 74   O OE2 . GLU A 1 15  ? 7.05067   -25.55187 0.57788   1.000 192.97000 ? 15  GLU A OE2 1 
ATOM 75   N N   . LEU A 1 16  ? 5.41020   -28.24640 5.14579   1.000 132.01000 ? 16  LEU A N   1 
ATOM 76   C CA  . LEU A 1 16  ? 5.22716   -29.66239 4.86232   1.000 137.02000 ? 16  LEU A CA  1 
ATOM 77   C C   . LEU A 1 16  ? 4.51438   -29.83108 3.52875   1.000 131.86000 ? 16  LEU A C   1 
ATOM 78   O O   . LEU A 1 16  ? 3.44511   -29.25050 3.31426   1.000 131.53000 ? 16  LEU A O   1 
ATOM 79   C CB  . LEU A 1 16  ? 4.42921   -30.34531 5.97324   1.000 135.35000 ? 16  LEU A CB  1 
ATOM 80   C CG  . LEU A 1 16  ? 3.90817   -31.74824 5.64956   1.000 133.45000 ? 16  LEU A CG  1 
ATOM 81   C CD1 . LEU A 1 16  ? 5.04107   -32.76097 5.66602   1.000 147.68000 ? 16  LEU A CD1 1 
ATOM 82   C CD2 . LEU A 1 16  ? 2.79875   -32.15585 6.61097   1.000 143.61000 ? 16  LEU A CD2 1 
ATOM 83   N N   . ILE A 1 17  ? 5.10754   -30.61832 2.63757   1.000 136.86000 ? 17  ILE A N   1 
ATOM 84   C CA  . ILE A 1 17  ? 4.46152   -31.01936 1.39693   1.000 147.78000 ? 17  ILE A CA  1 
ATOM 85   C C   . ILE A 1 17  ? 3.90812   -32.42045 1.60206   1.000 142.14000 ? 17  ILE A C   1 
ATOM 86   O O   . ILE A 1 17  ? 4.66798   -33.37336 1.83530   1.000 139.12000 ? 17  ILE A O   1 
ATOM 87   C CB  . ILE A 1 17  ? 5.42909   -30.97064 0.20603   1.000 170.80000 ? 17  ILE A CB  1 
ATOM 88   C CG1 . ILE A 1 17  ? 5.74075   -29.52007 -0.16093  1.000 165.80000 ? 17  ILE A CG1 1 
ATOM 89   C CG2 . ILE A 1 17  ? 4.81874   -31.67990 -0.98776  1.000 200.34000 ? 17  ILE A CG2 1 
ATOM 90   C CD1 . ILE A 1 17  ? 6.82436   -29.38055 -1.20025  1.000 186.29000 ? 17  ILE A CD1 1 
ATOM 91   N N   . ASN A 1 18  ? 2.57729   -32.52699 1.52643   1.000 147.82000 ? 18  ASN A N   1 
ATOM 92   C CA  . ASN A 1 18  ? 1.83512   -33.76149 1.75276   1.000 154.88000 ? 18  ASN A CA  1 
ATOM 93   C C   . ASN A 1 18  ? 0.81858   -33.90008 0.61425   1.000 170.85000 ? 18  ASN A C   1 
ATOM 94   O O   . ASN A 1 18  ? -0.39304  -33.78298 0.81059   1.000 185.74000 ? 18  ASN A O   1 
ATOM 95   C CB  . ASN A 1 18  ? 1.15791   -33.74449 3.12867   1.000 136.21000 ? 18  ASN A CB  1 
ATOM 96   C CG  . ASN A 1 18  ? 0.31189   -34.97910 3.38939   1.000 164.31000 ? 18  ASN A CG  1 
ATOM 97   O OD1 . ASN A 1 18  ? 0.45181   -35.99931 2.71540   1.000 176.25000 ? 18  ASN A OD1 1 
ATOM 98   N ND2 . ASN A 1 18  ? -0.57923  -34.88508 4.37036   1.000 168.37000 ? 18  ASN A ND2 1 
ATOM 99   N N   . GLU A 1 19  ? 1.32578   -34.12715 -0.59178  1.000 152.31000 ? 19  GLU A N   1 
ATOM 100  C CA  . GLU A 1 19  ? 0.48643   -34.29341 -1.76826  1.000 156.84000 ? 19  GLU A CA  1 
ATOM 101  C C   . GLU A 1 19  ? 0.26949   -35.77736 -2.02933  1.000 170.80000 ? 19  GLU A C   1 
ATOM 102  O O   . GLU A 1 19  ? 1.20210   -36.57990 -1.92389  1.000 165.95000 ? 19  GLU A O   1 
ATOM 103  C CB  . GLU A 1 19  ? 1.11693   -33.62270 -2.99060  1.000 166.57000 ? 19  GLU A CB  1 
ATOM 104  C CG  . GLU A 1 19  ? 0.23873   -33.63192 -4.23456  1.000 195.03000 ? 19  GLU A CG  1 
ATOM 105  C CD  . GLU A 1 19  ? -0.93965  -32.67891 -4.12882  1.000 190.80000 ? 19  GLU A CD  1 
ATOM 106  O OE1 . GLU A 1 19  ? -0.85778  -31.71366 -3.33941  1.000 190.82000 ? 19  GLU A OE1 1 
ATOM 107  O OE2 . GLU A 1 19  ? -1.94719  -32.89505 -4.83337  1.000 183.20000 ? 19  GLU A OE2 1 
ATOM 108  N N   . LYS A 1 20  ? -0.96964  -36.13636 -2.35999  1.000 184.17000 ? 20  LYS A N   1 
ATOM 109  C CA  . LYS A 1 20  ? -1.32396  -37.53559 -2.56347  1.000 192.62000 ? 20  LYS A CA  1 
ATOM 110  C C   . LYS A 1 20  ? -0.52046  -38.13336 -3.71045  1.000 176.23000 ? 20  LYS A C   1 
ATOM 111  O O   . LYS A 1 20  ? -0.55885  -37.62997 -4.83838  1.000 176.47000 ? 20  LYS A O   1 
ATOM 112  C CB  . LYS A 1 20  ? -2.82158  -37.66365 -2.83817  1.000 193.83000 ? 20  LYS A CB  1 
ATOM 113  C CG  . LYS A 1 20  ? -3.66594  -37.88376 -1.59382  1.000 174.67000 ? 20  LYS A CG  1 
ATOM 114  C CD  . LYS A 1 20  ? -5.10387  -37.44343 -1.81945  1.000 165.41000 ? 20  LYS A CD  1 
ATOM 115  C CE  . LYS A 1 20  ? -5.87353  -37.37702 -0.51152  1.000 157.11000 ? 20  LYS A CE  1 
ATOM 116  N NZ  . LYS A 1 20  ? -7.00349  -36.40993 -0.57978  1.000 138.52000 ? 20  LYS A NZ  1 
ATOM 117  N N   . GLY A 1 21  ? 0.21064   -39.21212 -3.41898  1.000 156.97000 ? 21  GLY A N   1 
ATOM 118  C CA  . GLY A 1 21  ? 1.02033   -39.91459 -4.39080  1.000 177.69000 ? 21  GLY A CA  1 
ATOM 119  C C   . GLY A 1 21  ? 2.51103   -39.71550 -4.20455  1.000 187.18000 ? 21  GLY A C   1 
ATOM 120  O O   . GLY A 1 21  ? 3.28916   -40.63599 -4.48537  1.000 187.53000 ? 21  GLY A O   1 
ATOM 121  N N   . CYS A 1 22  ? 2.92375   -38.54297 -3.73802  1.000 179.07000 ? 22  CYS A N   1 
ATOM 122  C CA  . CYS A 1 22  ? 4.33076   -38.22456 -3.55707  1.000 172.89000 ? 22  CYS A CA  1 
ATOM 123  C C   . CYS A 1 22  ? 4.73766   -38.36864 -2.09518  1.000 167.95000 ? 22  CYS A C   1 
ATOM 124  O O   . CYS A 1 22  ? 3.91212   -38.30055 -1.18237  1.000 170.46000 ? 22  CYS A O   1 
ATOM 125  C CB  . CYS A 1 22  ? 4.63336   -36.80420 -4.04516  1.000 182.63000 ? 22  CYS A CB  1 
ATOM 126  S SG  . CYS A 1 22  ? 3.81426   -36.35392 -5.59470  1.000 219.38000 ? 22  CYS A SG  1 
ATOM 127  N N   . ASP A 1 23  ? 6.03515   -38.57597 -1.88936  1.000 170.85000 ? 23  ASP A N   1 
ATOM 128  C CA  . ASP A 1 23  ? 6.57856   -38.65243 -0.54189  1.000 177.37000 ? 23  ASP A CA  1 
ATOM 129  C C   . ASP A 1 23  ? 6.44297   -37.30576 0.15394   1.000 161.63000 ? 23  ASP A C   1 
ATOM 130  O O   . ASP A 1 23  ? 6.63110   -36.25135 -0.46161  1.000 164.27000 ? 23  ASP A O   1 
ATOM 131  C CB  . ASP A 1 23  ? 8.04728   -39.07067 -0.58441  1.000 179.64000 ? 23  ASP A CB  1 
ATOM 132  C CG  . ASP A 1 23  ? 8.23468   -40.50138 -1.04314  1.000 194.84000 ? 23  ASP A CG  1 
ATOM 133  O OD1 . ASP A 1 23  ? 7.23372   -41.13595 -1.43704  1.000 196.95000 ? 23  ASP A OD1 1 
ATOM 134  O OD2 . ASP A 1 23  ? 9.38405   -40.98845 -1.01747  1.000 204.72000 ? 23  ASP A OD2 1 
ATOM 135  N N   . LEU A 1 24  ? 6.10082   -37.34149 1.43892   1.000 157.76000 ? 24  LEU A N   1 
ATOM 136  C CA  . LEU A 1 24  ? 6.08666   -36.11786 2.22715   1.000 157.02000 ? 24  LEU A CA  1 
ATOM 137  C C   . LEU A 1 24  ? 7.47188   -35.49056 2.23351   1.000 173.49000 ? 24  LEU A C   1 
ATOM 138  O O   . LEU A 1 24  ? 8.48937   -36.18475 2.15691   1.000 170.25000 ? 24  LEU A O   1 
ATOM 139  C CB  . LEU A 1 24  ? 5.66278   -36.38652 3.66893   1.000 125.33000 ? 24  LEU A CB  1 
ATOM 140  C CG  . LEU A 1 24  ? 4.41702   -37.18546 4.02906   1.000 164.40000 ? 24  LEU A CG  1 
ATOM 141  C CD1 . LEU A 1 24  ? 4.63082   -38.68616 3.88759   1.000 197.80000 ? 24  LEU A CD1 1 
ATOM 142  C CD2 . LEU A 1 24  ? 4.06198   -36.82057 5.44555   1.000 156.58000 ? 24  LEU A CD2 1 
ATOM 143  N N   . MET A 1 25  ? 7.51358   -34.16530 2.33906   1.000 163.47000 ? 25  MET A N   1 
ATOM 144  C CA  . MET A 1 25  ? 8.81811   -33.51752 2.36841   1.000 153.12000 ? 25  MET A CA  1 
ATOM 145  C C   . MET A 1 25  ? 8.74404   -32.20701 3.13507   1.000 149.76000 ? 25  MET A C   1 
ATOM 146  O O   . MET A 1 25  ? 7.87896   -31.37121 2.86596   1.000 149.29000 ? 25  MET A O   1 
ATOM 147  C CB  . MET A 1 25  ? 9.33933   -33.28991 0.94509   1.000 168.04000 ? 25  MET A CB  1 
ATOM 148  C CG  . MET A 1 25  ? 10.82216  -32.97441 0.87308   1.000 164.86000 ? 25  MET A CG  1 
ATOM 149  S SD  . MET A 1 25  ? 11.59650  -33.64605 -0.61208  1.000 173.98000 ? 25  MET A SD  1 
ATOM 150  C CE  . MET A 1 25  ? 10.54351  -35.05905 -0.94376  1.000 172.48000 ? 25  MET A CE  1 
ATOM 151  N N   . ILE A 1 26  ? 9.65471   -32.04104 4.08836   1.000 136.12000 ? 26  ILE A N   1 
ATOM 152  C CA  . ILE A 1 26  ? 9.74126   -30.82525 4.88738   1.000 139.32000 ? 26  ILE A CA  1 
ATOM 153  C C   . ILE A 1 26  ? 10.75051  -29.89044 4.23676   1.000 136.68000 ? 26  ILE A C   1 
ATOM 154  O O   . ILE A 1 26  ? 11.85968  -30.30660 3.88248   1.000 138.48000 ? 26  ILE A O   1 
ATOM 155  C CB  . ILE A 1 26  ? 10.14326  -31.14725 6.33689   1.000 168.07000 ? 26  ILE A CB  1 
ATOM 156  C CG1 . ILE A 1 26  ? 9.11944   -32.08481 6.98240   1.000 182.38000 ? 26  ILE A CG1 1 
ATOM 157  C CG2 . ILE A 1 26  ? 10.27876  -29.86768 7.15267   1.000 162.46000 ? 26  ILE A CG2 1 
ATOM 158  C CD1 . ILE A 1 26  ? 9.47071   -32.47876 8.39801   1.000 152.94000 ? 26  ILE A CD1 1 
ATOM 159  N N   . ILE A 1 27  ? 10.36904  -28.62500 4.08044   1.000 132.19000 ? 27  ILE A N   1 
ATOM 160  C CA  . ILE A 1 27  ? 11.20122  -27.61747 3.43603   1.000 135.48000 ? 27  ILE A CA  1 
ATOM 161  C C   . ILE A 1 27  ? 11.35460  -26.44160 4.38819   1.000 139.32000 ? 27  ILE A C   1 
ATOM 162  O O   . ILE A 1 27  ? 10.35992  -25.91120 4.89062   1.000 130.11000 ? 27  ILE A O   1 
ATOM 163  C CB  . ILE A 1 27  ? 10.59600  -27.15509 2.09708   1.000 98.26000  ? 27  ILE A CB  1 
ATOM 164  C CG1 . ILE A 1 27  ? 10.64024  -28.29345 1.07666   1.000 147.34000 ? 27  ILE A CG1 1 
ATOM 165  C CG2 . ILE A 1 27  ? 11.32222  -25.92727 1.57696   1.000 163.31000 ? 27  ILE A CG2 1 
ATOM 166  C CD1 . ILE A 1 27  ? 9.98317   -27.95954 -0.23739  1.000 166.45000 ? 27  ILE A CD1 1 
ATOM 167  N N   . ARG A 1 28  ? 12.59349  -26.03387 4.63228   1.000 131.57000 ? 28  ARG A N   1 
ATOM 168  C CA  . ARG A 1 28  ? 12.88910  -24.93581 5.54415   1.000 115.39000 ? 28  ARG A CA  1 
ATOM 169  C C   . ARG A 1 28  ? 13.36413  -23.74234 4.72540   1.000 120.31000 ? 28  ARG A C   1 
ATOM 170  O O   . ARG A 1 28  ? 14.43200  -23.79303 4.10355   1.000 118.60000 ? 28  ARG A O   1 
ATOM 171  C CB  . ARG A 1 28  ? 13.92903  -25.36039 6.57604   1.000 159.07000 ? 28  ARG A CB  1 
ATOM 172  C CG  . ARG A 1 28  ? 13.33338  -26.16093 7.71589   1.000 156.03000 ? 28  ARG A CG  1 
ATOM 173  C CD  . ARG A 1 28  ? 14.33346  -27.14048 8.29188   1.000 155.57000 ? 28  ARG A CD  1 
ATOM 174  N NE  . ARG A 1 28  ? 13.73784  -28.45668 8.48294   1.000 151.44000 ? 28  ARG A NE  1 
ATOM 175  C CZ  . ARG A 1 28  ? 13.29868  -28.91663 9.64566   1.000 163.78000 ? 28  ARG A CZ  1 
ATOM 176  N NH1 . ARG A 1 28  ? 13.37575  -28.19058 10.74903  1.000 170.50000 ? 28  ARG A NH1 1 
ATOM 177  N NH2 . ARG A 1 28  ? 12.76784  -30.13432 9.70241   1.000 162.42000 ? 28  ARG A NH2 1 
ATOM 178  N N   . ILE A 1 29  ? 12.56855  -22.67368 4.72144   1.000 131.15000 ? 29  ILE A N   1 
ATOM 179  C CA  . ILE A 1 29  ? 12.88034  -21.46105 3.97943   1.000 116.28000 ? 29  ILE A CA  1 
ATOM 180  C C   . ILE A 1 29  ? 12.76072  -20.26329 4.91634   1.000 117.30000 ? 29  ILE A C   1 
ATOM 181  O O   . ILE A 1 29  ? 12.51244  -20.40308 6.11243   1.000 122.55000 ? 29  ILE A O   1 
ATOM 182  C CB  . ILE A 1 29  ? 11.97965  -21.27904 2.73989   1.000 103.48000 ? 29  ILE A CB  1 
ATOM 183  C CG1 . ILE A 1 29  ? 10.50293  -21.42331 3.11303   1.000 145.25000 ? 29  ILE A CG1 1 
ATOM 184  C CG2 . ILE A 1 29  ? 12.36043  -22.26847 1.64967   1.000 113.21000 ? 29  ILE A CG2 1 
ATOM 185  C CD1 . ILE A 1 29  ? 9.55949   -20.84213 2.07960   1.000 180.81000 ? 29  ILE A CD1 1 
ATOM 186  N N   . ASN A 1 30  ? 12.94082  -19.07315 4.34979   1.000 111.04000 ? 30  ASN A N   1 
ATOM 187  C CA  . ASN A 1 30  ? 12.88099  -17.82833 5.10034   1.000 125.25000 ? 30  ASN A CA  1 
ATOM 188  C C   . ASN A 1 30  ? 11.90190  -16.87563 4.43432   1.000 124.74000 ? 30  ASN A C   1 
ATOM 189  O O   . ASN A 1 30  ? 11.83811  -16.79763 3.20362   1.000 121.72000 ? 30  ASN A O   1 
ATOM 190  C CB  . ASN A 1 30  ? 14.26130  -17.16679 5.19738   1.000 141.54000 ? 30  ASN A CB  1 
ATOM 191  C CG  . ASN A 1 30  ? 15.11760  -17.76148 6.29401   1.000 139.13000 ? 30  ASN A CG  1 
ATOM 192  O OD1 . ASN A 1 30  ? 14.61437  -18.42495 7.20024   1.000 120.02000 ? 30  ASN A OD1 1 
ATOM 193  N ND2 . ASN A 1 30  ? 16.42228  -17.52563 6.21957   1.000 179.75000 ? 30  ASN A ND2 1 
ATOM 194  N N   . ARG A 1 31  ? 11.13943  -16.15311 5.25134   1.000 96.69000  ? 31  ARG A N   1 
ATOM 195  C CA  . ARG A 1 31  ? 10.25252  -15.11148 4.75858   1.000 117.30000 ? 31  ARG A CA  1 
ATOM 196  C C   . ARG A 1 31  ? 10.47501  -13.84352 5.56853   1.000 136.97000 ? 31  ARG A C   1 
ATOM 197  O O   . ARG A 1 31  ? 11.09767  -13.86049 6.62988   1.000 134.33000 ? 31  ARG A O   1 
ATOM 198  C CB  . ARG A 1 31  ? 8.77529   -15.54458 4.81343   1.000 129.30000 ? 31  ARG A CB  1 
ATOM 199  C CG  . ARG A 1 31  ? 8.04279   -15.24052 6.11473   1.000 156.58000 ? 31  ARG A CG  1 
ATOM 200  C CD  . ARG A 1 31  ? 6.90328   -16.23910 6.31631   1.000 152.83000 ? 31  ARG A CD  1 
ATOM 201  N NE  . ARG A 1 31  ? 5.89370   -15.81273 7.28006   1.000 174.48000 ? 31  ARG A NE  1 
ATOM 202  C CZ  . ARG A 1 31  ? 5.09966   -14.75938 7.13964   1.000 163.64000 ? 31  ARG A CZ  1 
ATOM 203  N NH1 . ARG A 1 31  ? 5.13356   -14.00526 6.05247   1.000 155.31000 ? 31  ARG A NH1 1 
ATOM 204  N NH2 . ARG A 1 31  ? 4.23741   -14.46443 8.10786   1.000 155.47000 ? 31  ARG A NH2 1 
ATOM 205  N N   . CYS A 1 32  ? 9.99087   -12.72658 5.04214   1.000 125.76000 ? 32  CYS A N   1 
ATOM 206  C CA  . CYS A 1 32  ? 10.07861  -11.45211 5.73815   1.000 125.09000 ? 32  CYS A CA  1 
ATOM 207  C C   . CYS A 1 32  ? 8.74035   -11.12633 6.38189   1.000 119.03000 ? 32  CYS A C   1 
ATOM 208  O O   . CYS A 1 32  ? 7.68510   -11.31858 5.77356   1.000 107.87000 ? 32  CYS A O   1 
ATOM 209  C CB  . CYS A 1 32  ? 10.48772  -10.32689 4.78592   1.000 132.91000 ? 32  CYS A CB  1 
ATOM 210  S SG  . CYS A 1 32  ? 12.08122  -10.57664 3.98738   1.000 151.65000 ? 32  CYS A SG  1 
ATOM 211  N N   . ARG A 1 33  ? 8.78970   -10.64522 7.62153   1.000 124.30000 ? 33  ARG A N   1 
ATOM 212  C CA  . ARG A 1 33  ? 7.58533   -10.22883 8.32307   1.000 124.20000 ? 33  ARG A CA  1 
ATOM 213  C C   . ARG A 1 33  ? 7.92605   -9.01657  9.17192   1.000 145.88000 ? 33  ARG A C   1 
ATOM 214  O O   . ARG A 1 33  ? 9.01345   -8.94776  9.74727   1.000 147.86000 ? 33  ARG A O   1 
ATOM 215  C CB  . ARG A 1 33  ? 7.02826   -11.35060 9.21178   1.000 135.18000 ? 33  ARG A CB  1 
ATOM 216  C CG  . ARG A 1 33  ? 5.88594   -10.91494 10.11699  1.000 149.73000 ? 33  ARG A CG  1 
ATOM 217  C CD  . ARG A 1 33  ? 5.11363   -12.11191 10.66742  1.000 135.46000 ? 33  ARG A CD  1 
ATOM 218  N NE  . ARG A 1 33  ? 5.71848   -12.75463 11.83486  1.000 137.04000 ? 33  ARG A NE  1 
ATOM 219  C CZ  . ARG A 1 33  ? 6.20742   -12.13507 12.90545  1.000 154.81000 ? 33  ARG A CZ  1 
ATOM 220  N NH1 . ARG A 1 33  ? 6.09262   -10.82591 13.07435  1.000 157.45000 ? 33  ARG A NH1 1 
ATOM 221  N NH2 . ARG A 1 33  ? 6.79745   -12.85615 13.85553  1.000 153.38000 ? 33  ARG A NH2 1 
ATOM 222  N N   . GLY A 1 34  ? 7.01421   -8.05473  9.24358   1.000 142.54000 ? 34  GLY A N   1 
ATOM 223  C CA  . GLY A 1 34  ? 7.25547   -6.92343  10.11665  1.000 123.81000 ? 34  GLY A CA  1 
ATOM 224  C C   . GLY A 1 34  ? 6.29830   -5.78254  9.84665   1.000 131.99000 ? 34  GLY A C   1 
ATOM 225  O O   . GLY A 1 34  ? 5.25745   -5.95262  9.20862   1.000 146.50000 ? 34  GLY A O   1 
ATOM 226  N N   . HIS A 1 35  ? 6.68616   -4.61449  10.35102  1.000 138.35000 ? 35  HIS A N   1 
ATOM 227  C CA  . HIS A 1 35  ? 5.85953   -3.41685  10.33659  1.000 137.10000 ? 35  HIS A CA  1 
ATOM 228  C C   . HIS A 1 35  ? 6.71768   -2.24547  9.88604   1.000 130.59000 ? 35  HIS A C   1 
ATOM 229  O O   . HIS A 1 35  ? 7.73764   -1.94513  10.51659  1.000 150.07000 ? 35  HIS A O   1 
ATOM 230  C CB  . HIS A 1 35  ? 5.27037   -3.14172  11.72429  1.000 139.36000 ? 35  HIS A CB  1 
ATOM 231  C CG  . HIS A 1 35  ? 4.61813   -4.33203  12.35672  1.000 153.25000 ? 35  HIS A CG  1 
ATOM 232  N ND1 . HIS A 1 35  ? 5.32960   -5.43326  12.78215  1.000 180.44000 ? 35  HIS A ND1 1 
ATOM 233  C CD2 . HIS A 1 35  ? 3.31850   -4.59475  12.63547  1.000 163.37000 ? 35  HIS A CD2 1 
ATOM 234  C CE1 . HIS A 1 35  ? 4.49835   -6.32160  13.29612  1.000 181.71000 ? 35  HIS A CE1 1 
ATOM 235  N NE2 . HIS A 1 35  ? 3.27207   -5.83699  13.21906  1.000 185.66000 ? 35  HIS A NE2 1 
ATOM 236  N N   . CYS A 1 36  ? 6.31346   -1.59318  8.80099   1.000 116.48000 ? 36  CYS A N   1 
ATOM 237  C CA  . CYS A 1 36  ? 6.97535   -0.39176  8.31963   1.000 133.27000 ? 36  CYS A CA  1 
ATOM 238  C C   . CYS A 1 36  ? 5.96613   0.74477   8.20840   1.000 136.85000 ? 36  CYS A C   1 
ATOM 239  O O   . CYS A 1 36  ? 4.75382   0.52524   8.12829   1.000 139.12000 ? 36  CYS A O   1 
ATOM 240  C CB  . CYS A 1 36  ? 7.66029   -0.62418  6.96634   1.000 138.28000 ? 36  CYS A CB  1 
ATOM 241  S SG  . CYS A 1 36  ? 8.58871   -2.16567  6.79991   1.000 153.06000 ? 36  CYS A SG  1 
ATOM 242  N N   . PHE A 1 37  ? 6.48517   1.96924   8.19713   1.000 125.34000 ? 37  PHE A N   1 
ATOM 243  C CA  . PHE A 1 37  ? 5.64611   3.15932   8.20905   1.000 130.63000 ? 37  PHE A CA  1 
ATOM 244  C C   . PHE A 1 37  ? 5.06394   3.43207   6.82599   1.000 143.28000 ? 37  PHE A C   1 
ATOM 245  O O   . PHE A 1 37  ? 5.64717   3.07781   5.79942   1.000 134.78000 ? 37  PHE A O   1 
ATOM 246  C CB  . PHE A 1 37  ? 6.45015   4.36950   8.68559   1.000 143.70000 ? 37  PHE A CB  1 
ATOM 247  C CG  . PHE A 1 37  ? 5.64030   5.62738   8.81228   1.000 147.40000 ? 37  PHE A CG  1 
ATOM 248  C CD1 . PHE A 1 37  ? 4.78790   5.81123   9.88858   1.000 141.46000 ? 37  PHE A CD1 1 
ATOM 249  C CD2 . PHE A 1 37  ? 5.73382   6.62748   7.85892   1.000 145.48000 ? 37  PHE A CD2 1 
ATOM 250  C CE1 . PHE A 1 37  ? 4.04170   6.96854   10.00868  1.000 164.08000 ? 37  PHE A CE1 1 
ATOM 251  C CE2 . PHE A 1 37  ? 4.99034   7.78594   7.97400   1.000 148.31000 ? 37  PHE A CE2 1 
ATOM 252  C CZ  . PHE A 1 37  ? 4.14400   7.95756   9.05037   1.000 157.72000 ? 37  PHE A CZ  1 
ATOM 253  N N   . SER A 1 38  ? 3.90120   4.07933   6.80952   1.000 143.95000 ? 38  SER A N   1 
ATOM 254  C CA  . SER A 1 38  ? 3.22585   4.40545   5.56115   1.000 138.64000 ? 38  SER A CA  1 
ATOM 255  C C   . SER A 1 38  ? 2.16501   5.45634   5.83839   1.000 136.69000 ? 38  SER A C   1 
ATOM 256  O O   . SER A 1 38  ? 1.55500   5.46891   6.91081   1.000 149.88000 ? 38  SER A O   1 
ATOM 257  C CB  . SER A 1 38  ? 2.58136   3.16614   4.92925   1.000 143.24000 ? 38  SER A CB  1 
ATOM 258  O OG  . SER A 1 38  ? 1.33270   2.88640   5.53593   1.000 131.33000 ? 38  SER A OG  1 
ATOM 259  N N   . PHE A 1 39  ? 1.95013   6.34108   4.86837   1.000 124.68000 ? 39  PHE A N   1 
ATOM 260  C CA  . PHE A 1 39  ? 0.85836   7.29355   4.97519   1.000 137.15000 ? 39  PHE A CA  1 
ATOM 261  C C   . PHE A 1 39  ? 0.24000   7.51955   3.60185   1.000 150.94000 ? 39  PHE A C   1 
ATOM 262  O O   . PHE A 1 39  ? 0.85826   7.27346   2.56110   1.000 147.98000 ? 39  PHE A O   1 
ATOM 263  C CB  . PHE A 1 39  ? 1.31150   8.60707   5.65244   1.000 142.26000 ? 39  PHE A CB  1 
ATOM 264  C CG  . PHE A 1 39  ? 2.23097   9.47050   4.82752   1.000 168.13000 ? 39  PHE A CG  1 
ATOM 265  C CD1 . PHE A 1 39  ? 1.74341   10.25157  3.79001   1.000 167.82000 ? 39  PHE A CD1 1 
ATOM 266  C CD2 . PHE A 1 39  ? 3.58169   9.53635   5.12580   1.000 182.36000 ? 39  PHE A CD2 1 
ATOM 267  C CE1 . PHE A 1 39  ? 2.58979   11.05639  3.05138   1.000 155.41000 ? 39  PHE A CE1 1 
ATOM 268  C CE2 . PHE A 1 39  ? 4.43316   10.33960  4.38995   1.000 196.35000 ? 39  PHE A CE2 1 
ATOM 269  C CZ  . PHE A 1 39  ? 3.93682   11.10283  3.35417   1.000 187.58000 ? 39  PHE A CZ  1 
ATOM 270  N N   . THR A 1 40  ? -1.01081  7.97578   3.62054   1.000 146.56000 ? 40  THR A N   1 
ATOM 271  C CA  . THR A 1 40  ? -1.84252  8.01948   2.42769   1.000 149.64000 ? 40  THR A CA  1 
ATOM 272  C C   . THR A 1 40  ? -2.96154  9.02466   2.65334   1.000 161.31000 ? 40  THR A C   1 
ATOM 273  O O   . THR A 1 40  ? -3.54502  9.07147   3.73817   1.000 157.31000 ? 40  THR A O   1 
ATOM 274  C CB  . THR A 1 40  ? -2.42717  6.63382   2.11917   1.000 143.06000 ? 40  THR A CB  1 
ATOM 275  O OG1 . THR A 1 40  ? -1.43333  5.82512   1.48396   1.000 170.11000 ? 40  THR A OG1 1 
ATOM 276  C CG2 . THR A 1 40  ? -3.64587  6.73449   1.20866   1.000 154.31000 ? 40  THR A CG2 1 
ATOM 277  N N   . PHE A 1 41  ? -3.24984  9.82883   1.63500   1.000 155.66000 ? 41  PHE A N   1 
ATOM 278  C CA  . PHE A 1 41  ? -4.40236  10.71428  1.70741   1.000 134.29000 ? 41  PHE A CA  1 
ATOM 279  C C   . PHE A 1 41  ? -5.08545  10.78927  0.35263   1.000 123.57000 ? 41  PHE A C   1 
ATOM 280  O O   . PHE A 1 41  ? -4.42192  10.72449  -0.68936  1.000 134.19000 ? 41  PHE A O   1 
ATOM 281  C CB  . PHE A 1 41  ? -4.02020  12.12822  2.17954   1.000 138.86000 ? 41  PHE A CB  1 
ATOM 282  C CG  . PHE A 1 41  ? -3.03231  12.83365  1.29352   1.000 153.66000 ? 41  PHE A CG  1 
ATOM 283  C CD1 . PHE A 1 41  ? -1.66995  12.70184  1.50511   1.000 166.49000 ? 41  PHE A CD1 1 
ATOM 284  C CD2 . PHE A 1 41  ? -3.46818  13.66907  0.27686   1.000 150.58000 ? 41  PHE A CD2 1 
ATOM 285  C CE1 . PHE A 1 41  ? -0.76060  13.36572  0.70118   1.000 157.86000 ? 41  PHE A CE1 1 
ATOM 286  C CE2 . PHE A 1 41  ? -2.56384  14.33545  -0.53018  1.000 159.15000 ? 41  PHE A CE2 1 
ATOM 287  C CZ  . PHE A 1 41  ? -1.20723  14.18625  -0.31495  1.000 144.76000 ? 41  PHE A CZ  1 
ATOM 288  N N   . PRO A 1 42  ? -6.41413  10.91527  0.33360   1.000 123.62000 ? 42  PRO A N   1 
ATOM 289  C CA  . PRO A 1 42  ? -7.11392  11.09224  -0.94362  1.000 135.15000 ? 42  PRO A CA  1 
ATOM 290  C C   . PRO A 1 42  ? -6.84142  12.46076  -1.54092  1.000 133.87000 ? 42  PRO A C   1 
ATOM 291  O O   . PRO A 1 42  ? -7.34381  13.47102  -1.03851  1.000 157.63000 ? 42  PRO A O   1 
ATOM 292  C CB  . PRO A 1 42  ? -8.58996  10.92298  -0.56272  1.000 147.16000 ? 42  PRO A CB  1 
ATOM 293  C CG  . PRO A 1 42  ? -8.64742  11.32776  0.87455   1.000 152.02000 ? 42  PRO A CG  1 
ATOM 294  C CD  . PRO A 1 42  ? -7.34395  10.87794  1.47631   1.000 140.60000 ? 42  PRO A CD  1 
ATOM 295  N N   . ASN A 1 43  ? -6.02141  12.50805  -2.59031  1.000 135.93000 ? 43  ASN A N   1 
ATOM 296  C CA  . ASN A 1 43  ? -5.76625  13.73439  -3.32832  1.000 129.99000 ? 43  ASN A CA  1 
ATOM 297  C C   . ASN A 1 43  ? -6.89578  13.93621  -4.33354  1.000 137.63000 ? 43  ASN A C   1 
ATOM 298  O O   . ASN A 1 43  ? -6.97775  13.20928  -5.33717  1.000 129.38000 ? 43  ASN A O   1 
ATOM 299  C CB  . ASN A 1 43  ? -4.40469  13.65576  -4.02355  1.000 144.64000 ? 43  ASN A CB  1 
ATOM 300  C CG  . ASN A 1 43  ? -4.01091  14.94907  -4.71199  1.000 154.30000 ? 43  ASN A CG  1 
ATOM 301  O OD1 . ASN A 1 43  ? -4.82621  15.84870  -4.89610  1.000 158.77000 ? 43  ASN A OD1 1 
ATOM 302  N ND2 . ASN A 1 43  ? -2.73839  15.05412  -5.07626  1.000 178.56000 ? 43  ASN A ND2 1 
ATOM 303  N N   . PRO A 1 44  ? -7.79150  14.90239  -4.09555  1.000 148.60000 ? 44  PRO A N   1 
ATOM 304  C CA  . PRO A 1 44  ? -8.87019  15.15776  -5.05869  1.000 155.16000 ? 44  PRO A CA  1 
ATOM 305  C C   . PRO A 1 44  ? -8.42243  15.96705  -6.25922  1.000 150.51000 ? 44  PRO A C   1 
ATOM 306  O O   . PRO A 1 44  ? -9.08205  15.90598  -7.30611  1.000 157.31000 ? 44  PRO A O   1 
ATOM 307  C CB  . PRO A 1 44  ? -9.89885  15.93061  -4.22685  1.000 158.12000 ? 44  PRO A CB  1 
ATOM 308  C CG  . PRO A 1 44  ? -9.06084  16.68385  -3.24168  1.000 142.39000 ? 44  PRO A CG  1 
ATOM 309  C CD  . PRO A 1 44  ? -7.86780  15.80222  -2.93097  1.000 141.44000 ? 44  PRO A CD  1 
ATOM 310  N N   . LEU A 1 45  ? -7.33903  16.73692  -6.13276  1.000 154.47000 ? 45  LEU A N   1 
ATOM 311  C CA  . LEU A 1 45  ? -6.76422  17.41364  -7.28955  1.000 172.68000 ? 45  LEU A CA  1 
ATOM 312  C C   . LEU A 1 45  ? -6.38465  16.40569  -8.36637  1.000 174.04000 ? 45  LEU A C   1 
ATOM 313  O O   . LEU A 1 45  ? -6.71173  16.58229  -9.54539  1.000 183.48000 ? 45  LEU A O   1 
ATOM 314  C CB  . LEU A 1 45  ? -5.55053  18.23618  -6.85691  1.000 172.19000 ? 45  LEU A CB  1 
ATOM 315  C CG  . LEU A 1 45  ? -4.54718  18.65904  -7.93089  1.000 194.42000 ? 45  LEU A CG  1 
ATOM 316  C CD1 . LEU A 1 45  ? -5.19768  19.58356  -8.94910  1.000 205.58000 ? 45  LEU A CD1 1 
ATOM 317  C CD2 . LEU A 1 45  ? -3.33870  19.32177  -7.28641  1.000 198.65000 ? 45  LEU A CD2 1 
ATOM 318  N N   . THR A 1 46  ? -5.70034  15.33303  -7.97451  1.000 159.86000 ? 46  THR A N   1 
ATOM 319  C CA  . THR A 1 46  ? -5.42791  14.22237  -8.87364  1.000 161.47000 ? 46  THR A CA  1 
ATOM 320  C C   . THR A 1 46  ? -6.53966  13.18002  -8.87523  1.000 159.86000 ? 46  THR A C   1 
ATOM 321  O O   . THR A 1 46  ? -6.48868  12.24739  -9.68489  1.000 154.80000 ? 46  THR A O   1 
ATOM 322  C CB  . THR A 1 46  ? -4.10009  13.55034  -8.50623  1.000 163.69000 ? 46  THR A CB  1 
ATOM 323  O OG1 . THR A 1 46  ? -4.25557  12.80430  -7.29236  1.000 121.11000 ? 46  THR A OG1 1 
ATOM 324  C CG2 . THR A 1 46  ? -3.00583  14.59420  -8.32448  1.000 188.27000 ? 46  THR A CG2 1 
ATOM 325  N N   . LYS A 1 47  ? -7.53634  13.32199  -7.99589  1.000 158.47000 ? 47  LYS A N   1 
ATOM 326  C CA  . LYS A 1 47  ? -8.66032  12.38643  -7.89376  1.000 148.43000 ? 47  LYS A CA  1 
ATOM 327  C C   . LYS A 1 47  ? -8.18503  10.95259  -7.67968  1.000 145.76000 ? 47  LYS A C   1 
ATOM 328  O O   . LYS A 1 47  ? -8.83270  9.99595   -8.10861  1.000 152.59000 ? 47  LYS A O   1 
ATOM 329  C CB  . LYS A 1 47  ? -9.57264  12.47480  -9.12066  1.000 142.49000 ? 47  LYS A CB  1 
ATOM 330  C CG  . LYS A 1 47  ? -10.63983 13.55314  -9.01986  1.000 134.36000 ? 47  LYS A CG  1 
ATOM 331  C CD  . LYS A 1 47  ? -11.76477 13.30940  -10.01134 1.000 154.77000 ? 47  LYS A CD  1 
ATOM 332  C CE  . LYS A 1 47  ? -11.48613 13.98444  -11.34259 1.000 166.33000 ? 47  LYS A CE  1 
ATOM 333  N NZ  . LYS A 1 47  ? -12.17408 15.30022  -11.45215 1.000 159.99000 ? 47  LYS A NZ  1 
ATOM 334  N N   . LYS A 1 48  ? -7.04260  10.79363  -7.01330  1.000 141.26000 ? 48  LYS A N   1 
ATOM 335  C CA  . LYS A 1 48  ? -6.47863  9.48033   -6.73410  1.000 138.55000 ? 48  LYS A CA  1 
ATOM 336  C C   . LYS A 1 48  ? -5.96024  9.46902   -5.30371  1.000 135.07000 ? 48  LYS A C   1 
ATOM 337  O O   . LYS A 1 48  ? -6.13715  10.42995  -4.55153  1.000 109.78000 ? 48  LYS A O   1 
ATOM 338  C CB  . LYS A 1 48  ? -5.36537  9.12052   -7.72846  1.000 151.43000 ? 48  LYS A CB  1 
ATOM 339  C CG  . LYS A 1 48  ? -5.77328  9.17274   -9.19683  1.000 157.69000 ? 48  LYS A CG  1 
ATOM 340  C CD  . LYS A 1 48  ? -5.36981  7.90171   -9.93637  1.000 141.62000 ? 48  LYS A CD  1 
ATOM 341  C CE  . LYS A 1 48  ? -6.57975  7.06487   -10.31917 1.000 169.04000 ? 48  LYS A CE  1 
ATOM 342  N NZ  . LYS A 1 48  ? -6.17569  5.71061   -10.79300 1.000 172.23000 ? 48  LYS A NZ  1 
ATOM 343  N N   . TYR A 1 49  ? -5.32851  8.36495   -4.92255  1.000 145.73000 ? 49  TYR A N   1 
ATOM 344  C CA  . TYR A 1 49  ? -4.67792  8.26135   -3.62506  1.000 136.38000 ? 49  TYR A CA  1 
ATOM 345  C C   . TYR A 1 49  ? -3.23201  8.72191   -3.73525  1.000 136.08000 ? 49  TYR A C   1 
ATOM 346  O O   . TYR A 1 49  ? -2.48358  8.23483   -4.58882  1.000 145.90000 ? 49  TYR A O   1 
ATOM 347  C CB  . TYR A 1 49  ? -4.72352  6.82644   -3.09628  1.000 142.86000 ? 49  TYR A CB  1 
ATOM 348  C CG  . TYR A 1 49  ? -6.00413  6.44798   -2.38950  1.000 160.41000 ? 49  TYR A CG  1 
ATOM 349  C CD1 . TYR A 1 49  ? -6.29831  6.95954   -1.13141  1.000 165.69000 ? 49  TYR A CD1 1 
ATOM 350  C CD2 . TYR A 1 49  ? -6.90648  5.56013   -2.96234  1.000 165.74000 ? 49  TYR A CD2 1 
ATOM 351  C CE1 . TYR A 1 49  ? -7.46178  6.61028   -0.46985  1.000 169.57000 ? 49  TYR A CE1 1 
ATOM 352  C CE2 . TYR A 1 49  ? -8.07482  5.20384   -2.30660  1.000 170.18000 ? 49  TYR A CE2 1 
ATOM 353  C CZ  . TYR A 1 49  ? -8.34606  5.73317   -1.05891  1.000 161.79000 ? 49  TYR A CZ  1 
ATOM 354  O OH  . TYR A 1 49  ? -9.50432  5.38599   -0.39923  1.000 136.87000 ? 49  TYR A OH  1 
ATOM 355  N N   . SER A 1 50  ? -2.84363  9.66577   -2.88300  1.000 124.57000 ? 50  SER A N   1 
ATOM 356  C CA  . SER A 1 50  ? -1.44652  10.03855  -2.73687  1.000 135.51000 ? 50  SER A CA  1 
ATOM 357  C C   . SER A 1 50  ? -0.85072  9.16972   -1.63643  1.000 138.91000 ? 50  SER A C   1 
ATOM 358  O O   . SER A 1 50  ? -1.28281  9.24094   -0.47805  1.000 146.00000 ? 50  SER A O   1 
ATOM 359  C CB  . SER A 1 50  ? -1.31114  11.52446  -2.40982  1.000 140.19000 ? 50  SER A CB  1 
ATOM 360  O OG  . SER A 1 50  ? -0.10559  12.06204  -2.92703  1.000 154.03000 ? 50  SER A OG  1 
ATOM 361  N N   . VAL A 1 51  ? 0.11651   8.33328   -2.00928  1.000 139.45000 ? 51  VAL A N   1 
ATOM 362  C CA  . VAL A 1 51  ? 0.67074   7.29828   -1.14523  1.000 141.57000 ? 51  VAL A CA  1 
ATOM 363  C C   . VAL A 1 51  ? 2.16263   7.53781   -0.97373  1.000 140.39000 ? 51  VAL A C   1 
ATOM 364  O O   . VAL A 1 51  ? 2.85848   7.88963   -1.93269  1.000 149.20000 ? 51  VAL A O   1 
ATOM 365  C CB  . VAL A 1 51  ? 0.41837   5.89000   -1.72475  1.000 125.56000 ? 51  VAL A CB  1 
ATOM 366  C CG1 . VAL A 1 51  ? 0.57875   4.83124   -0.64985  1.000 131.63000 ? 51  VAL A CG1 1 
ATOM 367  C CG2 . VAL A 1 51  ? -0.96468  5.81454   -2.35536  1.000 141.37000 ? 51  VAL A CG2 1 
ATOM 368  N N   . HIS A 1 52  ? 2.65087   7.34391   0.25129   1.000 127.28000 ? 52  HIS A N   1 
ATOM 369  C CA  . HIS A 1 52  ? 4.08450   7.34521   0.54096   1.000 128.05000 ? 52  HIS A CA  1 
ATOM 370  C C   . HIS A 1 52  ? 4.27523   6.23890   1.57403   1.000 126.59000 ? 52  HIS A C   1 
ATOM 371  O O   . HIS A 1 52  ? 3.93994   6.41772   2.74884   1.000 139.08000 ? 52  HIS A O   1 
ATOM 372  C CB  . HIS A 1 52  ? 4.55409   8.69838   1.05726   1.000 149.74000 ? 52  HIS A CB  1 
ATOM 373  C CG  . HIS A 1 52  ? 4.26949   9.83592   0.12402   1.000 170.95000 ? 52  HIS A CG  1 
ATOM 374  N ND1 . HIS A 1 52  ? 3.01952   10.40347  0.00228   1.000 161.11000 ? 52  HIS A ND1 1 
ATOM 375  C CD2 . HIS A 1 52  ? 5.07602   10.51950  -0.72331  1.000 163.73000 ? 52  HIS A CD2 1 
ATOM 376  C CE1 . HIS A 1 52  ? 3.06556   11.38313  -0.88297  1.000 160.48000 ? 52  HIS A CE1 1 
ATOM 377  N NE2 . HIS A 1 52  ? 4.30146   11.47436  -1.33834  1.000 154.97000 ? 52  HIS A NE2 1 
ATOM 378  N N   . ALA A 1 53  ? 4.78793   5.09106   1.13314   1.000 112.91000 ? 53  ALA A N   1 
ATOM 379  C CA  . ALA A 1 53  ? 4.64988   3.86869   1.90959   1.000 138.12000 ? 53  ALA A CA  1 
ATOM 380  C C   . ALA A 1 53  ? 5.93651   3.05964   1.93835   1.000 136.17000 ? 53  ALA A C   1 
ATOM 381  O O   . ALA A 1 53  ? 6.63855   2.94392   0.92973   1.000 133.28000 ? 53  ALA A O   1 
ATOM 382  C CB  . ALA A 1 53  ? 3.52355   2.99460   1.34888   1.000 167.78000 ? 53  ALA A CB  1 
ATOM 383  N N   . LYS A 1 54  ? 6.22338   2.49601   3.10842   1.000 144.24000 ? 54  LYS A N   1 
ATOM 384  C CA  . LYS A 1 54  ? 7.22061   1.45526   3.29593   1.000 142.32000 ? 54  LYS A CA  1 
ATOM 385  C C   . LYS A 1 54  ? 6.51833   0.10864   3.43979   1.000 158.02000 ? 54  LYS A C   1 
ATOM 386  O O   . LYS A 1 54  ? 5.37340   0.03323   3.89239   1.000 171.93000 ? 54  LYS A O   1 
ATOM 387  C CB  . LYS A 1 54  ? 8.06585   1.72606   4.54465   1.000 150.27000 ? 54  LYS A CB  1 
ATOM 388  C CG  . LYS A 1 54  ? 8.94807   2.95898   4.52093   1.000 176.60000 ? 54  LYS A CG  1 
ATOM 389  C CD  . LYS A 1 54  ? 10.22156  2.72012   3.73652   1.000 144.05000 ? 54  LYS A CD  1 
ATOM 390  C CE  . LYS A 1 54  ? 11.42395  3.11733   4.58050   1.000 151.41000 ? 54  LYS A CE  1 
ATOM 391  N NZ  . LYS A 1 54  ? 12.72044  2.80664   3.92445   1.000 173.91000 ? 54  LYS A NZ  1 
ATOM 392  N N   . CYS A 1 55  ? 7.21712   -0.95501  3.05117   1.000 149.49000 ? 55  CYS A N   1 
ATOM 393  C CA  . CYS A 1 55  ? 6.73186   -2.31801  3.20061   1.000 128.54000 ? 55  CYS A CA  1 
ATOM 394  C C   . CYS A 1 55  ? 7.91128   -3.22885  3.50404   1.000 119.47000 ? 55  CYS A C   1 
ATOM 395  O O   . CYS A 1 55  ? 9.02687   -3.00208  3.02952   1.000 138.42000 ? 55  CYS A O   1 
ATOM 396  C CB  . CYS A 1 55  ? 5.99754   -2.82307  1.94655   1.000 140.41000 ? 55  CYS A CB  1 
ATOM 397  S SG  . CYS A 1 55  ? 4.36707   -2.09898  1.65222   1.000 161.56000 ? 55  CYS A SG  1 
ATOM 398  N N   . CYS A 1 56  ? 7.65543   -4.26070  4.30193   1.000 120.71000 ? 56  CYS A N   1 
ATOM 399  C CA  . CYS A 1 56  ? 8.69067   -5.21127  4.69479   1.000 127.27000 ? 56  CYS A CA  1 
ATOM 400  C C   . CYS A 1 56  ? 8.87071   -6.22829  3.57266   1.000 126.61000 ? 56  CYS A C   1 
ATOM 401  O O   . CYS A 1 56  ? 7.99344   -7.06630  3.33844   1.000 154.15000 ? 56  CYS A O   1 
ATOM 402  C CB  . CYS A 1 56  ? 8.31094   -5.88311  6.01121   1.000 122.67000 ? 56  CYS A CB  1 
ATOM 403  S SG  . CYS A 1 56  ? 9.27548   -7.34509  6.44224   1.000 152.81000 ? 56  CYS A SG  1 
ATOM 404  N N   . ARG A 1 57  ? 9.99844   -6.14941  2.86588   1.000 127.49000 ? 57  ARG A N   1 
ATOM 405  C CA  . ARG A 1 57  ? 10.24922  -6.97572  1.69478   1.000 124.83000 ? 57  ARG A CA  1 
ATOM 406  C C   . ARG A 1 57  ? 11.65050  -7.56871  1.76093   1.000 146.76000 ? 57  ARG A C   1 
ATOM 407  O O   . ARG A 1 57  ? 12.53035  -7.07188  2.47141   1.000 164.26000 ? 57  ARG A O   1 
ATOM 408  C CB  . ARG A 1 57  ? 10.09097  -6.17042  0.39421   1.000 126.11000 ? 57  ARG A CB  1 
ATOM 409  C CG  . ARG A 1 57  ? 8.91381   -5.20509  0.38675   1.000 130.55000 ? 57  ARG A CG  1 
ATOM 410  C CD  . ARG A 1 57  ? 7.92049   -5.53645  -0.71599  1.000 139.05000 ? 57  ARG A CD  1 
ATOM 411  N NE  . ARG A 1 57  ? 8.56987   -6.05563  -1.91480  1.000 142.68000 ? 57  ARG A NE  1 
ATOM 412  C CZ  . ARG A 1 57  ? 8.82185   -5.33636  -3.00005  1.000 153.08000 ? 57  ARG A CZ  1 
ATOM 413  N NH1 . ARG A 1 57  ? 8.49465   -4.05551  -3.07148  1.000 152.30000 ? 57  ARG A NH1 1 
ATOM 414  N NH2 . ARG A 1 57  ? 9.41334   -5.91587  -4.03995  1.000 167.43000 ? 57  ARG A NH2 1 
ATOM 415  N N   . MET A 1 58  ? 11.85175  -8.64146  0.99726   1.000 128.68000 ? 58  MET A N   1 
ATOM 416  C CA  . MET A 1 58  ? 13.16113  -9.26953  0.86804   1.000 130.02000 ? 58  MET A CA  1 
ATOM 417  C C   . MET A 1 58  ? 13.93555  -8.57840  -0.24634  1.000 150.87000 ? 58  MET A C   1 
ATOM 418  O O   . MET A 1 58  ? 13.50723  -8.58568  -1.40599  1.000 153.23000 ? 58  MET A O   1 
ATOM 419  C CB  . MET A 1 58  ? 13.03378  -10.76564 0.57955   1.000 139.94000 ? 58  MET A CB  1 
ATOM 420  C CG  . MET A 1 58  ? 11.74154  -11.18000 -0.10274  1.000 161.69000 ? 58  MET A CG  1 
ATOM 421  S SD  . MET A 1 58  ? 11.78006  -12.88525 -0.69491  1.000 144.03000 ? 58  MET A SD  1 
ATOM 422  C CE  . MET A 1 58  ? 11.10314  -13.75627 0.71493   1.000 105.46000 ? 58  MET A CE  1 
ATOM 423  N N   . VAL A 1 59  ? 15.07552  -7.98453  0.10588   1.000 158.83000 ? 59  VAL A N   1 
ATOM 424  C CA  . VAL A 1 59  ? 15.89913  -7.31350  -0.89612  1.000 169.07000 ? 59  VAL A CA  1 
ATOM 425  C C   . VAL A 1 59  ? 16.62597  -8.34053  -1.75538  1.000 175.79000 ? 59  VAL A C   1 
ATOM 426  O O   . VAL A 1 59  ? 16.54423  -8.31423  -2.98872  1.000 168.46000 ? 59  VAL A O   1 
ATOM 427  C CB  . VAL A 1 59  ? 16.88280  -6.34323  -0.22078  1.000 172.42000 ? 59  VAL A CB  1 
ATOM 428  C CG1 . VAL A 1 59  ? 17.45042  -5.36869  -1.24287  1.000 194.48000 ? 59  VAL A CG1 1 
ATOM 429  C CG2 . VAL A 1 59  ? 16.20398  -5.60590  0.92544   1.000 174.64000 ? 59  VAL A CG2 1 
ATOM 430  N N   . GLU A 1 60  ? 17.35028  -9.25437  -1.11831  1.000 157.95000 ? 60  GLU A N   1 
ATOM 431  C CA  . GLU A 1 60  ? 18.01567  -10.34622 -1.80532  1.000 145.95000 ? 60  GLU A CA  1 
ATOM 432  C C   . GLU A 1 60  ? 17.41212  -11.66768 -1.35615  1.000 150.61000 ? 60  GLU A C   1 
ATOM 433  O O   . GLU A 1 60  ? 16.92333  -11.79466 -0.22823  1.000 144.77000 ? 60  GLU A O   1 
ATOM 434  C CB  . GLU A 1 60  ? 19.52333  -10.34487 -1.53654  1.000 166.89000 ? 60  GLU A CB  1 
ATOM 435  C CG  . GLU A 1 60  ? 20.20667  -9.02230  -1.83108  1.000 188.78000 ? 60  GLU A CG  1 
ATOM 436  C CD  . GLU A 1 60  ? 21.25235  -8.66782  -0.79379  1.000 198.07000 ? 60  GLU A CD  1 
ATOM 437  O OE1 . GLU A 1 60  ? 22.06014  -9.55155  -0.43755  1.000 187.54000 ? 60  GLU A OE1 1 
ATOM 438  O OE2 . GLU A 1 60  ? 21.26883  -7.50495  -0.34068  1.000 200.71000 ? 60  GLU A OE2 1 
ATOM 439  N N   . TRP A 1 61  ? 17.44813  -12.65359 -2.24593  1.000 154.36000 ? 61  TRP A N   1 
ATOM 440  C CA  . TRP A 1 61  ? 16.94978  -13.97596 -1.91037  1.000 140.20000 ? 61  TRP A CA  1 
ATOM 441  C C   . TRP A 1 61  ? 17.78575  -15.02325 -2.62595  1.000 152.88000 ? 61  TRP A C   1 
ATOM 442  O O   . TRP A 1 61  ? 18.66665  -14.71067 -3.43165  1.000 154.19000 ? 61  TRP A O   1 
ATOM 443  C CB  . TRP A 1 61  ? 15.46596  -14.12749 -2.26152  1.000 133.85000 ? 61  TRP A CB  1 
ATOM 444  C CG  . TRP A 1 61  ? 15.15382  -14.02879 -3.72641  1.000 142.57000 ? 61  TRP A CG  1 
ATOM 445  C CD1 . TRP A 1 61  ? 15.46345  -14.93807 -4.69712  1.000 156.86000 ? 61  TRP A CD1 1 
ATOM 446  C CD2 . TRP A 1 61  ? 14.46126  -12.96180 -4.38384  1.000 145.58000 ? 61  TRP A CD2 1 
ATOM 447  N NE1 . TRP A 1 61  ? 15.00808  -14.50186 -5.91689  1.000 162.97000 ? 61  TRP A NE1 1 
ATOM 448  C CE2 . TRP A 1 61  ? 14.38931  -13.29102 -5.75156  1.000 161.67000 ? 61  TRP A CE2 1 
ATOM 449  C CE3 . TRP A 1 61  ? 13.89503  -11.75934 -3.94898  1.000 160.15000 ? 61  TRP A CE3 1 
ATOM 450  C CZ2 . TRP A 1 61  ? 13.77495  -12.46253 -6.68759  1.000 187.72000 ? 61  TRP A CZ2 1 
ATOM 451  C CZ3 . TRP A 1 61  ? 13.28519  -10.93898 -4.87985  1.000 185.19000 ? 61  TRP A CZ3 1 
ATOM 452  C CH2 . TRP A 1 61  ? 13.23048  -11.29337 -6.23350  1.000 195.24000 ? 61  TRP A CH2 1 
ATOM 453  N N   . GLU A 1 62  ? 17.48853  -16.28134 -2.31626  1.000 151.64000 ? 62  GLU A N   1 
ATOM 454  C CA  . GLU A 1 62  ? 18.13865  -17.42706 -2.92862  1.000 155.40000 ? 62  GLU A CA  1 
ATOM 455  C C   . GLU A 1 62  ? 17.07734  -18.41030 -3.39537  1.000 150.90000 ? 62  GLU A C   1 
ATOM 456  O O   . GLU A 1 62  ? 16.10904  -18.67576 -2.67751  1.000 149.39000 ? 62  GLU A O   1 
ATOM 457  C CB  . GLU A 1 62  ? 19.08878  -18.13347 -1.95386  1.000 139.96000 ? 62  GLU A CB  1 
ATOM 458  C CG  . GLU A 1 62  ? 18.65403  -18.05955 -0.50230  1.000 146.60000 ? 62  GLU A CG  1 
ATOM 459  C CD  . GLU A 1 62  ? 19.49785  -18.93446 0.40336   1.000 163.13000 ? 62  GLU A CD  1 
ATOM 460  O OE1 . GLU A 1 62  ? 20.26841  -19.76563 -0.11910  1.000 183.83000 ? 62  GLU A OE1 1 
ATOM 461  O OE2 . GLU A 1 62  ? 19.39051  -18.78724 1.63865   1.000 179.54000 ? 62  GLU A OE2 1 
ATOM 462  N N   . MET A 1 63  ? 17.25784  -18.94070 -4.59943  1.000 151.77000 ? 63  MET A N   1 
ATOM 463  C CA  . MET A 1 63  ? 16.40142  -20.02021 -5.06019  1.000 141.04000 ? 63  MET A CA  1 
ATOM 464  C C   . MET A 1 63  ? 16.70870  -21.30106 -4.29681  1.000 155.72000 ? 63  MET A C   1 
ATOM 465  O O   . MET A 1 63  ? 17.83037  -21.53138 -3.84166  1.000 175.64000 ? 63  MET A O   1 
ATOM 466  C CB  . MET A 1 63  ? 16.56520  -20.24138 -6.56363  1.000 171.27000 ? 63  MET A CB  1 
ATOM 467  C CG  . MET A 1 63  ? 15.86092  -19.19985 -7.41231  1.000 191.13000 ? 63  MET A CG  1 
ATOM 468  S SD  . MET A 1 63  ? 14.10518  -19.11147 -6.99508  1.000 185.39000 ? 63  MET A SD  1 
ATOM 469  C CE  . MET A 1 63  ? 13.54279  -17.81929 -8.09982  1.000 200.98000 ? 63  MET A CE  1 
ATOM 470  N N   . LEU A 1 64  ? 15.68154  -22.13271 -4.15304  1.000 141.54000 ? 64  LEU A N   1 
ATOM 471  C CA  . LEU A 1 64  ? 15.74579  -23.37162 -3.38374  1.000 153.33000 ? 64  LEU A CA  1 
ATOM 472  C C   . LEU A 1 64  ? 15.03057  -24.41911 -4.22754  1.000 144.42000 ? 64  LEU A C   1 
ATOM 473  O O   . LEU A 1 64  ? 13.80045  -24.39903 -4.33354  1.000 129.85000 ? 64  LEU A O   1 
ATOM 474  C CB  . LEU A 1 64  ? 15.09152  -23.21066 -2.01438  1.000 144.02000 ? 64  LEU A CB  1 
ATOM 475  C CG  . LEU A 1 64  ? 15.27164  -24.31431 -0.97051  1.000 159.32000 ? 64  LEU A CG  1 
ATOM 476  C CD1 . LEU A 1 64  ? 15.74026  -23.72567 0.34919   1.000 165.41000 ? 64  LEU A CD1 1 
ATOM 477  C CD2 . LEU A 1 64  ? 13.97888  -25.09718 -0.78651  1.000 119.93000 ? 64  LEU A CD2 1 
ATOM 478  N N   . GLU A 1 65  ? 15.80176  -25.28923 -4.86354  1.000 134.76000 ? 65  GLU A N   1 
ATOM 479  C CA  . GLU A 1 65  ? 15.26123  -26.35972 -5.68277  1.000 151.19000 ? 65  GLU A CA  1 
ATOM 480  C C   . GLU A 1 65  ? 15.20251  -27.64176 -4.86684  1.000 172.59000 ? 65  GLU A C   1 
ATOM 481  O O   . GLU A 1 65  ? 15.86088  -27.77523 -3.83319  1.000 184.15000 ? 65  GLU A O   1 
ATOM 482  C CB  . GLU A 1 65  ? 16.11447  -26.56780 -6.93809  1.000 154.31000 ? 65  GLU A CB  1 
ATOM 483  C CG  . GLU A 1 65  ? 15.96641  -25.46615 -7.97407  1.000 167.04000 ? 65  GLU A CG  1 
ATOM 484  C CD  . GLU A 1 65  ? 16.94565  -25.60558 -9.12205  1.000 175.47000 ? 65  GLU A CD  1 
ATOM 485  O OE1 . GLU A 1 65  ? 16.62956  -26.32813 -10.08877 1.000 177.45000 ? 65  GLU A OE1 1 
ATOM 486  O OE2 . GLU A 1 65  ? 18.03292  -24.99893 -9.05672  1.000 179.61000 ? 65  GLU A OE2 1 
ATOM 487  N N   . THR A 1 66  ? 14.37911  -28.57696 -5.33081  1.000 153.53000 ? 66  THR A N   1 
ATOM 488  C CA  . THR A 1 66  ? 14.31424  -29.88666 -4.68734  1.000 138.62000 ? 66  THR A CA  1 
ATOM 489  C C   . THR A 1 66  ? 13.59221  -30.86583 -5.60046  1.000 152.17000 ? 66  THR A C   1 
ATOM 490  O O   . THR A 1 66  ? 12.90970  -30.46849 -6.54715  1.000 151.71000 ? 66  THR A O   1 
ATOM 491  C CB  . THR A 1 66  ? 13.61405  -29.82416 -3.32375  1.000 145.94000 ? 66  THR A CB  1 
ATOM 492  O OG1 . THR A 1 66  ? 13.80723  -31.06267 -2.63231  1.000 181.57000 ? 66  THR A OG1 1 
ATOM 493  C CG2 . THR A 1 66  ? 12.12589  -29.57884 -3.49571  1.000 170.60000 ? 66  THR A CG2 1 
ATOM 494  N N   . GLU A 1 67  ? 13.75526  -32.15304 -5.30178  1.000 149.20000 ? 67  GLU A N   1 
ATOM 495  C CA  . GLU A 1 67  ? 13.01551  -33.21198 -5.97636  1.000 157.13000 ? 67  GLU A CA  1 
ATOM 496  C C   . GLU A 1 67  ? 11.90303  -33.71692 -5.07248  1.000 157.26000 ? 67  GLU A C   1 
ATOM 497  O O   . GLU A 1 67  ? 12.15162  -34.10941 -3.92781  1.000 160.19000 ? 67  GLU A O   1 
ATOM 498  C CB  . GLU A 1 67  ? 13.91111  -34.38828 -6.36491  1.000 177.75000 ? 67  GLU A CB  1 
ATOM 499  C CG  . GLU A 1 67  ? 13.40721  -35.14639 -7.59217  1.000 178.83000 ? 67  GLU A CG  1 
ATOM 500  C CD  . GLU A 1 67  ? 14.13449  -36.45957 -7.82040  1.000 177.99000 ? 67  GLU A CD  1 
ATOM 501  O OE1 . GLU A 1 67  ? 14.44586  -37.14499 -6.82224  1.000 171.43000 ? 67  GLU A OE1 1 
ATOM 502  O OE2 . GLU A 1 67  ? 14.39171  -36.80868 -8.99185  1.000 179.44000 ? 67  GLU A OE2 1 
ATOM 503  N N   . LEU A 1 68  ? 10.68570  -33.71216 -5.59572  1.000 161.53000 ? 68  LEU A N   1 
ATOM 504  C CA  . LEU A 1 68  ? 9.54351   -34.32893 -4.93743  1.000 175.36000 ? 68  LEU A CA  1 
ATOM 505  C C   . LEU A 1 68  ? 9.38803   -35.73918 -5.49375  1.000 171.74000 ? 68  LEU A C   1 
ATOM 506  O O   . LEU A 1 68  ? 9.10307   -35.91907 -6.68417  1.000 172.78000 ? 68  LEU A O   1 
ATOM 507  C CB  . LEU A 1 68  ? 8.28648   -33.49056 -5.15262  1.000 184.88000 ? 68  LEU A CB  1 
ATOM 508  C CG  . LEU A 1 68  ? 7.01929   -33.93732 -4.43099  1.000 196.42000 ? 68  LEU A CG  1 
ATOM 509  C CD1 . LEU A 1 68  ? 7.10373   -33.55763 -2.97082  1.000 191.36000 ? 68  LEU A CD1 1 
ATOM 510  C CD2 . LEU A 1 68  ? 5.80679   -33.28640 -5.07477  1.000 209.63000 ? 68  LEU A CD2 1 
ATOM 511  N N   . LYS A 1 69  ? 9.60066   -36.73687 -4.63608  1.000 169.25000 ? 69  LYS A N   1 
ATOM 512  C CA  . LYS A 1 69  ? 9.57042   -38.14611 -5.02741  1.000 172.06000 ? 69  LYS A CA  1 
ATOM 513  C C   . LYS A 1 69  ? 8.11766   -38.59244 -5.13034  1.000 185.33000 ? 69  LYS A C   1 
ATOM 514  O O   . LYS A 1 69  ? 7.50435   -39.02594 -4.15370  1.000 185.79000 ? 69  LYS A O   1 
ATOM 515  C CB  . LYS A 1 69  ? 10.34141  -38.99887 -4.02735  1.000 175.42000 ? 69  LYS A CB  1 
ATOM 516  C CG  . LYS A 1 69  ? 11.74301  -38.49879 -3.71389  1.000 166.52000 ? 69  LYS A CG  1 
ATOM 517  C CD  . LYS A 1 69  ? 12.55573  -39.57194 -3.00697  1.000 171.09000 ? 69  LYS A CD  1 
ATOM 518  C CE  . LYS A 1 69  ? 13.90407  -39.04011 -2.55614  1.000 168.75000 ? 69  LYS A CE  1 
ATOM 519  N NZ  . LYS A 1 69  ? 13.82100  -38.36391 -1.23274  1.000 154.00000 ? 69  LYS A NZ  1 
ATOM 520  N N   . CYS A 1 70  ? 7.56088   -38.48840 -6.33081  1.000 179.76000 ? 70  CYS A N   1 
ATOM 521  C CA  . CYS A 1 70  ? 6.19107   -38.90427 -6.58975  1.000 193.10000 ? 70  CYS A CA  1 
ATOM 522  C C   . CYS A 1 70  ? 6.16372   -40.31788 -7.15486  1.000 189.59000 ? 70  CYS A C   1 
ATOM 523  O O   . CYS A 1 70  ? 7.13264   -40.78658 -7.75824  1.000 172.34000 ? 70  CYS A O   1 
ATOM 524  C CB  . CYS A 1 70  ? 5.49534   -37.94492 -7.55760  1.000 201.29000 ? 70  CYS A CB  1 
ATOM 525  S SG  . CYS A 1 70  ? 5.32301   -36.25276 -6.95334  1.000 257.31000 ? 70  CYS A SG  1 
ATOM 526  N N   . SER A 1 71  ? 5.03206   -40.99516 -6.95080  1.000 189.77000 ? 71  SER A N   1 
ATOM 527  C CA  . SER A 1 71  ? 4.87798   -42.35039 -7.46376  1.000 183.10000 ? 71  SER A CA  1 
ATOM 528  C C   . SER A 1 71  ? 4.80568   -42.37445 -8.98481  1.000 192.66000 ? 71  SER A C   1 
ATOM 529  O O   . SER A 1 71  ? 5.23325   -43.35265 -9.60791  1.000 196.73000 ? 71  SER A O   1 
ATOM 530  C CB  . SER A 1 71  ? 3.62999   -42.99861 -6.86417  1.000 183.94000 ? 71  SER A CB  1 
ATOM 531  O OG  . SER A 1 71  ? 2.48005   -42.70054 -7.63731  1.000 188.61000 ? 71  SER A OG  1 
ATOM 532  N N   . LYS A 1 72  ? 4.27876   -41.31796 -9.59703  1.000 188.59000 ? 72  LYS A N   1 
ATOM 533  C CA  . LYS A 1 72  ? 4.10350   -41.24450 -11.04356 1.000 182.39000 ? 72  LYS A CA  1 
ATOM 534  C C   . LYS A 1 72  ? 4.98933   -40.16805 -11.66471 1.000 184.89000 ? 72  LYS A C   1 
ATOM 535  O O   . LYS A 1 72  ? 4.56532   -39.42839 -12.55397 1.000 179.62000 ? 72  LYS A O   1 
ATOM 536  C CB  . LYS A 1 72  ? 2.63854   -40.99916 -11.39303 1.000 177.69000 ? 72  LYS A CB  1 
ATOM 537  C CG  . LYS A 1 72  ? 1.71463   -42.14972 -11.02130 1.000 183.87000 ? 72  LYS A CG  1 
ATOM 538  C CD  . LYS A 1 72  ? 0.38221   -42.05493 -11.75040 1.000 195.08000 ? 72  LYS A CD  1 
ATOM 539  C CE  . LYS A 1 72  ? -0.67624  -42.91638 -11.07951 1.000 186.71000 ? 72  LYS A CE  1 
ATOM 540  N NZ  . LYS A 1 72  ? -1.93900  -42.96030 -11.86620 1.000 171.78000 ? 72  LYS A NZ  1 
ATOM 541  N N   . GLY A 1 73  ? 6.23334   -40.06952 -11.20063 1.000 171.81000 ? 73  GLY A N   1 
ATOM 542  C CA  . GLY A 1 73  ? 7.16875   -39.11587 -11.76333 1.000 190.00000 ? 73  GLY A CA  1 
ATOM 543  C C   . GLY A 1 73  ? 7.62092   -38.04737 -10.79027 1.000 191.47000 ? 73  GLY A C   1 
ATOM 544  O O   . GLY A 1 73  ? 6.81895   -37.22106 -10.34470 1.000 188.21000 ? 73  GLY A O   1 
ATOM 545  N N   . ASN A 1 74  ? 8.90990   -38.05243 -10.46062 1.000 177.57000 ? 74  ASN A N   1 
ATOM 546  C CA  . ASN A 1 74  ? 9.45663   -37.06146 -9.54415  1.000 176.80000 ? 74  ASN A CA  1 
ATOM 547  C C   . ASN A 1 74  ? 9.41491   -35.67395 -10.17145 1.000 169.07000 ? 74  ASN A C   1 
ATOM 548  O O   . ASN A 1 74  ? 9.64521   -35.50871 -11.37221 1.000 172.97000 ? 74  ASN A O   1 
ATOM 549  C CB  . ASN A 1 74  ? 10.89397  -37.42189 -9.17133  1.000 164.21000 ? 74  ASN A CB  1 
ATOM 550  C CG  . ASN A 1 74  ? 10.97677  -38.65767 -8.30047  1.000 175.83000 ? 74  ASN A CG  1 
ATOM 551  O OD1 . ASN A 1 74  ? 10.16980  -39.57738 -8.43139  1.000 188.93000 ? 74  ASN A OD1 1 
ATOM 552  N ND2 . ASN A 1 74  ? 11.95438  -38.68503 -7.40306  1.000 155.19000 ? 74  ASN A ND2 1 
ATOM 553  N N   . ARG A 1 75  ? 9.12194   -34.67150 -9.34933  1.000 173.84000 ? 75  ARG A N   1 
ATOM 554  C CA  . ARG A 1 75  ? 9.02223   -33.29450 -9.80974  1.000 168.32000 ? 75  ARG A CA  1 
ATOM 555  C C   . ARG A 1 75  ? 10.18343  -32.46921 -9.26962  1.000 158.41000 ? 75  ARG A C   1 
ATOM 556  O O   . ARG A 1 75  ? 10.84425  -32.84928 -8.30383  1.000 157.30000 ? 75  ARG A O   1 
ATOM 557  C CB  . ARG A 1 75  ? 7.68908   -32.66869 -9.38535  1.000 168.49000 ? 75  ARG A CB  1 
ATOM 558  C CG  . ARG A 1 75  ? 6.48156   -33.23537 -10.11506 1.000 157.36000 ? 75  ARG A CG  1 
ATOM 559  C CD  . ARG A 1 75  ? 6.53564   -32.89979 -11.60008 1.000 175.58000 ? 75  ARG A CD  1 
ATOM 560  N NE  . ARG A 1 75  ? 5.82645   -31.66535 -11.92200 1.000 186.63000 ? 75  ARG A NE  1 
ATOM 561  C CZ  . ARG A 1 75  ? 4.50966   -31.51195 -11.86831 1.000 183.90000 ? 75  ARG A CZ  1 
ATOM 562  N NH1 . ARG A 1 75  ? 3.70833   -32.50844 -11.52855 1.000 154.58000 ? 75  ARG A NH1 1 
ATOM 563  N NH2 . ARG A 1 75  ? 3.98303   -30.32888 -12.17150 1.000 171.54000 ? 75  ARG A NH2 1 
ATOM 564  N N   . ASN A 1 76  ? 10.42500  -31.32726 -9.90786  1.000 152.05000 ? 76  ASN A N   1 
ATOM 565  C CA  . ASN A 1 76  ? 11.47788  -30.40319 -9.50056  1.000 172.11000 ? 76  ASN A CA  1 
ATOM 566  C C   . ASN A 1 76  ? 10.83785  -29.08183 -9.09935  1.000 161.19000 ? 76  ASN A C   1 
ATOM 567  O O   . ASN A 1 76  ? 10.20712  -28.41697 -9.92822  1.000 148.29000 ? 76  ASN A O   1 
ATOM 568  C CB  . ASN A 1 76  ? 12.49849  -30.20133 -10.62419 1.000 177.53000 ? 76  ASN A CB  1 
ATOM 569  C CG  . ASN A 1 76  ? 13.50511  -31.33469 -10.70845 1.000 173.18000 ? 76  ASN A CG  1 
ATOM 570  O OD1 . ASN A 1 76  ? 14.10941  -31.71702 -9.70609  1.000 176.54000 ? 76  ASN A OD1 1 
ATOM 571  N ND2 . ASN A 1 76  ? 13.68606  -31.87972 -11.90568 1.000 156.07000 ? 76  ASN A ND2 1 
ATOM 572  N N   . LEU A 1 77  ? 11.00464  -28.70598 -7.83417  1.000 154.82000 ? 77  LEU A N   1 
ATOM 573  C CA  . LEU A 1 77  ? 10.33730  -27.55072 -7.25257  1.000 167.24000 ? 77  LEU A CA  1 
ATOM 574  C C   . LEU A 1 77  ? 11.33649  -26.44075 -6.94854  1.000 165.42000 ? 77  LEU A C   1 
ATOM 575  O O   . LEU A 1 77  ? 12.49995  -26.70166 -6.62136  1.000 164.09000 ? 77  LEU A O   1 
ATOM 576  C CB  . LEU A 1 77  ? 9.58677   -27.94166 -5.97485  1.000 171.61000 ? 77  LEU A CB  1 
ATOM 577  C CG  . LEU A 1 77  ? 8.99860   -29.35624 -5.95098  1.000 167.48000 ? 77  LEU A CG  1 
ATOM 578  C CD1 . LEU A 1 77  ? 8.61295   -29.76674 -4.53557  1.000 166.23000 ? 77  LEU A CD1 1 
ATOM 579  C CD2 . LEU A 1 77  ? 7.80172   -29.45503 -6.88585  1.000 179.75000 ? 77  LEU A CD2 1 
ATOM 580  N N   . ARG A 1 78  ? 10.84740  -25.19950 -7.03467  1.000 152.73000 ? 78  ARG A N   1 
ATOM 581  C CA  . ARG A 1 78  ? 11.64579  -23.98351 -6.92123  1.000 146.33000 ? 78  ARG A CA  1 
ATOM 582  C C   . ARG A 1 78  ? 10.94778  -23.00876 -5.98146  1.000 150.79000 ? 78  ARG A C   1 
ATOM 583  O O   . ARG A 1 78  ? 9.77498   -22.67938 -6.18927  1.000 140.90000 ? 78  ARG A O   1 
ATOM 584  C CB  . ARG A 1 78  ? 11.83275  -23.33145 -8.29628  1.000 146.35000 ? 78  ARG A CB  1 
ATOM 585  C CG  . ARG A 1 78  ? 13.08033  -23.75347 -9.04755  1.000 167.64000 ? 78  ARG A CG  1 
ATOM 586  C CD  . ARG A 1 78  ? 12.93407  -23.46028 -10.54043 1.000 152.79000 ? 78  ARG A CD  1 
ATOM 587  N NE  . ARG A 1 78  ? 13.38066  -22.13225 -10.95509 1.000 162.11000 ? 78  ARG A NE  1 
ATOM 588  C CZ  . ARG A 1 78  ? 14.57449  -21.60234 -10.71409 1.000 160.87000 ? 78  ARG A CZ  1 
ATOM 589  N NH1 . ARG A 1 78  ? 15.53349  -22.28788 -10.11042 1.000 132.64000 ? 78  ARG A NH1 1 
ATOM 590  N NH2 . ARG A 1 78  ? 14.82330  -20.35884 -11.11387 1.000 158.02000 ? 78  ARG A NH2 1 
ATOM 591  N N   . ILE A 1 79  ? 11.65996  -22.54964 -4.95422  1.000 144.80000 ? 79  ILE A N   1 
ATOM 592  C CA  . ILE A 1 79  ? 11.10702  -21.59325 -3.99287  1.000 119.78000 ? 79  ILE A CA  1 
ATOM 593  C C   . ILE A 1 79  ? 12.11428  -20.48511 -3.70677  1.000 137.02000 ? 79  ILE A C   1 
ATOM 594  O O   . ILE A 1 79  ? 13.30056  -20.76765 -3.51675  1.000 142.66000 ? 79  ILE A O   1 
ATOM 595  C CB  . ILE A 1 79  ? 10.71830  -22.27000 -2.66851  1.000 117.54000 ? 79  ILE A CB  1 
ATOM 596  C CG1 . ILE A 1 79  ? 10.02340  -23.60909 -2.89763  1.000 150.41000 ? 79  ILE A CG1 1 
ATOM 597  C CG2 . ILE A 1 79  ? 9.82789   -21.34931 -1.84968  1.000 114.13000 ? 79  ILE A CG2 1 
ATOM 598  C CD1 . ILE A 1 79  ? 9.97537   -24.46162 -1.65217  1.000 177.27000 ? 79  ILE A CD1 1 
ATOM 599  N N   . PRO A 1 80  ? 11.70242  -19.22259 -3.65394  1.000 132.41000 ? 80  PRO A N   1 
ATOM 600  C CA  . PRO A 1 80  ? 12.59600  -18.18744 -3.12127  1.000 132.96000 ? 80  PRO A CA  1 
ATOM 601  C C   . PRO A 1 80  ? 12.63735  -18.23426 -1.59994  1.000 119.85000 ? 80  PRO A C   1 
ATOM 602  O O   . PRO A 1 80  ? 11.62534  -18.47782 -0.93802  1.000 119.08000 ? 80  PRO A O   1 
ATOM 603  C CB  . PRO A 1 80  ? 11.96602  -16.87867 -3.61741  1.000 132.69000 ? 80  PRO A CB  1 
ATOM 604  C CG  . PRO A 1 80  ? 11.05255  -17.27332 -4.72893  1.000 127.03000 ? 80  PRO A CG  1 
ATOM 605  C CD  . PRO A 1 80  ? 10.57114  -18.65158 -4.40242  1.000 141.36000 ? 80  PRO A CD  1 
ATOM 606  N N   . SER A 1 81  ? 13.82577  -18.00188 -1.04416  1.000 104.50000 ? 81  SER A N   1 
ATOM 607  C CA  . SER A 1 81  ? 14.01178  -17.91228 0.39860   1.000 108.30000 ? 81  SER A CA  1 
ATOM 608  C C   . SER A 1 81  ? 14.81974  -16.66103 0.70338   1.000 117.31000 ? 81  SER A C   1 
ATOM 609  O O   . SER A 1 81  ? 15.84268  -16.40697 0.05831   1.000 137.85000 ? 81  SER A O   1 
ATOM 610  C CB  . SER A 1 81  ? 14.71529  -19.15452 0.95441   1.000 119.82000 ? 81  SER A CB  1 
ATOM 611  O OG  . SER A 1 81  ? 15.29582  -18.88667 2.21848   1.000 119.69000 ? 81  SER A OG  1 
ATOM 612  N N   . ALA A 1 82  ? 14.36625  -15.88879 1.68615   1.000 108.79000 ? 82  ALA A N   1 
ATOM 613  C CA  . ALA A 1 82  ? 14.94423  -14.57680 1.93683   1.000 126.22000 ? 82  ALA A CA  1 
ATOM 614  C C   . ALA A 1 82  ? 16.34479  -14.68369 2.53036   1.000 156.77000 ? 82  ALA A C   1 
ATOM 615  O O   . ALA A 1 82  ? 16.66925  -15.62385 3.26056   1.000 162.68000 ? 82  ALA A O   1 
ATOM 616  C CB  . ALA A 1 82  ? 14.04621  -13.77311 2.87583   1.000 124.28000 ? 82  ALA A CB  1 
ATOM 617  N N   . THR A 1 83  ? 17.17925  -13.70068 2.19942   1.000 151.05000 ? 83  THR A N   1 
ATOM 618  C CA  . THR A 1 83  ? 18.49189  -13.53462 2.80742   1.000 144.84000 ? 83  THR A CA  1 
ATOM 619  C C   . THR A 1 83  ? 18.65867  -12.20413 3.52054   1.000 152.46000 ? 83  THR A C   1 
ATOM 620  O O   . THR A 1 83  ? 19.41724  -12.13132 4.49031   1.000 177.81000 ? 83  THR A O   1 
ATOM 621  C CB  . THR A 1 83  ? 19.60250  -13.67237 1.75396   1.000 154.62000 ? 83  THR A CB  1 
ATOM 622  O OG1 . THR A 1 83  ? 19.29923  -12.84670 0.62333   1.000 160.61000 ? 83  THR A OG1 1 
ATOM 623  C CG2 . THR A 1 83  ? 19.73413  -15.11682 1.30314   1.000 139.24000 ? 83  THR A CG2 1 
ATOM 624  N N   . GLN A 1 84  ? 17.97747  -11.15327 3.06910   1.000 138.80000 ? 84  GLN A N   1 
ATOM 625  C CA  . GLN A 1 84  ? 17.98379  -9.86554  3.74729   1.000 154.03000 ? 84  GLN A CA  1 
ATOM 626  C C   . GLN A 1 84  ? 16.58509  -9.27503  3.68077   1.000 134.78000 ? 84  GLN A C   1 
ATOM 627  O O   . GLN A 1 84  ? 16.01680  -9.14176  2.59389   1.000 117.94000 ? 84  GLN A O   1 
ATOM 628  C CB  . GLN A 1 84  ? 18.99721  -8.90070  3.12170   1.000 170.41000 ? 84  GLN A CB  1 
ATOM 629  C CG  . GLN A 1 84  ? 19.40964  -7.76713  4.04708   1.000 161.22000 ? 84  GLN A CG  1 
ATOM 630  C CD  . GLN A 1 84  ? 19.71354  -6.48225  3.30245   1.000 202.26000 ? 84  GLN A CD  1 
ATOM 631  O OE1 . GLN A 1 84  ? 20.54693  -6.45698  2.39598   1.000 208.47000 ? 84  GLN A OE1 1 
ATOM 632  N NE2 . GLN A 1 84  ? 19.03638  -5.40531  3.68272   1.000 217.11000 ? 84  GLN A NE2 1 
ATOM 633  N N   . CYS A 1 85  ? 16.03315  -8.93839  4.84303   1.000 117.97000 ? 85  CYS A N   1 
ATOM 634  C CA  . CYS A 1 85  ? 14.70620  -8.35111  4.95562   1.000 117.70000 ? 85  CYS A CA  1 
ATOM 635  C C   . CYS A 1 85  ? 14.84267  -6.89047  5.36355   1.000 144.64000 ? 85  CYS A C   1 
ATOM 636  O O   . CYS A 1 85  ? 15.64308  -6.55926  6.24352   1.000 162.74000 ? 85  CYS A O   1 
ATOM 637  C CB  . CYS A 1 85  ? 13.85997  -9.10207  5.98794   1.000 139.82000 ? 85  CYS A CB  1 
ATOM 638  S SG  . CYS A 1 85  ? 13.38837  -10.79026 5.52701   1.000 157.51000 ? 85  CYS A SG  1 
ATOM 639  N N   . GLU A 1 86  ? 14.06092  -6.01701  4.73117   1.000 143.37000 ? 86  GLU A N   1 
ATOM 640  C CA  . GLU A 1 86  ? 14.17337  -4.59588  5.03002   1.000 156.79000 ? 86  GLU A CA  1 
ATOM 641  C C   . GLU A 1 86  ? 12.89417  -3.87830  4.62592   1.000 148.63000 ? 86  GLU A C   1 
ATOM 642  O O   . GLU A 1 86  ? 12.07823  -4.40065  3.86277   1.000 148.73000 ? 86  GLU A O   1 
ATOM 643  C CB  . GLU A 1 86  ? 15.38184  -3.96962  4.32498   1.000 168.96000 ? 86  GLU A CB  1 
ATOM 644  C CG  . GLU A 1 86  ? 16.25603  -3.12441  5.23663   1.000 183.22000 ? 86  GLU A CG  1 
ATOM 645  C CD  . GLU A 1 86  ? 17.43707  -2.51456  4.50925   1.000 205.11000 ? 86  GLU A CD  1 
ATOM 646  O OE1 . GLU A 1 86  ? 17.48453  -2.61179  3.26544   1.000 202.42000 ? 86  GLU A OE1 1 
ATOM 647  O OE2 . GLU A 1 86  ? 18.31972  -1.94086  5.18220   1.000 220.85000 ? 86  GLU A OE2 1 
ATOM 648  N N   . CYS A 1 87  ? 12.73857  -2.66410  5.14824   1.000 134.95000 ? 87  CYS A N   1 
ATOM 649  C CA  . CYS A 1 87  ? 11.60390  -1.80881  4.81965   1.000 117.58000 ? 87  CYS A CA  1 
ATOM 650  C C   . CYS A 1 87  ? 11.96594  -1.00936  3.57181   1.000 131.17000 ? 87  CYS A C   1 
ATOM 651  O O   . CYS A 1 87  ? 12.86008  -0.15828  3.61000   1.000 150.08000 ? 87  CYS A O   1 
ATOM 652  C CB  . CYS A 1 87  ? 11.26755  -0.88564  5.98784   1.000 139.54000 ? 87  CYS A CB  1 
ATOM 653  S SG  . CYS A 1 87  ? 10.46677  -1.68709  7.41060   1.000 149.52000 ? 87  CYS A SG  1 
ATOM 654  N N   . PHE A 1 88  ? 11.28273  -1.28970  2.46458   1.000 120.39000 ? 88  PHE A N   1 
ATOM 655  C CA  . PHE A 1 88  ? 11.59014  -0.67723  1.17943   1.000 123.72000 ? 88  PHE A CA  1 
ATOM 656  C C   . PHE A 1 88  ? 10.29415  -0.21014  0.52981   1.000 127.74000 ? 88  PHE A C   1 
ATOM 657  O O   . PHE A 1 88  ? 9.20738   -0.34291  1.09706   1.000 124.52000 ? 88  PHE A O   1 
ATOM 658  C CB  . PHE A 1 88  ? 12.34875  -1.65963  0.27995   1.000 117.43000 ? 88  PHE A CB  1 
ATOM 659  C CG  . PHE A 1 88  ? 13.16316  -0.99739  -0.79284  1.000 146.96000 ? 88  PHE A CG  1 
ATOM 660  C CD1 . PHE A 1 88  ? 13.99217  0.07212   -0.49606  1.000 179.78000 ? 88  PHE A CD1 1 
ATOM 661  C CD2 . PHE A 1 88  ? 13.10414  -1.45086  -2.09995  1.000 159.05000 ? 88  PHE A CD2 1 
ATOM 662  C CE1 . PHE A 1 88  ? 14.74208  0.68030   -1.48562  1.000 197.71000 ? 88  PHE A CE1 1 
ATOM 663  C CE2 . PHE A 1 88  ? 13.85275  -0.84711  -3.09321  1.000 195.95000 ? 88  PHE A CE2 1 
ATOM 664  C CZ  . PHE A 1 88  ? 14.67351  0.21977   -2.78499  1.000 207.37000 ? 88  PHE A CZ  1 
ATOM 665  N N   . ASP A 1 89  ? 10.40582  0.34767   -0.67208  1.000 133.17000 ? 89  ASP A N   1 
ATOM 666  C CA  . ASP A 1 89  ? 9.21864   0.79332   -1.38798  1.000 122.28000 ? 89  ASP A CA  1 
ATOM 667  C C   . ASP A 1 89  ? 8.33888   -0.39973  -1.73745  1.000 133.90000 ? 89  ASP A C   1 
ATOM 668  O O   . ASP A 1 89  ? 8.82000   -1.42123  -2.23463  1.000 152.02000 ? 89  ASP A O   1 
ATOM 669  C CB  . ASP A 1 89  ? 9.61311   1.55269   -2.65354  1.000 146.78000 ? 89  ASP A CB  1 
ATOM 670  C CG  . ASP A 1 89  ? 8.51534   2.48016   -3.14567  1.000 158.87000 ? 89  ASP A CG  1 
ATOM 671  O OD1 . ASP A 1 89  ? 7.32434   2.16957   -2.93259  1.000 163.19000 ? 89  ASP A OD1 1 
ATOM 672  O OD2 . ASP A 1 89  ? 8.84575   3.52039   -3.75232  1.000 145.40000 ? 89  ASP A OD2 1 
ATOM 673  N N   . CYS A 1 90  ? 7.03914   -0.26097  -1.46939  1.000 147.99000 ? 90  CYS A N   1 
ATOM 674  C CA  . CYS A 1 90  ? 6.08640   -1.33199  -1.73149  1.000 142.97000 ? 90  CYS A CA  1 
ATOM 675  C C   . CYS A 1 90  ? 5.95231   -1.62687  -3.21950  1.000 141.23000 ? 90  CYS A C   1 
ATOM 676  O O   . CYS A 1 90  ? 5.58021   -2.74675  -3.58983  1.000 156.14000 ? 90  CYS A O   1 
ATOM 677  C CB  . CYS A 1 90  ? 4.71883   -0.95961  -1.16048  1.000 138.22000 ? 90  CYS A CB  1 
ATOM 678  S SG  . CYS A 1 90  ? 4.75064   -0.42518  0.57091   1.000 159.63000 ? 90  CYS A SG  1 
ATOM 679  N N   . LEU A 1 91  ? 6.25449   -0.65004  -4.07317  1.000 147.41000 ? 91  LEU A N   1 
ATOM 680  C CA  . LEU A 1 91  ? 6.00328   -0.71909  -5.50684  1.000 159.20000 ? 91  LEU A CA  1 
ATOM 681  C C   . LEU A 1 91  ? 7.24474   -1.04690  -6.32353  1.000 163.89000 ? 91  LEU A C   1 
ATOM 682  O O   . LEU A 1 91  ? 7.21342   -0.92408  -7.55249  1.000 165.48000 ? 91  LEU A O   1 
ATOM 683  C CB  . LEU A 1 91  ? 5.41297   0.60725   -5.99226  1.000 181.95000 ? 91  LEU A CB  1 
ATOM 684  C CG  . LEU A 1 91  ? 3.89599   0.77669   -6.00313  1.000 193.36000 ? 91  LEU A CG  1 
ATOM 685  C CD1 . LEU A 1 91  ? 3.32740   0.04981   -7.19751  1.000 178.67000 ? 91  LEU A CD1 1 
ATOM 686  C CD2 . LEU A 1 91  ? 3.26855   0.23844   -4.73231  1.000 172.41000 ? 91  LEU A CD2 1 
ATOM 687  N N   . VAL A 1 92  ? 8.33055   -1.45839  -5.68152  1.000 169.04000 ? 92  VAL A N   1 
ATOM 688  C CA  . VAL A 1 92  ? 9.57276   -1.70230  -6.39868  1.000 182.38000 ? 92  VAL A CA  1 
ATOM 689  C C   . VAL A 1 92  ? 10.03996  -3.13938  -6.19249  1.000 180.14000 ? 92  VAL A C   1 
ATOM 690  O O   . VAL A 1 92  ? 9.72058   -4.02174  -6.98827  1.000 172.31000 ? 92  VAL A O   1 
ATOM 691  C CB  . VAL A 1 92  ? 10.65970  -0.70525  -5.96742  1.000 182.76000 ? 92  VAL A CB  1 
ATOM 692  C CG1 . VAL A 1 92  ? 12.02409  -1.16481  -6.45278  1.000 197.63000 ? 92  VAL A CG1 1 
ATOM 693  C CG2 . VAL A 1 92  ? 10.33699  0.68681   -6.48863  1.000 186.77000 ? 92  VAL A CG2 1 
ATOM 694  N N   . GLU B 2 3   ? -3.18892  0.96151   15.44839  1.000 120.81000 ? 3   GLU B N   1 
ATOM 695  C CA  . GLU B 2 3   ? -2.39818  0.52443   14.30330  1.000 120.31000 ? 3   GLU B CA  1 
ATOM 696  C C   . GLU B 2 3   ? -2.19630  1.67084   13.31091  1.000 135.43000 ? 3   GLU B C   1 
ATOM 697  O O   . GLU B 2 3   ? -1.07245  1.95484   12.90225  1.000 124.04000 ? 3   GLU B O   1 
ATOM 698  C CB  . GLU B 2 3   ? -3.06925  -0.66642  13.61628  1.000 129.15000 ? 3   GLU B CB  1 
ATOM 699  C CG  . GLU B 2 3   ? -2.11571  -1.54278  12.81979  1.000 148.05000 ? 3   GLU B CG  1 
ATOM 700  C CD  . GLU B 2 3   ? -2.82692  -2.66449  12.08740  1.000 151.43000 ? 3   GLU B CD  1 
ATOM 701  O OE1 . GLU B 2 3   ? -4.01203  -2.48849  11.73565  1.000 160.72000 ? 3   GLU B OE1 1 
ATOM 702  O OE2 . GLU B 2 3   ? -2.19963  -3.72222  11.86074  1.000 146.65000 ? 3   GLU B OE2 1 
ATOM 703  N N   . CYS B 2 4   ? -3.28819  2.32041   12.92191  1.000 152.41000 ? 4   CYS B N   1 
ATOM 704  C CA  . CYS B 2 4   ? -3.24784  3.49640   12.06504  1.000 144.24000 ? 4   CYS B CA  1 
ATOM 705  C C   . CYS B 2 4   ? -3.72598  4.71589   12.84810  1.000 141.66000 ? 4   CYS B C   1 
ATOM 706  O O   . CYS B 2 4   ? -4.22757  4.60938   13.97062  1.000 159.86000 ? 4   CYS B O   1 
ATOM 707  C CB  . CYS B 2 4   ? -4.10230  3.29519   10.80601  1.000 150.14000 ? 4   CYS B CB  1 
ATOM 708  S SG  . CYS B 2 4   ? -3.45972  2.13420   9.55336   1.000 164.85000 ? 4   CYS B SG  1 
ATOM 709  N N   . GLU B 2 5   ? -3.57544  5.88826   12.23431  1.000 130.57000 ? 5   GLU B N   1 
ATOM 710  C CA  . GLU B 2 5   ? -3.87634  7.15629   12.88040  1.000 138.92000 ? 5   GLU B CA  1 
ATOM 711  C C   . GLU B 2 5   ? -4.45560  8.11901   11.85769  1.000 146.95000 ? 5   GLU B C   1 
ATOM 712  O O   . GLU B 2 5   ? -4.00677  8.15816   10.70757  1.000 149.18000 ? 5   GLU B O   1 
ATOM 713  C CB  . GLU B 2 5   ? -2.61774  7.76556   13.51265  1.000 170.16000 ? 5   GLU B CB  1 
ATOM 714  C CG  . GLU B 2 5   ? -2.84156  8.43492   14.85497  1.000 182.27000 ? 5   GLU B CG  1 
ATOM 715  C CD  . GLU B 2 5   ? -1.63611  9.24167   15.30101  1.000 191.03000 ? 5   GLU B CD  1 
ATOM 716  O OE1 . GLU B 2 5   ? -1.43501  10.35659  14.77329  1.000 191.79000 ? 5   GLU B OE1 1 
ATOM 717  O OE2 . GLU B 2 5   ? -0.89112  8.76180   16.17862  1.000 195.93000 ? 5   GLU B OE2 1 
ATOM 718  N N   . PHE B 2 6   ? -5.43657  8.90630   12.29496  1.000 149.91000 ? 6   PHE B N   1 
ATOM 719  C CA  . PHE B 2 6   ? -6.16452  9.83932   11.44742  1.000 156.42000 ? 6   PHE B CA  1 
ATOM 720  C C   . PHE B 2 6   ? -5.90989  11.26777  11.90616  1.000 156.37000 ? 6   PHE B C   1 
ATOM 721  O O   . PHE B 2 6   ? -5.83924  11.53863  13.10914  1.000 154.04000 ? 6   PHE B O   1 
ATOM 722  C CB  . PHE B 2 6   ? -7.67029  9.53624   11.48347  1.000 148.18000 ? 6   PHE B CB  1 
ATOM 723  C CG  . PHE B 2 6   ? -8.49705  10.43045  10.60276  1.000 153.08000 ? 6   PHE B CG  1 
ATOM 724  C CD1 . PHE B 2 6   ? -8.69569  10.11772  9.26867   1.000 157.00000 ? 6   PHE B CD1 1 
ATOM 725  C CD2 . PHE B 2 6   ? -9.09255  11.57229  11.11390  1.000 160.87000 ? 6   PHE B CD2 1 
ATOM 726  C CE1 . PHE B 2 6   ? -9.45856  10.93547  8.45700   1.000 145.75000 ? 6   PHE B CE1 1 
ATOM 727  C CE2 . PHE B 2 6   ? -9.85687  12.39507  10.30698  1.000 173.32000 ? 6   PHE B CE2 1 
ATOM 728  C CZ  . PHE B 2 6   ? -10.04140 12.07512  8.97685   1.000 154.78000 ? 6   PHE B CZ  1 
ATOM 729  N N   . ALA B 2 7   ? -5.78054  12.18197  10.94491  1.000 160.89000 ? 7   ALA B N   1 
ATOM 730  C CA  . ALA B 2 7   ? -5.61125  13.59462  11.26314  1.000 154.80000 ? 7   ALA B CA  1 
ATOM 731  C C   . ALA B 2 7   ? -5.92986  14.42651  10.03104  1.000 141.27000 ? 7   ALA B C   1 
ATOM 732  O O   . ALA B 2 7   ? -5.67150  14.00776  8.90330   1.000 131.41000 ? 7   ALA B O   1 
ATOM 733  C CB  . ALA B 2 7   ? -4.19050  13.89604  11.75453  1.000 158.74000 ? 7   ALA B CB  1 
ATOM 734  N N   . MET B 2 8   ? -6.48983  15.61074  10.25161  1.000 119.08000 ? 8   MET B N   1 
ATOM 735  C CA  . MET B 2 8   ? -6.76776  16.53008  9.15591   1.000 157.47000 ? 8   MET B CA  1 
ATOM 736  C C   . MET B 2 8   ? -5.58336  17.47364  8.98384   1.000 175.28000 ? 8   MET B C   1 
ATOM 737  O O   . MET B 2 8   ? -5.14365  18.11059  9.94637   1.000 178.46000 ? 8   MET B O   1 
ATOM 738  C CB  . MET B 2 8   ? -8.05699  17.30687  9.41216   1.000 164.18000 ? 8   MET B CB  1 
ATOM 739  C CG  . MET B 2 8   ? -9.28647  16.41513  9.49862   1.000 126.80000 ? 8   MET B CG  1 
ATOM 740  S SD  . MET B 2 8   ? -9.91184  15.91566  7.88121   1.000 155.21000 ? 8   MET B SD  1 
ATOM 741  C CE  . MET B 2 8   ? -11.00703 17.27888  7.50339   1.000 193.82000 ? 8   MET B CE  1 
ATOM 742  N N   . ARG B 2 9   ? -5.06749  17.55726  7.75703   1.000 167.37000 ? 9   ARG B N   1 
ATOM 743  C CA  . ARG B 2 9   ? -3.75855  18.15511  7.52825   1.000 162.23000 ? 9   ARG B CA  1 
ATOM 744  C C   . ARG B 2 9   ? -3.80601  19.08725  6.32425   1.000 169.83000 ? 9   ARG B C   1 
ATOM 745  O O   . ARG B 2 9   ? -4.73876  19.05381  5.52001   1.000 146.13000 ? 9   ARG B O   1 
ATOM 746  C CB  . ARG B 2 9   ? -2.69748  17.06617  7.31696   1.000 165.57000 ? 9   ARG B CB  1 
ATOM 747  C CG  . ARG B 2 9   ? -1.61498  17.02403  8.38109   1.000 183.11000 ? 9   ARG B CG  1 
ATOM 748  C CD  . ARG B 2 9   ? -0.45564  16.13767  7.95355   1.000 209.78000 ? 9   ARG B CD  1 
ATOM 749  N NE  . ARG B 2 9   ? 0.75207   16.89516  7.64688   1.000 224.28000 ? 9   ARG B NE  1 
ATOM 750  C CZ  . ARG B 2 9   ? 1.50933   17.50224  8.55104   1.000 220.27000 ? 9   ARG B CZ  1 
ATOM 751  N NH1 . ARG B 2 9   ? 1.21836   17.45925  9.84268   1.000 209.97000 ? 9   ARG B NH1 1 
ATOM 752  N NH2 . ARG B 2 9   ? 2.58897   18.16665  8.15158   1.000 229.57000 ? 9   ARG B NH2 1 
ATOM 753  N N   . LEU B 2 10  ? -2.77731  19.92680  6.21155   1.000 185.82000 ? 10  LEU B N   1 
ATOM 754  C CA  . LEU B 2 10  ? -2.62318  20.85338  5.09555   1.000 161.03000 ? 10  LEU B CA  1 
ATOM 755  C C   . LEU B 2 10  ? -1.46070  20.39452  4.22533   1.000 170.28000 ? 10  LEU B C   1 
ATOM 756  O O   . LEU B 2 10  ? -0.32496  20.28740  4.70297   1.000 175.70000 ? 10  LEU B O   1 
ATOM 757  C CB  . LEU B 2 10  ? -2.40060  22.28261  5.59024   1.000 145.97000 ? 10  LEU B CB  1 
ATOM 758  C CG  . LEU B 2 10  ? -3.65913  22.99049  6.09396   1.000 169.78000 ? 10  LEU B CG  1 
ATOM 759  C CD1 . LEU B 2 10  ? -3.36263  24.44457  6.41795   1.000 182.70000 ? 10  LEU B CD1 1 
ATOM 760  C CD2 . LEU B 2 10  ? -4.77737  22.88343  5.06902   1.000 153.06000 ? 10  LEU B CD2 1 
ATOM 761  N N   . VAL B 2 11  ? -1.74638  20.14025  2.95288   1.000 168.49000 ? 11  VAL B N   1 
ATOM 762  C CA  . VAL B 2 11  ? -0.79807  19.55755  2.00555   1.000 177.12000 ? 11  VAL B CA  1 
ATOM 763  C C   . VAL B 2 11  ? -0.22241  20.68389  1.15156   1.000 175.42000 ? 11  VAL B C   1 
ATOM 764  O O   . VAL B 2 11  ? -0.90615  21.69590  0.94033   1.000 146.85000 ? 11  VAL B O   1 
ATOM 765  C CB  . VAL B 2 11  ? -1.49283  18.46980  1.16437   1.000 187.16000 ? 11  VAL B CB  1 
ATOM 766  C CG1 . VAL B 2 11  ? -0.63220  17.99905  -0.00142  1.000 179.67000 ? 11  VAL B CG1 1 
ATOM 767  C CG2 . VAL B 2 11  ? -1.87443  17.29164  2.05034   1.000 211.67000 ? 11  VAL B CG2 1 
ATOM 768  N N   . PRO B 2 12  ? 1.05002   20.58018  0.68776   1.000 180.90000 ? 12  PRO B N   1 
ATOM 769  C CA  . PRO B 2 12  ? 1.62140   21.60635  -0.19943  1.000 167.09000 ? 12  PRO B CA  1 
ATOM 770  C C   . PRO B 2 12  ? 0.66946   22.16827  -1.24682  1.000 159.38000 ? 12  PRO B C   1 
ATOM 771  O O   . PRO B 2 12  ? 0.48654   23.38747  -1.32808  1.000 159.69000 ? 12  PRO B O   1 
ATOM 772  C CB  . PRO B 2 12  ? 2.78301   20.85767  -0.86237  1.000 180.80000 ? 12  PRO B CB  1 
ATOM 773  C CG  . PRO B 2 12  ? 3.25049   19.89162  0.20165   1.000 152.92000 ? 12  PRO B CG  1 
ATOM 774  C CD  . PRO B 2 12  ? 2.09552   19.65571  1.16708   1.000 181.24000 ? 12  PRO B CD  1 
ATOM 775  N N   . GLY B 2 13  ? 0.05295   21.29795  -2.04946  1.000 168.95000 ? 13  GLY B N   1 
ATOM 776  C CA  . GLY B 2 13  ? -0.81786  21.76518  -3.11552  1.000 165.95000 ? 13  GLY B CA  1 
ATOM 777  C C   . GLY B 2 13  ? -2.11190  22.39380  -2.63878  1.000 160.89000 ? 13  GLY B C   1 
ATOM 778  O O   . GLY B 2 13  ? -2.76201  23.10625  -3.41135  1.000 131.44000 ? 13  GLY B O   1 
ATOM 779  N N   . PHE B 2 14  ? -2.49672  22.15176  -1.38570  1.000 166.51000 ? 14  PHE B N   1 
ATOM 780  C CA  . PHE B 2 14  ? -3.76495  22.62784  -0.84390  1.000 153.33000 ? 14  PHE B CA  1 
ATOM 781  C C   . PHE B 2 14  ? -3.55457  23.62309  0.29185   1.000 150.01000 ? 14  PHE B C   1 
ATOM 782  O O   . PHE B 2 14  ? -4.38164  23.72165  1.20008   1.000 155.14000 ? 14  PHE B O   1 
ATOM 783  C CB  . PHE B 2 14  ? -4.62869  21.45916  -0.36653  1.000 167.63000 ? 14  PHE B CB  1 
ATOM 784  C CG  . PHE B 2 14  ? -4.81207  20.37497  -1.39080  1.000 170.43000 ? 14  PHE B CG  1 
ATOM 785  C CD1 . PHE B 2 14  ? -3.81168  19.44783  -1.63494  1.000 179.77000 ? 14  PHE B CD1 1 
ATOM 786  C CD2 . PHE B 2 14  ? -5.99132  20.28385  -2.10846  1.000 178.28000 ? 14  PHE B CD2 1 
ATOM 787  C CE1 . PHE B 2 14  ? -3.98425  18.45594  -2.57837  1.000 182.55000 ? 14  PHE B CE1 1 
ATOM 788  C CE2 . PHE B 2 14  ? -6.16910  19.29428  -3.05258  1.000 169.72000 ? 14  PHE B CE2 1 
ATOM 789  C CZ  . PHE B 2 14  ? -5.16529  18.37921  -3.28615  1.000 169.71000 ? 14  PHE B CZ  1 
ATOM 790  N N   . ASN B 2 15  ? -2.45319  24.36888  0.25552   1.000 152.92000 ? 15  ASN B N   1 
ATOM 791  C CA  . ASN B 2 15  ? -2.13429  25.34973  1.29425   1.000 169.08000 ? 15  ASN B CA  1 
ATOM 792  C C   . ASN B 2 15  ? -1.62919  26.63137  0.64391   1.000 173.14000 ? 15  ASN B C   1 
ATOM 793  O O   . ASN B 2 15  ? -0.43616  26.95351  0.70530   1.000 179.23000 ? 15  ASN B O   1 
ATOM 794  C CB  . ASN B 2 15  ? -1.10834  24.78032  2.27629   1.000 172.89000 ? 15  ASN B CB  1 
ATOM 795  C CG  . ASN B 2 15  ? -0.83100  25.71486  3.43684   1.000 185.14000 ? 15  ASN B CG  1 
ATOM 796  O OD1 . ASN B 2 15  ? -1.74658  26.13943  4.14020   1.000 174.75000 ? 15  ASN B OD1 1 
ATOM 797  N ND2 . ASN B 2 15  ? 0.44081   26.03919  3.64381   1.000 197.54000 ? 15  ASN B ND2 1 
ATOM 798  N N   . PRO B 2 16  ? -2.52302  27.39740  0.00080   1.000 166.23000 ? 16  PRO B N   1 
ATOM 799  C CA  . PRO B 2 16  ? -3.94185  27.12344  -0.24294  1.000 146.06000 ? 16  PRO B CA  1 
ATOM 800  C C   . PRO B 2 16  ? -4.17227  26.49229  -1.60966  1.000 151.05000 ? 16  PRO B C   1 
ATOM 801  O O   . PRO B 2 16  ? -3.24500  26.34435  -2.40079  1.000 146.76000 ? 16  PRO B O   1 
ATOM 802  C CB  . PRO B 2 16  ? -4.56613  28.51567  -0.13486  1.000 135.16000 ? 16  PRO B CB  1 
ATOM 803  C CG  . PRO B 2 16  ? -3.50963  29.41974  -0.72369  1.000 181.26000 ? 16  PRO B CG  1 
ATOM 804  C CD  . PRO B 2 16  ? -2.16683  28.76275  -0.42625  1.000 185.08000 ? 16  PRO B CD  1 
ATOM 805  N N   . LEU B 2 17  ? -5.40763  26.10775  -1.90975  1.000 147.08000 ? 17  LEU B N   1 
ATOM 806  C CA  . LEU B 2 17  ? -5.75908  25.53459  -3.20046  1.000 151.06000 ? 17  LEU B CA  1 
ATOM 807  C C   . LEU B 2 17  ? -6.29270  26.61849  -4.12508  1.000 166.33000 ? 17  LEU B C   1 
ATOM 808  O O   . LEU B 2 17  ? -7.07315  27.47653  -3.70177  1.000 180.37000 ? 17  LEU B O   1 
ATOM 809  C CB  . LEU B 2 17  ? -6.80276  24.42950  -3.04095  1.000 128.23000 ? 17  LEU B CB  1 
ATOM 810  C CG  . LEU B 2 17  ? -7.25736  23.80379  -4.35958  1.000 159.37000 ? 17  LEU B CG  1 
ATOM 811  C CD1 . LEU B 2 17  ? -6.42405  22.58333  -4.71372  1.000 168.73000 ? 17  LEU B CD1 1 
ATOM 812  C CD2 . LEU B 2 17  ? -8.72747  23.45995  -4.29217  1.000 180.25000 ? 17  LEU B CD2 1 
ATOM 813  N N   . ARG B 2 18  ? -5.86710  26.57228  -5.38698  1.000 172.10000 ? 18  ARG B N   1 
ATOM 814  C CA  . ARG B 2 18  ? -6.27624  27.52376  -6.40974  1.000 193.56000 ? 18  ARG B CA  1 
ATOM 815  C C   . ARG B 2 18  ? -7.03763  26.79513  -7.50956  1.000 186.69000 ? 18  ARG B C   1 
ATOM 816  O O   . ARG B 2 18  ? -6.64017  25.70650  -7.93465  1.000 171.76000 ? 18  ARG B O   1 
ATOM 817  C CB  . ARG B 2 18  ? -5.06043  28.24572  -7.01059  1.000 215.70000 ? 18  ARG B CB  1 
ATOM 818  C CG  . ARG B 2 18  ? -3.95002  28.54270  -6.00801  1.000 218.96000 ? 18  ARG B CG  1 
ATOM 819  C CD  . ARG B 2 18  ? -2.94287  29.54529  -6.55716  1.000 221.80000 ? 18  ARG B CD  1 
ATOM 820  N NE  . ARG B 2 18  ? -3.14924  30.88700  -6.02450  1.000 218.04000 ? 18  ARG B NE  1 
ATOM 821  C CZ  . ARG B 2 18  ? -2.55993  31.35551  -4.93218  1.000 206.06000 ? 18  ARG B CZ  1 
ATOM 822  N NH1 . ARG B 2 18  ? -1.72589  30.61089  -4.22320  1.000 179.29000 ? 18  ARG B NH1 1 
ATOM 823  N NH2 . ARG B 2 18  ? -2.81532  32.59932  -4.54020  1.000 203.83000 ? 18  ARG B NH2 1 
ATOM 824  N N   . GLN B 2 19  ? -8.13321  27.39961  -7.96811  1.000 204.18000 ? 19  GLN B N   1 
ATOM 825  C CA  . GLN B 2 19  ? -8.95466  26.83708  -9.03267  1.000 202.06000 ? 19  GLN B CA  1 
ATOM 826  C C   . GLN B 2 19  ? -9.26038  27.92128  -10.05353 1.000 221.53000 ? 19  GLN B C   1 
ATOM 827  O O   . GLN B 2 19  ? -9.71648  29.00950  -9.68759  1.000 226.83000 ? 19  GLN B O   1 
ATOM 828  C CB  . GLN B 2 19  ? -10.25827 26.25104  -8.48066  1.000 198.32000 ? 19  GLN B CB  1 
ATOM 829  C CG  . GLN B 2 19  ? -10.07608 25.04313  -7.58021  1.000 201.87000 ? 19  GLN B CG  1 
ATOM 830  C CD  . GLN B 2 19  ? -11.20018 24.03500  -7.72913  1.000 217.92000 ? 19  GLN B CD  1 
ATOM 831  O OE1 . GLN B 2 19  ? -12.33122 24.28563  -7.31263  1.000 206.54000 ? 19  GLN B OE1 1 
ATOM 832  N NE2 . GLN B 2 19  ? -10.89383 22.88801  -8.32528  1.000 220.86000 ? 19  GLN B NE2 1 
ATOM 833  N N   . VAL B 2 20  ? -9.01914  27.62177  -11.32759 1.000 218.60000 ? 20  VAL B N   1 
ATOM 834  C CA  . VAL B 2 20  ? -9.21694  28.56994  -12.41620 1.000 211.27000 ? 20  VAL B CA  1 
ATOM 835  C C   . VAL B 2 20  ? -10.24327 27.99503  -13.38302 1.000 208.73000 ? 20  VAL B C   1 
ATOM 836  O O   . VAL B 2 20  ? -10.15446 26.82462  -13.77032 1.000 194.25000 ? 20  VAL B O   1 
ATOM 837  C CB  . VAL B 2 20  ? -7.89779  28.88563  -13.14300 1.000 208.66000 ? 20  VAL B CB  1 
ATOM 838  C CG1 . VAL B 2 20  ? -8.08935  30.04515  -14.11167 1.000 214.06000 ? 20  VAL B CG1 1 
ATOM 839  C CG2 . VAL B 2 20  ? -6.80785  29.20966  -12.13533 1.000 207.74000 ? 20  VAL B CG2 1 
ATOM 840  N N   . ASP B 2 21  ? -11.21184 28.81903  -13.76513 1.000 221.55000 ? 21  ASP B N   1 
ATOM 841  C CA  . ASP B 2 21  ? -12.24444 28.46649  -14.72316 1.000 227.38000 ? 21  ASP B CA  1 
ATOM 842  C C   . ASP B 2 21  ? -11.91266 29.04144  -16.09757 1.000 227.38000 ? 21  ASP B C   1 
ATOM 843  O O   . ASP B 2 21  ? -10.83374 29.59871  -16.32138 1.000 219.12000 ? 21  ASP B O   1 
ATOM 844  C CB  . ASP B 2 21  ? -13.60510 28.95309  -14.20932 1.000 232.15000 ? 21  ASP B CB  1 
ATOM 845  C CG  . ASP B 2 21  ? -13.69445 30.47255  -14.11071 1.000 222.69000 ? 21  ASP B CG  1 
ATOM 846  O OD1 . ASP B 2 21  ? -12.72049 31.17311  -14.46150 1.000 219.56000 ? 21  ASP B OD1 1 
ATOM 847  O OD2 . ASP B 2 21  ? -14.75200 30.97857  -13.68753 1.000 215.19000 ? 21  ASP B OD2 1 
ATOM 848  N N   . ALA B 2 22  ? -12.84598 28.90346  -17.03480 1.000 220.90000 ? 22  ALA B N   1 
ATOM 849  C CA  . ALA B 2 22  ? -12.78441 29.69379  -18.25142 1.000 223.98000 ? 22  ALA B CA  1 
ATOM 850  C C   . ALA B 2 22  ? -13.04241 31.15791  -17.91456 1.000 238.14000 ? 22  ALA B C   1 
ATOM 851  O O   . ALA B 2 22  ? -13.74263 31.47606  -16.95043 1.000 242.30000 ? 22  ALA B O   1 
ATOM 852  C CB  . ALA B 2 22  ? -13.80022 29.19193  -19.27633 1.000 205.68000 ? 22  ALA B CB  1 
ATOM 853  N N   . ASN B 2 23  ? -12.46391 32.04667  -18.72282 1.000 242.34000 ? 23  ASN B N   1 
ATOM 854  C CA  . ASN B 2 23  ? -12.36270 33.49816  -18.53738 1.000 252.53000 ? 23  ASN B CA  1 
ATOM 855  C C   . ASN B 2 23  ? -11.28140 33.85258  -17.51846 1.000 238.42000 ? 23  ASN B C   1 
ATOM 856  O O   . ASN B 2 23  ? -11.07749 35.04465  -17.24757 1.000 221.44000 ? 23  ASN B O   1 
ATOM 857  C CB  . ASN B 2 23  ? -13.68208 34.17444  -18.12064 1.000 265.53000 ? 23  ASN B CB  1 
ATOM 858  C CG  . ASN B 2 23  ? -14.87502 33.68656  -18.92701 1.000 270.94000 ? 23  ASN B CG  1 
ATOM 859  O OD1 . ASN B 2 23  ? -15.62355 32.81209  -18.48809 1.000 286.61000 ? 23  ASN B OD1 1 
ATOM 860  N ND2 . ASN B 2 23  ? -15.06099 34.25761  -20.11191 1.000 270.23000 ? 23  ASN B ND2 1 
ATOM 861  N N   . GLY B 2 24  ? -10.58494 32.87240  -16.94460 1.000 228.03000 ? 24  GLY B N   1 
ATOM 862  C CA  . GLY B 2 24  ? -9.43157  33.13646  -16.10866 1.000 220.39000 ? 24  GLY B CA  1 
ATOM 863  C C   . GLY B 2 24  ? -9.71852  33.61266  -14.70172 1.000 212.30000 ? 24  GLY B C   1 
ATOM 864  O O   . GLY B 2 24  ? -8.79973  34.10422  -14.03802 1.000 213.98000 ? 24  GLY B O   1 
ATOM 865  N N   . LYS B 2 25  ? -10.95354 33.48593  -14.22041 1.000 215.76000 ? 25  LYS B N   1 
ATOM 866  C CA  . LYS B 2 25  ? -11.27646 33.89056  -12.85760 1.000 213.30000 ? 25  LYS B CA  1 
ATOM 867  C C   . LYS B 2 25  ? -10.91549 32.77099  -11.88918 1.000 224.07000 ? 25  LYS B C   1 
ATOM 868  O O   . LYS B 2 25  ? -11.30693 31.61714  -12.08650 1.000 221.50000 ? 25  LYS B O   1 
ATOM 869  C CB  . LYS B 2 25  ? -12.75857 34.25536  -12.72999 1.000 197.15000 ? 25  LYS B CB  1 
ATOM 870  C CG  . LYS B 2 25  ? -13.28735 35.34304  -13.68433 1.000 191.26000 ? 25  LYS B CG  1 
ATOM 871  C CD  . LYS B 2 25  ? -12.19790 36.24920  -14.25669 1.000 195.32000 ? 25  LYS B CD  1 
ATOM 872  C CE  . LYS B 2 25  ? -12.70675 37.66723  -14.47223 1.000 164.45000 ? 25  LYS B CE  1 
ATOM 873  N NZ  . LYS B 2 25  ? -11.62915 38.56678  -14.97418 1.000 101.49000 ? 25  LYS B NZ  1 
ATOM 874  N N   . GLU B 2 26  ? -10.16724 33.11438  -10.84314 1.000 228.97000 ? 26  GLU B N   1 
ATOM 875  C CA  . GLU B 2 26  ? -9.58851  32.13207  -9.93970  1.000 229.60000 ? 26  GLU B CA  1 
ATOM 876  C C   . GLU B 2 26  ? -10.14860 32.29685  -8.53177  1.000 233.41000 ? 26  GLU B C   1 
ATOM 877  O O   . GLU B 2 26  ? -10.38735 33.41642  -8.06942  1.000 241.03000 ? 26  GLU B O   1 
ATOM 878  C CB  . GLU B 2 26  ? -8.05597  32.25180  -9.91603  1.000 238.59000 ? 26  GLU B CB  1 
ATOM 879  C CG  . GLU B 2 26  ? -7.36897  31.42105  -8.83936  1.000 235.83000 ? 26  GLU B CG  1 
ATOM 880  C CD  . GLU B 2 26  ? -5.91155  31.79384  -8.64957  1.000 231.86000 ? 26  GLU B CD  1 
ATOM 881  O OE1 . GLU B 2 26  ? -5.23647  32.09050  -9.65682  1.000 229.49000 ? 26  GLU B OE1 1 
ATOM 882  O OE2 . GLU B 2 26  ? -5.44100  31.78913  -7.49254  1.000 233.70000 ? 26  GLU B OE2 1 
ATOM 883  N N   . CYS B 2 27  ? -10.35667 31.16603  -7.86078  1.000 235.59000 ? 27  CYS B N   1 
ATOM 884  C CA  . CYS B 2 27  ? -10.75304 31.12383  -6.45883  1.000 233.88000 ? 27  CYS B CA  1 
ATOM 885  C C   . CYS B 2 27  ? -9.71362  30.33883  -5.67177  1.000 220.95000 ? 27  CYS B C   1 
ATOM 886  O O   . CYS B 2 27  ? -9.33878  29.22990  -6.06979  1.000 203.33000 ? 27  CYS B O   1 
ATOM 887  C CB  . CYS B 2 27  ? -12.13727 30.49152  -6.29586  1.000 226.06000 ? 27  CYS B CB  1 
ATOM 888  S SG  . CYS B 2 27  ? -13.50034 31.53369  -6.85156  1.000 216.86000 ? 27  CYS B SG  1 
ATOM 889  N N   . ARG B 2 28  ? -9.24690  30.91200  -4.56357  1.000 230.78000 ? 28  ARG B N   1 
ATOM 890  C CA  . ARG B 2 28  ? -8.25279  30.26951  -3.71741  1.000 226.24000 ? 28  ARG B CA  1 
ATOM 891  C C   . ARG B 2 28  ? -8.80901  30.04186  -2.31716  1.000 207.71000 ? 28  ARG B C   1 
ATOM 892  O O   . ARG B 2 28  ? -9.80413  30.64720  -1.90851  1.000 210.57000 ? 28  ARG B O   1 
ATOM 893  C CB  . ARG B 2 28  ? -6.95938  31.09622  -3.62645  1.000 220.83000 ? 28  ARG B CB  1 
ATOM 894  C CG  . ARG B 2 28  ? -7.16095  32.59053  -3.42895  1.000 231.46000 ? 28  ARG B CG  1 
ATOM 895  C CD  . ARG B 2 28  ? -5.99832  33.38292  -4.00678  1.000 230.78000 ? 28  ARG B CD  1 
ATOM 896  N NE  . ARG B 2 28  ? -6.14111  33.62556  -5.43800  1.000 237.08000 ? 28  ARG B NE  1 
ATOM 897  C CZ  . ARG B 2 28  ? -6.88097  34.59371  -5.96090  1.000 228.07000 ? 28  ARG B CZ  1 
ATOM 898  N NH1 . ARG B 2 28  ? -7.56499  35.43023  -5.19671  1.000 215.57000 ? 28  ARG B NH1 1 
ATOM 899  N NH2 . ARG B 2 28  ? -6.93115  34.72974  -7.28170  1.000 219.58000 ? 28  ARG B NH2 1 
ATOM 900  N N   . GLY B 2 29  ? -8.14686  29.14398  -1.58851  1.000 184.82000 ? 29  GLY B N   1 
ATOM 901  C CA  . GLY B 2 29  ? -8.52863  28.83839  -0.22132  1.000 175.14000 ? 29  GLY B CA  1 
ATOM 902  C C   . GLY B 2 29  ? -7.90344  27.57814  0.34595   1.000 159.40000 ? 29  GLY B C   1 
ATOM 903  O O   . GLY B 2 29  ? -7.79654  26.56371  -0.34930  1.000 138.45000 ? 29  GLY B O   1 
ATOM 904  N N   . ASN B 2 30  ? -7.48719  27.63446  1.61190   1.000 149.57000 ? 30  ASN B N   1 
ATOM 905  C CA  . ASN B 2 30  ? -6.93761  26.46089  2.28030   1.000 151.93000 ? 30  ASN B CA  1 
ATOM 906  C C   . ASN B 2 30  ? -7.95970  25.33067  2.29859   1.000 152.61000 ? 30  ASN B C   1 
ATOM 907  O O   . ASN B 2 30  ? -9.16521  25.56324  2.42627   1.000 152.87000 ? 30  ASN B O   1 
ATOM 908  C CB  . ASN B 2 30  ? -6.51980  26.80890  3.71327   1.000 157.87000 ? 30  ASN B CB  1 
ATOM 909  C CG  . ASN B 2 30  ? -5.10693  27.36115  3.79887   1.000 169.81000 ? 30  ASN B CG  1 
ATOM 910  O OD1 . ASN B 2 30  ? -4.31519  27.22108  2.87083   1.000 161.86000 ? 30  ASN B OD1 1 
ATOM 911  N ND2 . ASN B 2 30  ? -4.78597  27.99396  4.92280   1.000 170.73000 ? 30  ASN B ND2 1 
ATOM 912  N N   . VAL B 2 31  ? -7.47266  24.09845  2.16425   1.000 155.22000 ? 31  VAL B N   1 
ATOM 913  C CA  . VAL B 2 31  ? -8.32260  22.91216  2.16517   1.000 155.67000 ? 31  VAL B CA  1 
ATOM 914  C C   . VAL B 2 31  ? -7.64954  21.84510  3.01561   1.000 152.70000 ? 31  VAL B C   1 
ATOM 915  O O   . VAL B 2 31  ? -6.56790  21.35878  2.66440   1.000 160.89000 ? 31  VAL B O   1 
ATOM 916  C CB  . VAL B 2 31  ? -8.58279  22.37357  0.74655   1.000 164.93000 ? 31  VAL B CB  1 
ATOM 917  C CG1 . VAL B 2 31  ? -9.18220  20.97672  0.81095   1.000 158.63000 ? 31  VAL B CG1 1 
ATOM 918  C CG2 . VAL B 2 31  ? -9.49631  23.31731  -0.02630  1.000 177.52000 ? 31  VAL B CG2 1 
ATOM 919  N N   . GLU B 2 32  ? -8.28156  21.47747  4.12585   1.000 139.21000 ? 32  GLU B N   1 
ATOM 920  C CA  . GLU B 2 32  ? -7.78312  20.38094  4.94233   1.000 152.53000 ? 32  GLU B CA  1 
ATOM 921  C C   . GLU B 2 32  ? -8.14360  19.04644  4.30548   1.000 156.06000 ? 32  GLU B C   1 
ATOM 922  O O   . GLU B 2 32  ? -9.24549  18.86844  3.77882   1.000 140.48000 ? 32  GLU B O   1 
ATOM 923  C CB  . GLU B 2 32  ? -8.34847  20.45676  6.35965   1.000 143.56000 ? 32  GLU B CB  1 
ATOM 924  C CG  . GLU B 2 32  ? -7.31137  20.78283  7.42258   1.000 166.90000 ? 32  GLU B CG  1 
ATOM 925  C CD  . GLU B 2 32  ? -7.93970  21.16478  8.74543   1.000 172.18000 ? 32  GLU B CD  1 
ATOM 926  O OE1 . GLU B 2 32  ? -9.12872  20.83991  8.95194   1.000 160.83000 ? 32  GLU B OE1 1 
ATOM 927  O OE2 . GLU B 2 32  ? -7.24764  21.77987  9.58266   1.000 182.05000 ? 32  GLU B OE2 1 
ATOM 928  N N   . LEU B 2 33  ? -7.20155  18.10925  4.35635   1.000 149.38000 ? 33  LEU B N   1 
ATOM 929  C CA  . LEU B 2 33  ? -7.35270  16.78557  3.78383   1.000 145.45000 ? 33  LEU B CA  1 
ATOM 930  C C   . LEU B 2 33  ? -7.29504  15.72679  4.87885   1.000 147.17000 ? 33  LEU B C   1 
ATOM 931  O O   . LEU B 2 33  ? -6.56528  15.88705  5.86542   1.000 137.70000 ? 33  LEU B O   1 
ATOM 932  C CB  . LEU B 2 33  ? -6.25610  16.50155  2.74734   1.000 140.28000 ? 33  LEU B CB  1 
ATOM 933  C CG  . LEU B 2 33  ? -6.33655  17.26760  1.42430   1.000 171.54000 ? 33  LEU B CG  1 
ATOM 934  C CD1 . LEU B 2 33  ? -5.25823  16.80754  0.44837   1.000 195.34000 ? 33  LEU B CD1 1 
ATOM 935  C CD2 . LEU B 2 33  ? -7.71728  17.13151  0.80650   1.000 163.91000 ? 33  LEU B CD2 1 
ATOM 936  N N   . PRO B 2 34  ? -8.05943  14.64198  4.74084   1.000 147.89000 ? 34  PRO B N   1 
ATOM 937  C CA  . PRO B 2 34  ? -7.92224  13.52000  5.67962   1.000 141.60000 ? 34  PRO B CA  1 
ATOM 938  C C   . PRO B 2 34  ? -6.61121  12.78980  5.43050   1.000 120.10000 ? 34  PRO B C   1 
ATOM 939  O O   . PRO B 2 34  ? -6.26340  12.48138  4.28961   1.000 120.61000 ? 34  PRO B O   1 
ATOM 940  C CB  . PRO B 2 34  ? -9.13706  12.63780  5.37087   1.000 157.41000 ? 34  PRO B CB  1 
ATOM 941  C CG  . PRO B 2 34  ? -9.56774  13.01007  3.99472   1.000 146.94000 ? 34  PRO B CG  1 
ATOM 942  C CD  . PRO B 2 34  ? -8.98058  14.34426  3.63007   1.000 155.07000 ? 34  PRO B CD  1 
ATOM 943  N N   . PHE B 2 35  ? -5.89657  12.49554  6.51355   1.000 123.12000 ? 35  PHE B N   1 
ATOM 944  C CA  . PHE B 2 35  ? -4.49659  12.09970  6.46969   1.000 145.24000 ? 35  PHE B CA  1 
ATOM 945  C C   . PHE B 2 35  ? -4.34377  10.88602  7.37384   1.000 153.25000 ? 35  PHE B C   1 
ATOM 946  O O   . PHE B 2 35  ? -4.48392  10.99966  8.59705   1.000 152.97000 ? 35  PHE B O   1 
ATOM 947  C CB  . PHE B 2 35  ? -3.60739  13.25222  6.94239   1.000 164.11000 ? 35  PHE B CB  1 
ATOM 948  C CG  . PHE B 2 35  ? -2.23864  13.27375  6.32824   1.000 173.06000 ? 35  PHE B CG  1 
ATOM 949  C CD1 . PHE B 2 35  ? -2.03992  13.80641  5.06538   1.000 141.99000 ? 35  PHE B CD1 1 
ATOM 950  C CD2 . PHE B 2 35  ? -1.14616  12.78082  7.02099   1.000 188.09000 ? 35  PHE B CD2 1 
ATOM 951  C CE1 . PHE B 2 35  ? -0.77667  13.83964  4.50315   1.000 168.67000 ? 35  PHE B CE1 1 
ATOM 952  C CE2 . PHE B 2 35  ? 0.11823   12.80785  6.46253   1.000 196.16000 ? 35  PHE B CE2 1 
ATOM 953  C CZ  . PHE B 2 35  ? 0.30399   13.33714  5.20204   1.000 198.09000 ? 35  PHE B CZ  1 
ATOM 954  N N   . CYS B 2 36  ? -4.08184  9.72930   6.77575   1.000 156.43000 ? 36  CYS B N   1 
ATOM 955  C CA  . CYS B 2 36  ? -3.90803  8.48503   7.50870   1.000 158.28000 ? 36  CYS B CA  1 
ATOM 956  C C   . CYS B 2 36  ? -2.43388  8.11241   7.51991   1.000 156.69000 ? 36  CYS B C   1 
ATOM 957  O O   . CYS B 2 36  ? -1.75590  8.20625   6.49222   1.000 149.87000 ? 36  CYS B O   1 
ATOM 958  C CB  . CYS B 2 36  ? -4.72648  7.35758   6.87695   1.000 157.77000 ? 36  CYS B CB  1 
ATOM 959  S SG  . CYS B 2 36  ? -6.49899  7.42463   7.21942   1.000 160.62000 ? 36  CYS B SG  1 
ATOM 960  N N   . LYS B 2 37  ? -1.93927  7.68965   8.67985   1.000 150.67000 ? 37  LYS B N   1 
ATOM 961  C CA  . LYS B 2 37  ? -0.53449  7.32058   8.79677   1.000 145.48000 ? 37  LYS B CA  1 
ATOM 962  C C   . LYS B 2 37  ? -0.35624  6.30003   9.91074   1.000 140.14000 ? 37  LYS B C   1 
ATOM 963  O O   . LYS B 2 37  ? -1.08931  6.30814   10.90065  1.000 150.21000 ? 37  LYS B O   1 
ATOM 964  C CB  . LYS B 2 37  ? 0.34792   8.55411   9.04046   1.000 161.02000 ? 37  LYS B CB  1 
ATOM 965  C CG  . LYS B 2 37  ? 0.18894   9.21035   10.40004  1.000 173.09000 ? 37  LYS B CG  1 
ATOM 966  C CD  . LYS B 2 37  ? 0.91493   10.54752  10.43041  1.000 166.01000 ? 37  LYS B CD  1 
ATOM 967  C CE  . LYS B 2 37  ? 1.47313   10.85772  11.80643  1.000 148.67000 ? 37  LYS B CE  1 
ATOM 968  N NZ  . LYS B 2 37  ? 2.26931   12.11597  11.80312  1.000 136.50000 ? 37  LYS B NZ  1 
ATOM 969  N N   . GLY B 2 38  ? 0.61671   5.41795   9.73765   1.000 147.35000 ? 38  GLY B N   1 
ATOM 970  C CA  . GLY B 2 38  ? 0.89034   4.41729   10.74603  1.000 152.55000 ? 38  GLY B CA  1 
ATOM 971  C C   . GLY B 2 38  ? 1.76374   3.30844   10.19357  1.000 141.22000 ? 38  GLY B C   1 
ATOM 972  O O   . GLY B 2 38  ? 2.25588   3.37563   9.06629   1.000 127.68000 ? 38  GLY B O   1 
ATOM 973  N N   . TYR B 2 39  ? 1.93835   2.28137   11.02301  1.000 123.26000 ? 39  TYR B N   1 
ATOM 974  C CA  . TYR B 2 39  ? 2.77928   1.12573   10.71426  1.000 123.13000 ? 39  TYR B CA  1 
ATOM 975  C C   . TYR B 2 39  ? 1.87380   -0.08654  10.52105  1.000 138.28000 ? 39  TYR B C   1 
ATOM 976  O O   . TYR B 2 39  ? 1.45670   -0.71727  11.49674  1.000 151.06000 ? 39  TYR B O   1 
ATOM 977  C CB  . TYR B 2 39  ? 3.78220   0.86530   11.83455  1.000 141.17000 ? 39  TYR B CB  1 
ATOM 978  C CG  . TYR B 2 39  ? 4.80978   1.95214   12.04284  1.000 154.24000 ? 39  TYR B CG  1 
ATOM 979  C CD1 . TYR B 2 39  ? 4.48740   3.11202   12.73587  1.000 160.58000 ? 39  TYR B CD1 1 
ATOM 980  C CD2 . TYR B 2 39  ? 6.10968   1.80720   11.57766  1.000 143.39000 ? 39  TYR B CD2 1 
ATOM 981  C CE1 . TYR B 2 39  ? 5.42465   4.10641   12.94165  1.000 164.37000 ? 39  TYR B CE1 1 
ATOM 982  C CE2 . TYR B 2 39  ? 7.05576   2.79580   11.78131  1.000 162.95000 ? 39  TYR B CE2 1 
ATOM 983  C CZ  . TYR B 2 39  ? 6.70763   3.94393   12.46232  1.000 165.33000 ? 39  TYR B CZ  1 
ATOM 984  O OH  . TYR B 2 39  ? 7.64405   4.93070   12.66750  1.000 168.86000 ? 39  TYR B OH  1 
ATOM 985  N N   . CYS B 2 40  ? 1.57553   -0.41680  9.26854   1.000 134.34000 ? 40  CYS B N   1 
ATOM 986  C CA  . CYS B 2 40  ? 0.81957   -1.62570  8.97805   1.000 141.67000 ? 40  CYS B CA  1 
ATOM 987  C C   . CYS B 2 40  ? 1.73137   -2.84582  8.97384   1.000 147.71000 ? 40  CYS B C   1 
ATOM 988  O O   . CYS B 2 40  ? 2.91711   -2.76600  8.63749   1.000 143.48000 ? 40  CYS B O   1 
ATOM 989  C CB  . CYS B 2 40  ? 0.10228   -1.51621  7.63101   1.000 132.92000 ? 40  CYS B CB  1 
ATOM 990  S SG  . CYS B 2 40  ? -1.37244  -0.47267  7.63439   1.000 159.17000 ? 40  CYS B SG  1 
ATOM 991  N N   . LYS B 2 41  ? 1.16013   -3.98614  9.35331   1.000 140.68000 ? 41  LYS B N   1 
ATOM 992  C CA  . LYS B 2 41  ? 1.88724   -5.24859  9.34215   1.000 130.18000 ? 41  LYS B CA  1 
ATOM 993  C C   . LYS B 2 41  ? 1.97854   -5.74954  7.90350   1.000 141.17000 ? 41  LYS B C   1 
ATOM 994  O O   . LYS B 2 41  ? 0.95500   -5.99538  7.25468   1.000 143.69000 ? 41  LYS B O   1 
ATOM 995  C CB  . LYS B 2 41  ? 1.19724   -6.26457  10.25335  1.000 118.11000 ? 41  LYS B CB  1 
ATOM 996  C CG  . LYS B 2 41  ? 1.19541   -7.70564  9.75994   1.000 144.66000 ? 41  LYS B CG  1 
ATOM 997  C CD  . LYS B 2 41  ? 2.44247   -8.45235  10.20284  1.000 166.44000 ? 41  LYS B CD  1 
ATOM 998  C CE  . LYS B 2 41  ? 2.25153   -9.95693  10.07968  1.000 187.12000 ? 41  LYS B CE  1 
ATOM 999  N NZ  . LYS B 2 41  ? 1.38225   -10.31447 8.92475   1.000 152.98000 ? 41  LYS B NZ  1 
ATOM 1000 N N   . THR B 2 42  ? 3.20201   -5.86246  7.39388   1.000 136.41000 ? 42  THR B N   1 
ATOM 1001 C CA  . THR B 2 42  ? 3.45198   -6.30125  6.03160   1.000 111.29000 ? 42  THR B CA  1 
ATOM 1002 C C   . THR B 2 42  ? 4.37337   -7.51102  6.04945   1.000 130.54000 ? 42  THR B C   1 
ATOM 1003 O O   . THR B 2 42  ? 5.03951   -7.79630  7.04856   1.000 143.40000 ? 42  THR B O   1 
ATOM 1004 C CB  . THR B 2 42  ? 4.08462   -5.18846  5.18598   1.000 105.00000 ? 42  THR B CB  1 
ATOM 1005 O OG1 . THR B 2 42  ? 5.07964   -4.50870  5.96033   1.000 123.67000 ? 42  THR B OG1 1 
ATOM 1006 C CG2 . THR B 2 42  ? 3.02989   -4.19133  4.74913   1.000 126.39000 ? 42  THR B CG2 1 
ATOM 1007 N N   . SER B 2 43  ? 4.41461   -8.22211  4.92668   1.000 121.38000 ? 43  SER B N   1 
ATOM 1008 C CA  . SER B 2 43  ? 5.27679   -9.39116  4.84260   1.000 95.94000  ? 43  SER B CA  1 
ATOM 1009 C C   . SER B 2 43  ? 5.50431   -9.75096  3.38373   1.000 105.08000 ? 43  SER B C   1 
ATOM 1010 O O   . SER B 2 43  ? 4.68960   -9.43270  2.51776   1.000 108.78000 ? 43  SER B O   1 
ATOM 1011 C CB  . SER B 2 43  ? 4.67743   -10.58404 5.59838   1.000 120.22000 ? 43  SER B CB  1 
ATOM 1012 O OG  . SER B 2 43  ? 3.32628   -10.79782 5.23598   1.000 114.11000 ? 43  SER B OG  1 
ATOM 1013 N N   . GLU B 2 44  ? 6.62954   -10.40855 3.12077   1.000 128.43000 ? 44  GLU B N   1 
ATOM 1014 C CA  . GLU B 2 44  ? 6.88137   -10.99454 1.81207   1.000 105.74000 ? 44  GLU B CA  1 
ATOM 1015 C C   . GLU B 2 44  ? 7.47033   -12.38004 2.00949   1.000 111.92000 ? 44  GLU B C   1 
ATOM 1016 O O   . GLU B 2 44  ? 8.38780   -12.56117 2.81559   1.000 106.14000 ? 44  GLU B O   1 
ATOM 1017 C CB  . GLU B 2 44  ? 7.81991   -10.13097 0.96247   1.000 108.09000 ? 44  GLU B CB  1 
ATOM 1018 C CG  . GLU B 2 44  ? 7.92864   -10.62179 -0.47360  1.000 136.50000 ? 44  GLU B CG  1 
ATOM 1019 C CD  . GLU B 2 44  ? 8.69125   -9.66846  -1.36991  1.000 158.60000 ? 44  GLU B CD  1 
ATOM 1020 O OE1 . GLU B 2 44  ? 9.63210   -9.01118  -0.88298  1.000 159.03000 ? 44  GLU B OE1 1 
ATOM 1021 O OE2 . GLU B 2 44  ? 8.34915   -9.57984  -2.56863  1.000 145.92000 ? 44  GLU B OE2 1 
ATOM 1022 N N   . SER B 2 45  ? 6.94143   -13.35062 1.27170   1.000 94.76000  ? 45  SER B N   1 
ATOM 1023 C CA  . SER B 2 45  ? 7.32634   -14.74081 1.44960   1.000 118.02000 ? 45  SER B CA  1 
ATOM 1024 C C   . SER B 2 45  ? 7.53698   -15.40310 0.09723   1.000 128.40000 ? 45  SER B C   1 
ATOM 1025 O O   . SER B 2 45  ? 6.85213   -15.09399 -0.88167  1.000 91.64000  ? 45  SER B O   1 
ATOM 1026 C CB  . SER B 2 45  ? 6.27188   -15.52145 2.24472   1.000 112.14000 ? 45  SER B CB  1 
ATOM 1027 O OG  . SER B 2 45  ? 5.21686   -15.95007 1.40149   1.000 104.91000 ? 45  SER B OG  1 
ATOM 1028 N N   . GLY B 2 46  ? 8.49613   -16.32261 0.05343   1.000 143.63000 ? 46  GLY B N   1 
ATOM 1029 C CA  . GLY B 2 46  ? 8.67694   -17.13253 -1.13596  1.000 120.52000 ? 46  GLY B CA  1 
ATOM 1030 C C   . GLY B 2 46  ? 7.60018   -18.19932 -1.23241  1.000 120.83000 ? 46  GLY B C   1 
ATOM 1031 O O   . GLY B 2 46  ? 7.15016   -18.75358 -0.22993  1.000 131.20000 ? 46  GLY B O   1 
ATOM 1032 N N   . THR B 2 47  ? 7.18287   -18.48900 -2.46253  1.000 134.84000 ? 47  THR B N   1 
ATOM 1033 C CA  . THR B 2 47  ? 6.11054   -19.44364 -2.69331  1.000 139.84000 ? 47  THR B CA  1 
ATOM 1034 C C   . THR B 2 47  ? 6.42748   -20.28414 -3.92062  1.000 124.53000 ? 47  THR B C   1 
ATOM 1035 O O   . THR B 2 47  ? 7.31478   -19.96169 -4.71524  1.000 112.17000 ? 47  THR B O   1 
ATOM 1036 C CB  . THR B 2 47  ? 4.75922   -18.73954 -2.86827  1.000 129.49000 ? 47  THR B CB  1 
ATOM 1037 O OG1 . THR B 2 47  ? 3.70021   -19.67580 -2.64656  1.000 160.51000 ? 47  THR B OG1 1 
ATOM 1038 C CG2 . THR B 2 47  ? 4.63355   -18.17780 -4.26846  1.000 97.93000  ? 47  THR B CG2 1 
ATOM 1039 N N   . HIS B 2 48  ? 5.67929   -21.37366 -4.06786  1.000 123.02000 ? 48  HIS B N   1 
ATOM 1040 C CA  . HIS B 2 48  ? 5.84033   -22.25807 -5.20824  1.000 141.78000 ? 48  HIS B CA  1 
ATOM 1041 C C   . HIS B 2 48  ? 5.24128   -21.63229 -6.46550  1.000 147.74000 ? 48  HIS B C   1 
ATOM 1042 O O   . HIS B 2 48  ? 4.40738   -20.72545 -6.40673  1.000 137.66000 ? 48  HIS B O   1 
ATOM 1043 C CB  . HIS B 2 48  ? 5.17074   -23.60367 -4.93878  1.000 127.94000 ? 48  HIS B CB  1 
ATOM 1044 C CG  . HIS B 2 48  ? 5.80310   -24.38792 -3.83185  1.000 140.47000 ? 48  HIS B CG  1 
ATOM 1045 N ND1 . HIS B 2 48  ? 6.83637   -25.27366 -4.04817  1.000 163.83000 ? 48  HIS B ND1 1 
ATOM 1046 C CD2 . HIS B 2 48  ? 5.54911   -24.42252 -2.50243  1.000 147.76000 ? 48  HIS B CD2 1 
ATOM 1047 C CE1 . HIS B 2 48  ? 7.18637   -25.82505 -2.90029  1.000 178.77000 ? 48  HIS B CE1 1 
ATOM 1048 N NE2 . HIS B 2 48  ? 6.42396   -25.32272 -1.94581  1.000 147.01000 ? 48  HIS B NE2 1 
ATOM 1049 N N   . GLY B 2 49  ? 5.68360   -22.13525 -7.61486  1.000 160.06000 ? 49  GLY B N   1 
ATOM 1050 C CA  . GLY B 2 49  ? 5.12509   -21.75218 -8.89668  1.000 155.44000 ? 49  GLY B CA  1 
ATOM 1051 C C   . GLY B 2 49  ? 5.32017   -20.27965 -9.20660  1.000 147.93000 ? 49  GLY B C   1 
ATOM 1052 O O   . GLY B 2 49  ? 6.31233   -19.65235 -8.82011  1.000 149.79000 ? 49  GLY B O   1 
ATOM 1053 N N   . PHE B 2 50  ? 4.34438   -19.71598 -9.92118  1.000 130.41000 ? 50  PHE B N   1 
ATOM 1054 C CA  . PHE B 2 50  ? 4.38562   -18.33572 -10.37199 1.000 127.14000 ? 50  PHE B CA  1 
ATOM 1055 C C   . PHE B 2 50  ? 3.15280   -17.57103 -9.90282  1.000 137.13000 ? 50  PHE B C   1 
ATOM 1056 O O   . PHE B 2 50  ? 2.03323   -18.08809 -9.99050  1.000 155.88000 ? 50  PHE B O   1 
ATOM 1057 C CB  . PHE B 2 50  ? 4.47444   -18.25919 -11.90456 1.000 123.11000 ? 50  PHE B CB  1 
ATOM 1058 C CG  . PHE B 2 50  ? 4.61956   -16.86182 -12.43416 1.000 142.57000 ? 50  PHE B CG  1 
ATOM 1059 C CD1 . PHE B 2 50  ? 5.86209   -16.25267 -12.48786 1.000 156.41000 ? 50  PHE B CD1 1 
ATOM 1060 C CD2 . PHE B 2 50  ? 3.51261   -16.15536 -12.87591 1.000 131.32000 ? 50  PHE B CD2 1 
ATOM 1061 C CE1 . PHE B 2 50  ? 5.99882   -14.96523 -12.97243 1.000 174.32000 ? 50  PHE B CE1 1 
ATOM 1062 C CE2 . PHE B 2 50  ? 3.64258   -14.86850 -13.36067 1.000 151.64000 ? 50  PHE B CE2 1 
ATOM 1063 C CZ  . PHE B 2 50  ? 4.88713   -14.27280 -13.40980 1.000 167.86000 ? 50  PHE B CZ  1 
ATOM 1064 N N   . PRO B 2 51  ? 3.31963   -16.33696 -9.40339  1.000 134.88000 ? 51  PRO B N   1 
ATOM 1065 C CA  . PRO B 2 51  ? 4.58840   -15.62762 -9.17071  1.000 138.95000 ? 51  PRO B CA  1 
ATOM 1066 C C   . PRO B 2 51  ? 5.33014   -16.21321 -7.97834  1.000 125.32000 ? 51  PRO B C   1 
ATOM 1067 O O   . PRO B 2 51  ? 4.70499   -16.64824 -7.01759  1.000 124.26000 ? 51  PRO B O   1 
ATOM 1068 C CB  . PRO B 2 51  ? 4.14094   -14.17980 -8.91455  1.000 138.18000 ? 51  PRO B CB  1 
ATOM 1069 C CG  . PRO B 2 51  ? 2.72763   -14.29253 -8.43040  1.000 134.27000 ? 51  PRO B CG  1 
ATOM 1070 C CD  . PRO B 2 51  ? 2.15325   -15.46915 -9.16458  1.000 136.43000 ? 51  PRO B CD  1 
ATOM 1071 N N   . PRO B 2 52  ? 6.66549   -16.23221 -8.01291  1.000 119.04000 ? 52  PRO B N   1 
ATOM 1072 C CA  . PRO B 2 52  ? 7.42186   -16.89640 -6.94019  1.000 132.32000 ? 52  PRO B CA  1 
ATOM 1073 C C   . PRO B 2 52  ? 7.35743   -16.17774 -5.60118  1.000 146.75000 ? 52  PRO B C   1 
ATOM 1074 O O   . PRO B 2 52  ? 7.80839   -16.74343 -4.59612  1.000 121.62000 ? 52  PRO B O   1 
ATOM 1075 C CB  . PRO B 2 52  ? 8.85278   -16.91663 -7.49001  1.000 135.14000 ? 52  PRO B CB  1 
ATOM 1076 C CG  . PRO B 2 52  ? 8.91657   -15.71966 -8.38370  1.000 151.61000 ? 52  PRO B CG  1 
ATOM 1077 C CD  . PRO B 2 52  ? 7.55007   -15.60943 -9.01315  1.000 127.05000 ? 52  PRO B CD  1 
ATOM 1078 N N   . ARG B 2 53  ? 6.80012   -14.97179 -5.55012  1.000 142.36000 ? 53  ARG B N   1 
ATOM 1079 C CA  . ARG B 2 53  ? 6.77996   -14.15914 -4.34500  1.000 132.01000 ? 53  ARG B CA  1 
ATOM 1080 C C   . ARG B 2 53  ? 5.34556   -13.81399 -3.96835  1.000 126.17000 ? 53  ARG B C   1 
ATOM 1081 O O   . ARG B 2 53  ? 4.46443   -13.72677 -4.82804  1.000 119.72000 ? 53  ARG B O   1 
ATOM 1082 C CB  . ARG B 2 53  ? 7.59091   -12.87530 -4.54857  1.000 131.71000 ? 53  ARG B CB  1 
ATOM 1083 C CG  . ARG B 2 53  ? 9.08477   -13.10328 -4.70510  1.000 162.18000 ? 53  ARG B CG  1 
ATOM 1084 C CD  . ARG B 2 53  ? 9.69219   -12.12697 -5.70115  1.000 172.48000 ? 53  ARG B CD  1 
ATOM 1085 N NE  . ARG B 2 53  ? 9.13588   -10.78591 -5.57408  1.000 204.22000 ? 53  ARG B NE  1 
ATOM 1086 C CZ  . ARG B 2 53  ? 8.38760   -10.19763 -6.49782  1.000 197.80000 ? 53  ARG B CZ  1 
ATOM 1087 N NH1 . ARG B 2 53  ? 8.08501   -10.80725 -7.63296  1.000 188.96000 ? 53  ARG B NH1 1 
ATOM 1088 N NH2 . ARG B 2 53  ? 7.93331   -8.96664  -6.27949  1.000 183.09000 ? 53  ARG B NH2 1 
ATOM 1089 N N   . VAL B 2 54  ? 5.11779   -13.62402 -2.66956  1.000 119.83000 ? 54  VAL B N   1 
ATOM 1090 C CA  . VAL B 2 54  ? 3.82147   -13.21838 -2.14036  1.000 126.87000 ? 54  VAL B CA  1 
ATOM 1091 C C   . VAL B 2 54  ? 4.03834   -12.01755 -1.23411  1.000 125.25000 ? 54  VAL B C   1 
ATOM 1092 O O   . VAL B 2 54  ? 4.90406   -12.05050 -0.35182  1.000 134.99000 ? 54  VAL B O   1 
ATOM 1093 C CB  . VAL B 2 54  ? 3.12491   -14.35464 -1.36580  1.000 150.51000 ? 54  VAL B CB  1 
ATOM 1094 C CG1 . VAL B 2 54  ? 1.73138   -13.92567 -0.93060  1.000 125.05000 ? 54  VAL B CG1 1 
ATOM 1095 C CG2 . VAL B 2 54  ? 3.04353   -15.60744 -2.21582  1.000 149.16000 ? 54  VAL B CG2 1 
ATOM 1096 N N   . GLN B 2 55  ? 3.25147   -10.96450 -1.44746  1.000 105.56000 ? 55  GLN B N   1 
ATOM 1097 C CA  . GLN B 2 55  ? 3.34490   -9.72941  -0.67609  1.000 109.93000 ? 55  GLN B CA  1 
ATOM 1098 C C   . GLN B 2 55  ? 2.03631   -9.49224  0.06295   1.000 114.99000 ? 55  GLN B C   1 
ATOM 1099 O O   . GLN B 2 55  ? 1.00904   -9.20630  -0.56152  1.000 131.15000 ? 55  GLN B O   1 
ATOM 1100 C CB  . GLN B 2 55  ? 3.66229   -8.53509  -1.57373  1.000 122.72000 ? 55  GLN B CB  1 
ATOM 1101 C CG  . GLN B 2 55  ? 4.82385   -8.72753  -2.52159  1.000 127.86000 ? 55  GLN B CG  1 
ATOM 1102 C CD  . GLN B 2 55  ? 5.31726   -7.41044  -3.08543  1.000 124.58000 ? 55  GLN B CD  1 
ATOM 1103 O OE1 . GLN B 2 55  ? 5.31602   -6.38955  -2.39770  1.000 109.84000 ? 55  GLN B OE1 1 
ATOM 1104 N NE2 . GLN B 2 55  ? 5.74223   -7.42649  -4.34078  1.000 132.24000 ? 55  GLN B NE2 1 
ATOM 1105 N N   . ASN B 2 56  ? 2.07422   -9.60576  1.39003   1.000 120.40000 ? 56  ASN B N   1 
ATOM 1106 C CA  . ASN B 2 56  ? 1.04286   -9.02176  2.24178   1.000 127.44000 ? 56  ASN B CA  1 
ATOM 1107 C C   . ASN B 2 56  ? 1.46034   -7.57943  2.51146   1.000 121.94000 ? 56  ASN B C   1 
ATOM 1108 O O   . ASN B 2 56  ? 2.00320   -7.23405  3.56503   1.000 124.29000 ? 56  ASN B O   1 
ATOM 1109 C CB  . ASN B 2 56  ? 0.87347   -9.81889  3.52649   1.000 133.98000 ? 56  ASN B CB  1 
ATOM 1110 C CG  . ASN B 2 56  ? -0.25864  -9.29824  4.38589   1.000 130.68000 ? 56  ASN B CG  1 
ATOM 1111 O OD1 . ASN B 2 56  ? -0.08850  -9.05875  5.58150   1.000 134.28000 ? 56  ASN B OD1 1 
ATOM 1112 N ND2 . ASN B 2 56  ? -1.42275  -9.11443  3.77733   1.000 144.24000 ? 56  ASN B ND2 1 
ATOM 1113 N N   . SER B 2 57  ? 1.23142   -6.73365  1.51003   1.000 112.44000 ? 57  SER B N   1 
ATOM 1114 C CA  . SER B 2 57  ? 1.57906   -5.32147  1.56477   1.000 129.67000 ? 57  SER B CA  1 
ATOM 1115 C C   . SER B 2 57  ? 0.32289   -4.50569  1.83923   1.000 130.08000 ? 57  SER B C   1 
ATOM 1116 O O   . SER B 2 57  ? -0.70402  -4.69869  1.17943   1.000 132.12000 ? 57  SER B O   1 
ATOM 1117 C CB  . SER B 2 57  ? 2.23250   -4.86906  0.25730   1.000 135.23000 ? 57  SER B CB  1 
ATOM 1118 O OG  . SER B 2 57  ? 3.56570   -5.33973  0.16485   1.000 136.30000 ? 57  SER B OG  1 
ATOM 1119 N N   . LYS B 2 58  ? 0.40986   -3.59599  2.80672   1.000 111.75000 ? 58  LYS B N   1 
ATOM 1120 C CA  . LYS B 2 58  ? -0.75043  -2.84020  3.25056   1.000 107.77000 ? 58  LYS B CA  1 
ATOM 1121 C C   . LYS B 2 58  ? -0.31239  -1.45346  3.69592   1.000 119.82000 ? 58  LYS B C   1 
ATOM 1122 O O   . LYS B 2 58  ? 0.74638   -1.29461  4.31003   1.000 137.29000 ? 58  LYS B O   1 
ATOM 1123 C CB  . LYS B 2 58  ? -1.47141  -3.55991  4.39578   1.000 123.16000 ? 58  LYS B CB  1 
ATOM 1124 C CG  . LYS B 2 58  ? -2.42832  -4.65086  3.94180   1.000 123.18000 ? 58  LYS B CG  1 
ATOM 1125 C CD  . LYS B 2 58  ? -2.80995  -5.55862  5.10079   1.000 132.42000 ? 58  LYS B CD  1 
ATOM 1126 C CE  . LYS B 2 58  ? -4.23084  -6.07864  4.96378   1.000 131.03000 ? 58  LYS B CE  1 
ATOM 1127 N NZ  . LYS B 2 58  ? -4.81984  -6.42261  6.28831   1.000 180.67000 ? 58  LYS B NZ  1 
ATOM 1128 N N   . VAL B 2 59  ? -1.13708  -0.45537  3.38358   1.000 114.88000 ? 59  VAL B N   1 
ATOM 1129 C CA  . VAL B 2 59  ? -0.88919  0.92490   3.76941   1.000 120.91000 ? 59  VAL B CA  1 
ATOM 1130 C C   . VAL B 2 59  ? -2.08485  1.42666   4.56755   1.000 127.41000 ? 59  VAL B C   1 
ATOM 1131 O O   . VAL B 2 59  ? -3.19810  0.90471   4.46486   1.000 147.72000 ? 59  VAL B O   1 
ATOM 1132 C CB  . VAL B 2 59  ? -0.62939  1.83418   2.55060   1.000 111.26000 ? 59  VAL B CB  1 
ATOM 1133 C CG1 . VAL B 2 59  ? 0.44736   1.23550   1.66592   1.000 138.58000 ? 59  VAL B CG1 1 
ATOM 1134 C CG2 . VAL B 2 59  ? -1.91158  2.05302   1.76331   1.000 101.93000 ? 59  VAL B CG2 1 
ATOM 1135 N N   . CYS B 2 60  ? -1.84093  2.45347   5.37936   1.000 101.75000 ? 60  CYS B N   1 
ATOM 1136 C CA  . CYS B 2 60  ? -2.90531  3.06022   6.17119   1.000 129.61000 ? 60  CYS B CA  1 
ATOM 1137 C C   . CYS B 2 60  ? -3.78309  3.90334   5.25225   1.000 138.88000 ? 60  CYS B C   1 
ATOM 1138 O O   . CYS B 2 60  ? -3.36294  4.96265   4.77849   1.000 149.62000 ? 60  CYS B O   1 
ATOM 1139 C CB  . CYS B 2 60  ? -2.32020  3.90667   7.29889   1.000 133.23000 ? 60  CYS B CB  1 
ATOM 1140 S SG  . CYS B 2 60  ? -1.78478  3.00097   8.79087   1.000 141.15000 ? 60  CYS B SG  1 
ATOM 1141 N N   . THR B 2 61  ? -4.99739  3.42872   4.99120   1.000 130.34000 ? 61  THR B N   1 
ATOM 1142 C CA  . THR B 2 61  ? -5.94649  4.07821   4.10413   1.000 121.59000 ? 61  THR B CA  1 
ATOM 1143 C C   . THR B 2 61  ? -7.14809  4.58448   4.88977   1.000 127.94000 ? 61  THR B C   1 
ATOM 1144 O O   . THR B 2 61  ? -7.51351  4.03314   5.93200   1.000 131.25000 ? 61  THR B O   1 
ATOM 1145 C CB  . THR B 2 61  ? -6.42099  3.11619   3.00725   1.000 117.67000 ? 61  THR B CB  1 
ATOM 1146 O OG1 . THR B 2 61  ? -5.33439  2.27369   2.59841   1.000 127.08000 ? 61  THR B OG1 1 
ATOM 1147 C CG2 . THR B 2 61  ? -6.96901  3.88230   1.81086   1.000 151.15000 ? 61  THR B CG2 1 
ATOM 1148 N N   . LEU B 2 62  ? -7.76188  5.64232   4.37015   1.000 138.33000 ? 62  LEU B N   1 
ATOM 1149 C CA  . LEU B 2 62  ? -8.95103  6.21349   4.97819   1.000 126.81000 ? 62  LEU B CA  1 
ATOM 1150 C C   . LEU B 2 62  ? -10.17150 5.35067   4.68632   1.000 123.46000 ? 62  LEU B C   1 
ATOM 1151 O O   . LEU B 2 62  ? -10.33639 4.83647   3.57595   1.000 118.44000 ? 62  LEU B O   1 
ATOM 1152 C CB  . LEU B 2 62  ? -9.17436  7.63277   4.45818   1.000 139.44000 ? 62  LEU B CB  1 
ATOM 1153 C CG  . LEU B 2 62  ? -10.57122 8.22530   4.63384   1.000 146.55000 ? 62  LEU B CG  1 
ATOM 1154 C CD1 . LEU B 2 62  ? -10.80240 8.61229   6.08444   1.000 153.37000 ? 62  LEU B CD1 1 
ATOM 1155 C CD2 . LEU B 2 62  ? -10.76651 9.41679   3.71144   1.000 136.09000 ? 62  LEU B CD2 1 
ATOM 1156 N N   . VAL B 2 63  ? -11.02389 5.18794   5.69498   1.000 115.31000 ? 63  VAL B N   1 
ATOM 1157 C CA  . VAL B 2 63  ? -12.29716 4.49309   5.53973   1.000 126.51000 ? 63  VAL B CA  1 
ATOM 1158 C C   . VAL B 2 63  ? -13.32055 5.53941   5.11057   1.000 135.60000 ? 63  VAL B C   1 
ATOM 1159 O O   . VAL B 2 63  ? -13.85761 6.27886   5.93579   1.000 121.97000 ? 63  VAL B O   1 
ATOM 1160 C CB  . VAL B 2 63  ? -12.72017 3.78016   6.82378   1.000 131.52000 ? 63  VAL B CB  1 
ATOM 1161 C CG1 . VAL B 2 63  ? -13.93929 2.90755   6.56420   1.000 153.04000 ? 63  VAL B CG1 1 
ATOM 1162 C CG2 . VAL B 2 63  ? -11.57146 2.94744   7.36866   1.000 137.44000 ? 63  VAL B CG2 1 
ATOM 1163 N N   . THR B 2 64  ? -13.58904 5.59951   3.80887   1.000 131.65000 ? 64  THR B N   1 
ATOM 1164 C CA  . THR B 2 64  ? -14.51391 6.59002   3.27200   1.000 132.54000 ? 64  THR B CA  1 
ATOM 1165 C C   . THR B 2 64  ? -15.93636 6.27716   3.71969   1.000 153.72000 ? 64  THR B C   1 
ATOM 1166 O O   . THR B 2 64  ? -16.46205 5.19390   3.44126   1.000 150.38000 ? 64  THR B O   1 
ATOM 1167 C CB  . THR B 2 64  ? -14.42869 6.62177   1.74751   1.000 160.74000 ? 64  THR B CB  1 
ATOM 1168 O OG1 . THR B 2 64  ? -13.07865 6.88995   1.34813   1.000 155.10000 ? 64  THR B OG1 1 
ATOM 1169 C CG2 . THR B 2 64  ? -15.34482 7.69778   1.18365   1.000 168.62000 ? 64  THR B CG2 1 
ATOM 1170 N N   . THR B 2 65  ? -16.55650 7.22498   4.42019   1.000 163.96000 ? 65  THR B N   1 
ATOM 1171 C CA  . THR B 2 65  ? -17.94391 7.10201   4.83187   1.000 146.33000 ? 65  THR B CA  1 
ATOM 1172 C C   . THR B 2 65  ? -18.83232 8.22251   4.31203   1.000 150.18000 ? 65  THR B C   1 
ATOM 1173 O O   . THR B 2 65  ? -20.05854 8.11137   4.41940   1.000 153.66000 ? 65  THR B O   1 
ATOM 1174 C CB  . THR B 2 65  ? -18.05250 7.04956   6.36445   1.000 123.02000 ? 65  THR B CB  1 
ATOM 1175 O OG1 . THR B 2 65  ? -17.37297 8.17480   6.93387   1.000 117.11000 ? 65  THR B OG1 1 
ATOM 1176 C CG2 . THR B 2 65  ? -17.43352 5.76575   6.89754   1.000 129.64000 ? 65  THR B CG2 1 
ATOM 1177 N N   . SER B 2 66  ? -18.26122 9.28705   3.75233   1.000 141.43000 ? 66  SER B N   1 
ATOM 1178 C CA  . SER B 2 66  ? -19.05215 10.38535  3.21161   1.000 141.73000 ? 66  SER B CA  1 
ATOM 1179 C C   . SER B 2 66  ? -18.17130 11.21082  2.28143   1.000 133.70000 ? 66  SER B C   1 
ATOM 1180 O O   . SER B 2 66  ? -17.00852 10.88217  2.03136   1.000 134.80000 ? 66  SER B O   1 
ATOM 1181 C CB  . SER B 2 66  ? -19.64342 11.24575  4.33227   1.000 146.17000 ? 66  SER B CB  1 
ATOM 1182 O OG  . SER B 2 66  ? -18.63555 12.00698  4.97497   1.000 142.13000 ? 66  SER B OG  1 
ATOM 1183 N N   . THR B 2 67  ? -18.73945 12.30198  1.77617   1.000 116.66000 ? 67  THR B N   1 
ATOM 1184 C CA  . THR B 2 67  ? -18.03444 13.23129  0.90907   1.000 126.22000 ? 67  THR B CA  1 
ATOM 1185 C C   . THR B 2 67  ? -18.23354 14.63964  1.44781   1.000 139.66000 ? 67  THR B C   1 
ATOM 1186 O O   . THR B 2 67  ? -19.30289 14.96527  1.97121   1.000 162.25000 ? 67  THR B O   1 
ATOM 1187 C CB  . THR B 2 67  ? -18.53642 13.12943  -0.54136  1.000 141.30000 ? 67  THR B CB  1 
ATOM 1188 O OG1 . THR B 2 67  ? -18.34465 11.79235  -1.01745  1.000 138.18000 ? 67  THR B OG1 1 
ATOM 1189 C CG2 . THR B 2 67  ? -17.77692 14.08761  -1.45157  1.000 150.94000 ? 67  THR B CG2 1 
ATOM 1190 N N   . ARG B 2 68  ? -17.19730 15.46457  1.33184   1.000 109.57000 ? 68  ARG B N   1 
ATOM 1191 C CA  . ARG B 2 68  ? -17.18980 16.82728  1.83999   1.000 108.83000 ? 68  ARG B CA  1 
ATOM 1192 C C   . ARG B 2 68  ? -17.06326 17.78585  0.66435   1.000 147.83000 ? 68  ARG B C   1 
ATOM 1193 O O   . ARG B 2 68  ? -16.22662 17.58015  -0.21931  1.000 168.22000 ? 68  ARG B O   1 
ATOM 1194 C CB  . ARG B 2 68  ? -16.02721 17.02420  2.81700   1.000 124.84000 ? 68  ARG B CB  1 
ATOM 1195 C CG  . ARG B 2 68  ? -16.38359 17.70104  4.12530   1.000 172.04000 ? 68  ARG B CG  1 
ATOM 1196 C CD  . ARG B 2 68  ? -15.26241 17.50623  5.13319   1.000 162.95000 ? 68  ARG B CD  1 
ATOM 1197 N NE  . ARG B 2 68  ? -14.28585 18.58602  5.05910   1.000 153.83000 ? 68  ARG B NE  1 
ATOM 1198 C CZ  . ARG B 2 68  ? -13.00111 18.41715  4.77207   1.000 181.23000 ? 68  ARG B CZ  1 
ATOM 1199 N NH1 . ARG B 2 68  ? -12.50295 17.21951  4.51171   1.000 181.38000 ? 68  ARG B NH1 1 
ATOM 1200 N NH2 . ARG B 2 68  ? -12.19888 19.47670  4.73984   1.000 199.21000 ? 68  ARG B NH2 1 
ATOM 1201 N N   . LYS B 2 69  ? -17.89351 18.82310  0.64503   1.000 135.94000 ? 69  LYS B N   1 
ATOM 1202 C CA  . LYS B 2 69  ? -17.81387 19.86964  -0.37197  1.000 138.94000 ? 69  LYS B CA  1 
ATOM 1203 C C   . LYS B 2 69  ? -17.25585 21.12068  0.29866   1.000 170.06000 ? 69  LYS B C   1 
ATOM 1204 O O   . LYS B 2 69  ? -17.97856 21.83735  0.99665   1.000 178.59000 ? 69  LYS B O   1 
ATOM 1205 C CB  . LYS B 2 69  ? -19.17532 20.13263  -1.00843  1.000 149.31000 ? 69  LYS B CB  1 
ATOM 1206 C CG  . LYS B 2 69  ? -19.15303 21.18941  -2.09318  1.000 189.95000 ? 69  LYS B CG  1 
ATOM 1207 C CD  . LYS B 2 69  ? -20.54769 21.45612  -2.62089  1.000 197.83000 ? 69  LYS B CD  1 
ATOM 1208 C CE  . LYS B 2 69  ? -20.78443 20.72437  -3.93394  1.000 174.72000 ? 69  LYS B CE  1 
ATOM 1209 N NZ  . LYS B 2 69  ? -22.00965 21.20774  -4.63111  1.000 159.92000 ? 69  LYS B NZ  1 
ATOM 1210 N N   . VAL B 2 70  ? -15.97706 21.37816  0.08022   1.000 165.76000 ? 70  VAL B N   1 
ATOM 1211 C CA  . VAL B 2 70  ? -15.28953 22.51069  0.68942   1.000 191.28000 ? 70  VAL B CA  1 
ATOM 1212 C C   . VAL B 2 70  ? -15.33664 23.69528  -0.26455  1.000 194.69000 ? 70  VAL B C   1 
ATOM 1213 O O   . VAL B 2 70  ? -15.07970 23.55042  -1.46411  1.000 187.57000 ? 70  VAL B O   1 
ATOM 1214 C CB  . VAL B 2 70  ? -13.83720 22.13771  1.04579   1.000 196.15000 ? 70  VAL B CB  1 
ATOM 1215 C CG1 . VAL B 2 70  ? -13.16262 23.27185  1.80103   1.000 215.43000 ? 70  VAL B CG1 1 
ATOM 1216 C CG2 . VAL B 2 70  ? -13.80218 20.84898  1.85926   1.000 179.09000 ? 70  VAL B CG2 1 
ATOM 1217 N N   . VAL B 2 71  ? -15.66261 24.87577  0.26329   1.000 181.39000 ? 71  VAL B N   1 
ATOM 1218 C CA  . VAL B 2 71  ? -15.75449 26.09816  -0.53165  1.000 180.38000 ? 71  VAL B CA  1 
ATOM 1219 C C   . VAL B 2 71  ? -14.46716 26.89739  -0.41190  1.000 196.57000 ? 71  VAL B C   1 
ATOM 1220 O O   . VAL B 2 71  ? -13.92263 27.07095  0.68613   1.000 203.77000 ? 71  VAL B O   1 
ATOM 1221 C CB  . VAL B 2 71  ? -16.97044 26.94928  -0.11747  1.000 178.10000 ? 71  VAL B CB  1 
ATOM 1222 C CG1 . VAL B 2 71  ? -16.81669 28.37462  -0.61196  1.000 181.79000 ? 71  VAL B CG1 1 
ATOM 1223 C CG2 . VAL B 2 71  ? -18.22011 26.36914  -0.72312  1.000 172.67000 ? 71  VAL B CG2 1 
ATOM 1224 N N   . LEU B 2 72  ? -13.97667 27.38074  -1.55390  1.000 186.14000 ? 72  LEU B N   1 
ATOM 1225 C CA  . LEU B 2 72  ? -12.86820 28.32118  -1.60484  1.000 196.74000 ? 72  LEU B CA  1 
ATOM 1226 C C   . LEU B 2 72  ? -13.42320 29.73516  -1.48819  1.000 199.22000 ? 72  LEU B C   1 
ATOM 1227 O O   . LEU B 2 72  ? -14.32358 30.12036  -2.24212  1.000 190.46000 ? 72  LEU B O   1 
ATOM 1228 C CB  . LEU B 2 72  ? -12.08479 28.15697  -2.90568  1.000 209.34000 ? 72  LEU B CB  1 
ATOM 1229 C CG  . LEU B 2 72  ? -11.44691 26.77883  -3.08967  1.000 207.63000 ? 72  LEU B CG  1 
ATOM 1230 C CD1 . LEU B 2 72  ? -10.62594 26.73137  -4.36856  1.000 202.82000 ? 72  LEU B CD1 1 
ATOM 1231 C CD2 . LEU B 2 72  ? -10.61119 26.38904  -1.87949  1.000 192.02000 ? 72  LEU B CD2 1 
ATOM 1232 N N   . ASP B 2 73  ? -12.88591 30.50159  -0.54296  1.000 205.76000 ? 73  ASP B N   1 
ATOM 1233 C CA  . ASP B 2 73  ? -13.48689 31.77725  -0.16752  1.000 198.83000 ? 73  ASP B CA  1 
ATOM 1234 C C   . ASP B 2 73  ? -12.98222 32.92101  -1.04309  1.000 201.70000 ? 73  ASP B C   1 
ATOM 1235 O O   . ASP B 2 73  ? -13.76664 33.57129  -1.74174  1.000 202.47000 ? 73  ASP B O   1 
ATOM 1236 C CB  . ASP B 2 73  ? -13.20141 32.06391  1.30962   1.000 199.76000 ? 73  ASP B CB  1 
ATOM 1237 C CG  . ASP B 2 73  ? -13.30849 30.82144  2.17352   1.000 204.60000 ? 73  ASP B CG  1 
ATOM 1238 O OD1 . ASP B 2 73  ? -14.35603 30.14471  2.12431   1.000 199.92000 ? 73  ASP B OD1 1 
ATOM 1239 O OD2 . ASP B 2 73  ? -12.34455 30.52242  2.90633   1.000 218.74000 ? 73  ASP B OD2 1 
ATOM 1240 N N   . ASP B 2 74  ? -11.67348 33.17387  -1.01047  1.000 204.22000 ? 74  ASP B N   1 
ATOM 1241 C CA  . ASP B 2 74  ? -11.07272 34.27736  -1.75059  1.000 221.45000 ? 74  ASP B CA  1 
ATOM 1242 C C   . ASP B 2 74  ? -11.26130 34.04342  -3.24509  1.000 227.64000 ? 74  ASP B C   1 
ATOM 1243 O O   . ASP B 2 74  ? -10.58261 33.19989  -3.84102  1.000 227.04000 ? 74  ASP B O   1 
ATOM 1244 C CB  . ASP B 2 74  ? -9.58971  34.41065  -1.38518  1.000 220.70000 ? 74  ASP B CB  1 
ATOM 1245 C CG  . ASP B 2 74  ? -8.92620  35.64670  -1.99171  1.000 237.84000 ? 74  ASP B CG  1 
ATOM 1246 O OD1 . ASP B 2 74  ? -9.23593  36.02336  -3.14139  1.000 239.92000 ? 74  ASP B OD1 1 
ATOM 1247 O OD2 . ASP B 2 74  ? -8.07805  36.24932  -1.29994  1.000 247.56000 ? 74  ASP B OD2 1 
ATOM 1248 N N   . CYS B 2 75  ? -12.18190 34.78434  -3.85770  1.000 230.49000 ? 75  CYS B N   1 
ATOM 1249 C CA  . CYS B 2 75  ? -12.54152 34.59700  -5.25449  1.000 215.28000 ? 75  CYS B CA  1 
ATOM 1250 C C   . CYS B 2 75  ? -12.35899 35.88710  -6.03975  1.000 216.57000 ? 75  CYS B C   1 
ATOM 1251 O O   . CYS B 2 75  ? -12.56532 36.98787  -5.51850  1.000 214.26000 ? 75  CYS B O   1 
ATOM 1252 C CB  . CYS B 2 75  ? -13.99129 34.11896  -5.39429  1.000 194.96000 ? 75  CYS B CB  1 
ATOM 1253 S SG  . CYS B 2 75  ? -14.21213 32.35273  -5.13571  1.000 190.95000 ? 75  CYS B SG  1 
ATOM 1254 N N   . ASP B 2 76  ? -11.97280 35.73577  -7.30365  1.000 224.97000 ? 76  ASP B N   1 
ATOM 1255 C CA  . ASP B 2 76  ? -11.93405 36.86286  -8.21950  1.000 227.43000 ? 76  ASP B CA  1 
ATOM 1256 C C   . ASP B 2 76  ? -13.35346 37.26987  -8.60975  1.000 219.47000 ? 76  ASP B C   1 
ATOM 1257 O O   . ASP B 2 76  ? -14.29774 36.47593  -8.54880  1.000 206.93000 ? 76  ASP B O   1 
ATOM 1258 C CB  . ASP B 2 76  ? -11.12020 36.51454  -9.46777  1.000 222.16000 ? 76  ASP B CB  1 
ATOM 1259 C CG  . ASP B 2 76  ? -9.62488  36.51748  -9.21223  1.000 213.73000 ? 76  ASP B CG  1 
ATOM 1260 O OD1 . ASP B 2 76  ? -9.21604  36.76473  -8.05723  1.000 203.13000 ? 76  ASP B OD1 1 
ATOM 1261 O OD2 . ASP B 2 76  ? -8.85647  36.27023  -10.16488 1.000 192.62000 ? 76  ASP B OD2 1 
ATOM 1262 N N   . ASP B 2 77  ? -13.49725 38.53169  -9.00960  1.000 226.50000 ? 77  ASP B N   1 
ATOM 1263 C CA  . ASP B 2 77  ? -14.80941 39.06939  -9.34069  1.000 222.90000 ? 77  ASP B CA  1 
ATOM 1264 C C   . ASP B 2 77  ? -15.37835 38.37323  -10.57116 1.000 207.81000 ? 77  ASP B C   1 
ATOM 1265 O O   . ASP B 2 77  ? -14.73432 38.32231  -11.62367 1.000 209.60000 ? 77  ASP B O   1 
ATOM 1266 C CB  . ASP B 2 77  ? -14.72166 40.57665  -9.57671  1.000 223.82000 ? 77  ASP B CB  1 
ATOM 1267 C CG  . ASP B 2 77  ? -14.70008 41.37096  -8.28271  1.000 222.97000 ? 77  ASP B CG  1 
ATOM 1268 O OD1 . ASP B 2 77  ? -15.23702 40.87566  -7.27029  1.000 225.07000 ? 77  ASP B OD1 1 
ATOM 1269 O OD2 . ASP B 2 77  ? -14.15197 42.49388  -8.27890  1.000 220.79000 ? 77  ASP B OD2 1 
ATOM 1270 N N   . GLY B 2 78  ? -16.58426 37.83318  -10.43278 1.000 188.84000 ? 78  GLY B N   1 
ATOM 1271 C CA  . GLY B 2 78  ? -17.24923 37.18054  -11.54468 1.000 181.17000 ? 78  GLY B CA  1 
ATOM 1272 C C   . GLY B 2 78  ? -16.74660 35.78936  -11.85551 1.000 172.76000 ? 78  GLY B C   1 
ATOM 1273 O O   . GLY B 2 78  ? -16.62724 35.42521  -13.03301 1.000 161.48000 ? 78  GLY B O   1 
ATOM 1274 N N   . ALA B 2 79  ? -16.45005 34.99470  -10.83252 1.000 162.60000 ? 79  ALA B N   1 
ATOM 1275 C CA  . ALA B 2 79  ? -15.96431 33.63754  -11.02659 1.000 166.61000 ? 79  ALA B CA  1 
ATOM 1276 C C   . ALA B 2 79  ? -17.12667 32.66818  -11.19820 1.000 181.19000 ? 79  ALA B C   1 
ATOM 1277 O O   . ALA B 2 79  ? -18.21263 32.86572  -10.64650 1.000 191.06000 ? 79  ALA B O   1 
ATOM 1278 C CB  . ALA B 2 79  ? -15.09756 33.19972  -9.84466  1.000 175.51000 ? 79  ALA B CB  1 
ATOM 1279 N N   . ASP B 2 80  ? -16.88778 31.61524  -11.97499 1.000 197.81000 ? 80  ASP B N   1 
ATOM 1280 C CA  . ASP B 2 80  ? -17.86808 30.54924  -12.10271 1.000 219.95000 ? 80  ASP B CA  1 
ATOM 1281 C C   . ASP B 2 80  ? -17.96918 29.78260  -10.78551 1.000 236.75000 ? 80  ASP B C   1 
ATOM 1282 O O   . ASP B 2 80  ? -17.04338 29.76702  -9.96801  1.000 243.90000 ? 80  ASP B O   1 
ATOM 1283 C CB  . ASP B 2 80  ? -17.49245 29.60823  -13.25200 1.000 202.86000 ? 80  ASP B CB  1 
ATOM 1284 C CG  . ASP B 2 80  ? -18.60965 28.64024  -13.62177 1.000 204.73000 ? 80  ASP B CG  1 
ATOM 1285 O OD1 . ASP B 2 80  ? -19.23759 28.04935  -12.71809 1.000 218.06000 ? 80  ASP B OD1 1 
ATOM 1286 O OD2 . ASP B 2 80  ? -18.85601 28.46690  -14.83519 1.000 196.13000 ? 80  ASP B OD2 1 
ATOM 1287 N N   . GLU B 2 81  ? -19.12095 29.14316  -10.57887 1.000 231.49000 ? 81  GLU B N   1 
ATOM 1288 C CA  . GLU B 2 81  ? -19.35766 28.44683  -9.32032  1.000 217.99000 ? 81  GLU B CA  1 
ATOM 1289 C C   . GLU B 2 81  ? -18.64749 27.09954  -9.26324  1.000 217.35000 ? 81  GLU B C   1 
ATOM 1290 O O   . GLU B 2 81  ? -18.33432 26.61889  -8.16732  1.000 217.00000 ? 81  GLU B O   1 
ATOM 1291 C CB  . GLU B 2 81  ? -20.86020 28.25862  -9.10435  1.000 215.61000 ? 81  GLU B CB  1 
ATOM 1292 C CG  . GLU B 2 81  ? -21.67585 29.52548  -9.31427  1.000 217.54000 ? 81  GLU B CG  1 
ATOM 1293 C CD  . GLU B 2 81  ? -21.20701 30.67717  -8.44655  1.000 208.49000 ? 81  GLU B CD  1 
ATOM 1294 O OE1 . GLU B 2 81  ? -21.36831 30.59727  -7.21188  1.000 205.88000 ? 81  GLU B OE1 1 
ATOM 1295 O OE2 . GLU B 2 81  ? -20.67710 31.66414  -9.00032  1.000 189.83000 ? 81  GLU B OE2 1 
ATOM 1296 N N   . SER B 2 82  ? -18.37414 26.48864  -10.42033 1.000 215.52000 ? 82  SER B N   1 
ATOM 1297 C CA  . SER B 2 82  ? -17.78617 25.15150  -10.44057 1.000 198.32000 ? 82  SER B CA  1 
ATOM 1298 C C   . SER B 2 82  ? -16.40631 25.12284  -9.79776  1.000 188.76000 ? 82  SER B C   1 
ATOM 1299 O O   . SER B 2 82  ? -15.97670 24.07488  -9.29990  1.000 174.21000 ? 82  SER B O   1 
ATOM 1300 C CB  . SER B 2 82  ? -17.70762 24.63419  -11.87732 1.000 183.28000 ? 82  SER B CB  1 
ATOM 1301 O OG  . SER B 2 82  ? -16.82778 25.42613  -12.65552 1.000 166.71000 ? 82  SER B OG  1 
ATOM 1302 N N   . VAL B 2 83  ? -15.69384 26.25225  -9.79940  1.000 196.14000 ? 83  VAL B N   1 
ATOM 1303 C CA  . VAL B 2 83  ? -14.37938 26.33625  -9.17601  1.000 201.52000 ? 83  VAL B CA  1 
ATOM 1304 C C   . VAL B 2 83  ? -14.43434 26.90526  -7.76777  1.000 217.70000 ? 83  VAL B C   1 
ATOM 1305 O O   . VAL B 2 83  ? -13.38175 27.09719  -7.14325  1.000 218.04000 ? 83  VAL B O   1 
ATOM 1306 C CB  . VAL B 2 83  ? -13.40943 27.15641  -10.04981 1.000 208.69000 ? 83  VAL B CB  1 
ATOM 1307 C CG1 . VAL B 2 83  ? -13.53821 26.73274  -11.49745 1.000 206.14000 ? 83  VAL B CG1 1 
ATOM 1308 C CG2 . VAL B 2 83  ? -13.68889 28.64754  -9.90301  1.000 228.20000 ? 83  VAL B CG2 1 
ATOM 1309 N N   . LYS B 2 84  ? -15.62710 27.17731  -7.24449  1.000 226.61000 ? 84  LYS B N   1 
ATOM 1310 C CA  . LYS B 2 84  ? -15.77350 27.65336  -5.87586  1.000 225.13000 ? 84  LYS B CA  1 
ATOM 1311 C C   . LYS B 2 84  ? -15.93039 26.52138  -4.86842  1.000 206.34000 ? 84  LYS B C   1 
ATOM 1312 O O   . LYS B 2 84  ? -16.05123 26.79312  -3.66955  1.000 197.96000 ? 84  LYS B O   1 
ATOM 1313 C CB  . LYS B 2 84  ? -16.96952 28.60924  -5.77222  1.000 222.12000 ? 84  LYS B CB  1 
ATOM 1314 C CG  . LYS B 2 84  ? -16.68200 30.01865  -6.27055  1.000 210.10000 ? 84  LYS B CG  1 
ATOM 1315 C CD  . LYS B 2 84  ? -17.79414 30.98649  -5.89867  1.000 186.02000 ? 84  LYS B CD  1 
ATOM 1316 C CE  . LYS B 2 84  ? -17.61725 32.32178  -6.60446  1.000 179.23000 ? 84  LYS B CE  1 
ATOM 1317 N NZ  . LYS B 2 84  ? -18.09559 33.46450  -5.77706  1.000 157.89000 ? 84  LYS B NZ  1 
ATOM 1318 N N   . PHE B 2 85  ? -15.92498 25.26669  -5.31664  1.000 201.53000 ? 85  PHE B N   1 
ATOM 1319 C CA  . PHE B 2 85  ? -16.09813 24.12987  -4.42383  1.000 199.32000 ? 85  PHE B CA  1 
ATOM 1320 C C   . PHE B 2 85  ? -15.16881 23.00137  -4.85222  1.000 185.10000 ? 85  PHE B C   1 
ATOM 1321 O O   . PHE B 2 85  ? -14.67907 22.96254  -5.98420  1.000 172.21000 ? 85  PHE B O   1 
ATOM 1322 C CB  . PHE B 2 85  ? -17.57549 23.67744  -4.37526  1.000 201.47000 ? 85  PHE B CB  1 
ATOM 1323 C CG  . PHE B 2 85  ? -18.04090 22.88336  -5.58085  1.000 180.75000 ? 85  PHE B CG  1 
ATOM 1324 C CD1 . PHE B 2 85  ? -17.60062 21.58528  -5.81692  1.000 134.99000 ? 85  PHE B CD1 1 
ATOM 1325 C CD2 . PHE B 2 85  ? -18.92120 23.45104  -6.48630  1.000 188.52000 ? 85  PHE B CD2 1 
ATOM 1326 C CE1 . PHE B 2 85  ? -18.03256 20.87626  -6.92097  1.000 146.09000 ? 85  PHE B CE1 1 
ATOM 1327 C CE2 . PHE B 2 85  ? -19.35676 22.74553  -7.59329  1.000 181.49000 ? 85  PHE B CE2 1 
ATOM 1328 C CZ  . PHE B 2 85  ? -18.91153 21.45794  -7.81097  1.000 177.91000 ? 85  PHE B CZ  1 
ATOM 1329 N N   . VAL B 2 86  ? -14.93866 22.07816  -3.92014  1.000 168.67000 ? 86  VAL B N   1 
ATOM 1330 C CA  . VAL B 2 86  ? -14.10465 20.90184  -4.14014  1.000 151.43000 ? 86  VAL B CA  1 
ATOM 1331 C C   . VAL B 2 86  ? -14.74019 19.72129  -3.41775  1.000 152.27000 ? 86  VAL B C   1 
ATOM 1332 O O   . VAL B 2 86  ? -15.20960 19.85564  -2.28234  1.000 151.76000 ? 86  VAL B O   1 
ATOM 1333 C CB  . VAL B 2 86  ? -12.65667 21.12597  -3.65554  1.000 167.72000 ? 86  VAL B CB  1 
ATOM 1334 C CG1 . VAL B 2 86  ? -11.86568 19.82908  -3.70275  1.000 149.53000 ? 86  VAL B CG1 1 
ATOM 1335 C CG2 . VAL B 2 86  ? -11.97410 22.18325  -4.49549  1.000 205.28000 ? 86  VAL B CG2 1 
ATOM 1336 N N   . MET B 2 87  ? -14.75025 18.56657  -4.08002  1.000 126.61000 ? 87  MET B N   1 
ATOM 1337 C CA  . MET B 2 87  ? -15.32282 17.33810  -3.54334  1.000 120.02000 ? 87  MET B CA  1 
ATOM 1338 C C   . MET B 2 87  ? -14.19727 16.45348  -3.01469  1.000 121.40000 ? 87  MET B C   1 
ATOM 1339 O O   . MET B 2 87  ? -13.30876 16.05601  -3.77634  1.000 128.44000 ? 87  MET B O   1 
ATOM 1340 C CB  . MET B 2 87  ? -16.11884 16.60586  -4.62291  1.000 122.34000 ? 87  MET B CB  1 
ATOM 1341 C CG  . MET B 2 87  ? -17.24271 17.42484  -5.22949  1.000 146.66000 ? 87  MET B CG  1 
ATOM 1342 S SD  . MET B 2 87  ? -18.78324 17.28552  -4.30861  1.000 196.12000 ? 87  MET B SD  1 
ATOM 1343 C CE  . MET B 2 87  ? -19.49938 15.84951  -5.10312  1.000 120.22000 ? 87  MET B CE  1 
ATOM 1344 N N   . VAL B 2 88  ? -14.23908 16.14508  -1.72018  1.000 95.87000  ? 88  VAL B N   1 
ATOM 1345 C CA  . VAL B 2 88  ? -13.17989 15.38436  -1.06200  1.000 122.27000 ? 88  VAL B CA  1 
ATOM 1346 C C   . VAL B 2 88  ? -13.77986 14.17908  -0.34655  1.000 122.26000 ? 88  VAL B C   1 
ATOM 1347 O O   . VAL B 2 88  ? -14.74545 14.33167  0.41007   1.000 121.13000 ? 88  VAL B O   1 
ATOM 1348 C CB  . VAL B 2 88  ? -12.40045 16.25676  -0.06483  1.000 131.19000 ? 88  VAL B CB  1 
ATOM 1349 C CG1 . VAL B 2 88  ? -11.03765 15.64254  0.22576   1.000 162.94000 ? 88  VAL B CG1 1 
ATOM 1350 C CG2 . VAL B 2 88  ? -12.25504 17.68228  -0.57849  1.000 129.67000 ? 88  VAL B CG2 1 
ATOM 1351 N N   . PRO B 2 89  ? -13.24998 12.97437  -0.54233  1.000 132.66000 ? 89  PRO B N   1 
ATOM 1352 C CA  . PRO B 2 89  ? -13.70584 11.83797  0.26763   1.000 101.03000 ? 89  PRO B CA  1 
ATOM 1353 C C   . PRO B 2 89  ? -13.36094 12.06218  1.73351   1.000 115.14000 ? 89  PRO B C   1 
ATOM 1354 O O   . PRO B 2 89  ? -12.27499 12.54301  2.06430   1.000 126.82000 ? 89  PRO B O   1 
ATOM 1355 C CB  . PRO B 2 89  ? -12.93678 10.64681  -0.31861  1.000 91.07000  ? 89  PRO B CB  1 
ATOM 1356 C CG  . PRO B 2 89  ? -12.48684 11.10484  -1.67891  1.000 124.74000 ? 89  PRO B CG  1 
ATOM 1357 C CD  . PRO B 2 89  ? -12.25185 12.57500  -1.54623  1.000 155.41000 ? 89  PRO B CD  1 
ATOM 1358 N N   . HIS B 2 90  ? -14.29561 11.71220  2.61793   1.000 117.03000 ? 90  HIS B N   1 
ATOM 1359 C CA  . HIS B 2 90  ? -14.14357 11.99536  4.03640   1.000 113.60000 ? 90  HIS B CA  1 
ATOM 1360 C C   . HIS B 2 90  ? -14.59737 10.80421  4.86654   1.000 116.75000 ? 90  HIS B C   1 
ATOM 1361 O O   . HIS B 2 90  ? -15.58442 10.13900  4.53574   1.000 145.65000 ? 90  HIS B O   1 
ATOM 1362 C CB  . HIS B 2 90  ? -14.94114 13.24070  4.44414   1.000 140.73000 ? 90  HIS B CB  1 
ATOM 1363 C CG  . HIS B 2 90  ? -14.69849 13.67270  5.85593   1.000 145.69000 ? 90  HIS B CG  1 
ATOM 1364 N ND1 . HIS B 2 90  ? -13.48269 14.15931  6.28632   1.000 153.48000 ? 90  HIS B ND1 1 
ATOM 1365 C CD2 . HIS B 2 90  ? -15.51254 13.68123  6.93722   1.000 138.05000 ? 90  HIS B CD2 1 
ATOM 1366 C CE1 . HIS B 2 90  ? -13.56016 14.45424  7.57135   1.000 151.23000 ? 90  HIS B CE1 1 
ATOM 1367 N NE2 . HIS B 2 90  ? -14.78174 14.17394  7.99095   1.000 112.46000 ? 90  HIS B NE2 1 
ATOM 1368 N N   . GLY B 2 91  ? -13.86560 10.54969  5.94845   1.000 107.97000 ? 91  GLY B N   1 
ATOM 1369 C CA  . GLY B 2 91  ? -14.19527 9.50026   6.89291   1.000 120.30000 ? 91  GLY B CA  1 
ATOM 1370 C C   . GLY B 2 91  ? -13.73793 9.86349   8.29167   1.000 130.44000 ? 91  GLY B C   1 
ATOM 1371 O O   . GLY B 2 91  ? -13.41716 11.02462  8.55748   1.000 129.09000 ? 91  GLY B O   1 
ATOM 1372 N N   . THR B 2 92  ? -13.69287 8.88380   9.19524   1.000 134.82000 ? 92  THR B N   1 
ATOM 1373 C CA  . THR B 2 92  ? -13.31445 9.14378   10.57608  1.000 132.37000 ? 92  THR B CA  1 
ATOM 1374 C C   . THR B 2 92  ? -12.22485 8.22402   11.10830  1.000 134.31000 ? 92  THR B C   1 
ATOM 1375 O O   . THR B 2 92  ? -11.72201 8.47572   12.20908  1.000 128.08000 ? 92  THR B O   1 
ATOM 1376 C CB  . THR B 2 92  ? -14.53823 9.03049   11.49868  1.000 156.85000 ? 92  THR B CB  1 
ATOM 1377 O OG1 . THR B 2 92  ? -14.14742 9.31295   12.84721  1.000 150.68000 ? 92  THR B OG1 1 
ATOM 1378 C CG2 . THR B 2 92  ? -15.12894 7.63052   11.43546  1.000 147.78000 ? 92  THR B CG2 1 
ATOM 1379 N N   . ASP B 2 93  ? -11.84433 7.18067   10.37652  1.000 132.26000 ? 93  ASP B N   1 
ATOM 1380 C CA  . ASP B 2 93  ? -10.90799 6.19781   10.89887  1.000 142.18000 ? 93  ASP B CA  1 
ATOM 1381 C C   . ASP B 2 93  ? -10.09008 5.63169   9.74544   1.000 155.94000 ? 93  ASP B C   1 
ATOM 1382 O O   . ASP B 2 93  ? -10.47122 5.73968   8.57642   1.000 143.47000 ? 93  ASP B O   1 
ATOM 1383 C CB  . ASP B 2 93  ? -11.65273 5.09122   11.66159  1.000 163.13000 ? 93  ASP B CB  1 
ATOM 1384 C CG  . ASP B 2 93  ? -10.71687 4.08257   12.29546  1.000 186.57000 ? 93  ASP B CG  1 
ATOM 1385 O OD1 . ASP B 2 93  ? -9.64069  4.49453   12.77875  1.000 185.81000 ? 93  ASP B OD1 1 
ATOM 1386 O OD2 . ASP B 2 93  ? -11.05987 2.88183   12.31331  1.000 187.78000 ? 93  ASP B OD2 1 
ATOM 1387 N N   . CYS B 2 94  ? -8.94825  5.03662   10.08740  1.000 155.03000 ? 94  CYS B N   1 
ATOM 1388 C CA  . CYS B 2 94  ? -8.02005  4.48234   9.11366   1.000 155.22000 ? 94  CYS B CA  1 
ATOM 1389 C C   . CYS B 2 94  ? -7.87665  2.97984   9.32261   1.000 153.36000 ? 94  CYS B C   1 
ATOM 1390 O O   . CYS B 2 94  ? -7.97662  2.48205   10.44835  1.000 156.64000 ? 94  CYS B O   1 
ATOM 1391 C CB  . CYS B 2 94  ? -6.64226  5.15160   9.21965   1.000 155.11000 ? 94  CYS B CB  1 
ATOM 1392 S SG  . CYS B 2 94  ? -6.66911  6.95722   9.18613   1.000 179.47000 ? 94  CYS B SG  1 
ATOM 1393 N N   . GLU B 2 95  ? -7.63343  2.26222   8.22620   1.000 155.90000 ? 95  GLU B N   1 
ATOM 1394 C CA  . GLU B 2 95  ? -7.45806  0.81523   8.25977   1.000 158.32000 ? 95  GLU B CA  1 
ATOM 1395 C C   . GLU B 2 95  ? -6.28490  0.43184   7.37064   1.000 153.70000 ? 95  GLU B C   1 
ATOM 1396 O O   . GLU B 2 95  ? -5.87016  1.19151   6.49735   1.000 145.51000 ? 95  GLU B O   1 
ATOM 1397 C CB  . GLU B 2 95  ? -8.72039  0.07395   7.78968   1.000 143.74000 ? 95  GLU B CB  1 
ATOM 1398 C CG  . GLU B 2 95  ? -8.89331  0.07430   6.27419   1.000 146.31000 ? 95  GLU B CG  1 
ATOM 1399 C CD  . GLU B 2 95  ? -10.19571 -0.55617  5.81503   1.000 157.12000 ? 95  GLU B CD  1 
ATOM 1400 O OE1 . GLU B 2 95  ? -10.72121 -1.43689  6.52810   1.000 179.05000 ? 95  GLU B OE1 1 
ATOM 1401 O OE2 . GLU B 2 95  ? -10.69263 -0.17256  4.73512   1.000 146.84000 ? 95  GLU B OE2 1 
ATOM 1402 N N   . CYS B 2 96  ? -5.75570  -0.76878  7.58453   1.000 151.20000 ? 96  CYS B N   1 
ATOM 1403 C CA  . CYS B 2 96  ? -4.69711  -1.27751  6.72019   1.000 119.17000 ? 96  CYS B CA  1 
ATOM 1404 C C   . CYS B 2 96  ? -5.32229  -1.90257  5.47844   1.000 129.46000 ? 96  CYS B C   1 
ATOM 1405 O O   . CYS B 2 96  ? -6.04874  -2.89748  5.57451   1.000 154.43000 ? 96  CYS B O   1 
ATOM 1406 C CB  . CYS B 2 96  ? -3.82810  -2.28780  7.46372   1.000 140.52000 ? 96  CYS B CB  1 
ATOM 1407 S SG  . CYS B 2 96  ? -2.72471  -1.55169  8.70283   1.000 175.67000 ? 96  CYS B SG  1 
ATOM 1408 N N   . SER B 2 97  ? -5.04930  -1.31366  4.31485   1.000 115.84000 ? 97  SER B N   1 
ATOM 1409 C CA  . SER B 2 97  ? -5.62985  -1.76744  3.06166   1.000 124.55000 ? 97  SER B CA  1 
ATOM 1410 C C   . SER B 2 97  ? -4.59629  -1.64387  1.95174   1.000 122.59000 ? 97  SER B C   1 
ATOM 1411 O O   . SER B 2 97  ? -3.66423  -0.83983  2.02803   1.000 124.70000 ? 97  SER B O   1 
ATOM 1412 C CB  . SER B 2 97  ? -6.89007  -0.96968  2.70087   1.000 133.97000 ? 97  SER B CB  1 
ATOM 1413 O OG  . SER B 2 97  ? -7.24977  -1.17057  1.34625   1.000 127.99000 ? 97  SER B OG  1 
ATOM 1414 N N   . ALA B 2 98  ? -4.77718  -2.45525  0.91257   1.000 104.94000 ? 98  ALA B N   1 
ATOM 1415 C CA  . ALA B 2 98  ? -3.88009  -2.47694  -0.23289  1.000 116.63000 ? 98  ALA B CA  1 
ATOM 1416 C C   . ALA B 2 98  ? -4.45943  -1.77565  -1.45366  1.000 126.01000 ? 98  ALA B C   1 
ATOM 1417 O O   . ALA B 2 98  ? -3.79644  -1.72950  -2.49578  1.000 153.24000 ? 98  ALA B O   1 
ATOM 1418 C CB  . ALA B 2 98  ? -3.51871  -3.92214  -0.59054  1.000 128.58000 ? 98  ALA B CB  1 
ATOM 1419 N N   . VAL B 2 99  ? -5.67297  -1.22708  -1.34780  1.000 117.00000 ? 99  VAL B N   1 
ATOM 1420 C CA  . VAL B 2 99  ? -6.30097  -0.58473  -2.50695  1.000 133.56000 ? 99  VAL B CA  1 
ATOM 1421 C C   . VAL B 2 99  ? -5.47918  0.57570   -3.05535  1.000 104.31000 ? 99  VAL B C   1 
ATOM 1422 O O   . VAL B 2 99  ? -5.37011  0.69268   -4.28526  1.000 107.14000 ? 99  VAL B O   1 
ATOM 1423 C CB  . VAL B 2 99  ? -7.74609  -0.18835  -2.17404  1.000 134.47000 ? 99  VAL B CB  1 
ATOM 1424 C CG1 . VAL B 2 99  ? -8.44626  0.35005   -3.41342  1.000 142.88000 ? 99  VAL B CG1 1 
ATOM 1425 C CG2 . VAL B 2 99  ? -8.50529  -1.38194  -1.61118  1.000 128.86000 ? 99  VAL B CG2 1 
ATOM 1426 N N   . PRO B 2 100 ? -4.89698  1.46813   -2.24091  1.000 97.57000  ? 100 PRO B N   1 
ATOM 1427 C CA  . PRO B 2 100 ? -4.10861  2.56498   -2.83145  1.000 124.63000 ? 100 PRO B CA  1 
ATOM 1428 C C   . PRO B 2 100 ? -2.97465  2.09238   -3.71981  1.000 130.05000 ? 100 PRO B C   1 
ATOM 1429 O O   . PRO B 2 100 ? -2.59428  2.80546   -4.65631  1.000 138.88000 ? 100 PRO B O   1 
ATOM 1430 C CB  . PRO B 2 100 ? -3.57792  3.31378   -1.60300  1.000 106.80000 ? 100 PRO B CB  1 
ATOM 1431 C CG  . PRO B 2 100 ? -4.56456  3.04451   -0.55758  1.000 113.03000 ? 100 PRO B CG  1 
ATOM 1432 C CD  . PRO B 2 100 ? -5.03783  1.63985   -0.78333  1.000 111.67000 ? 100 PRO B CD  1 
ATOM 1433 N N   . LEU B 2 101 ? -2.42101  0.90839   -3.45713  1.000 118.68000 ? 101 LEU B N   1 
ATOM 1434 C CA  . LEU B 2 101 ? -1.33165  0.40523   -4.28113  1.000 118.90000 ? 101 LEU B CA  1 
ATOM 1435 C C   . LEU B 2 101 ? -1.80940  -0.04063  -5.65654  1.000 132.33000 ? 101 LEU B C   1 
ATOM 1436 O O   . LEU B 2 101 ? -1.00672  -0.07968  -6.59471  1.000 157.66000 ? 101 LEU B O   1 
ATOM 1437 C CB  . LEU B 2 101 ? -0.63420  -0.75329  -3.56888  1.000 98.98000  ? 101 LEU B CB  1 
ATOM 1438 C CG  . LEU B 2 101 ? -0.22546  -0.49272  -2.11729  1.000 104.39000 ? 101 LEU B CG  1 
ATOM 1439 C CD1 . LEU B 2 101 ? 0.22296   -1.78333  -1.45115  1.000 139.34000 ? 101 LEU B CD1 1 
ATOM 1440 C CD2 . LEU B 2 101 ? 0.85970   0.56977   -2.02782  1.000 126.35000 ? 101 LEU B CD2 1 
ATOM 1441 N N   . GLU B 2 102 ? -3.09898  -0.35572  -5.79784  1.000 107.10000 ? 102 GLU B N   1 
ATOM 1442 C CA  . GLU B 2 102 ? -3.59899  -0.93730  -7.04042  1.000 118.68000 ? 102 GLU B CA  1 
ATOM 1443 C C   . GLU B 2 102 ? -3.62255  0.08539   -8.17122  1.000 134.70000 ? 102 GLU B C   1 
ATOM 1444 O O   . GLU B 2 102 ? -3.17292  -0.19946  -9.28796  1.000 170.95000 ? 102 GLU B O   1 
ATOM 1445 C CB  . GLU B 2 102 ? -4.99464  -1.51803  -6.81116  1.000 128.66000 ? 102 GLU B CB  1 
ATOM 1446 C CG  . GLU B 2 102 ? -5.27386  -2.79723  -7.57696  1.000 159.28000 ? 102 GLU B CG  1 
ATOM 1447 C CD  . GLU B 2 102 ? -6.69580  -3.28819  -7.38884  1.000 149.85000 ? 102 GLU B CD  1 
ATOM 1448 O OE1 . GLU B 2 102 ? -7.58996  -2.44972  -7.15263  1.000 146.51000 ? 102 GLU B OE1 1 
ATOM 1449 O OE2 . GLU B 2 102 ? -6.91798  -4.51444  -7.47227  1.000 136.26000 ? 102 GLU B OE2 1 
ATOM 1450 N N   . GLN B 2 103 ? -4.14727  1.27753   -7.90279  1.000 115.49000 ? 103 GLN B N   1 
ATOM 1451 C CA  . GLN B 2 103 ? -4.31780  2.30740   -8.92717  1.000 131.61000 ? 103 GLN B CA  1 
ATOM 1452 C C   . GLN B 2 103 ? -3.00659  2.72462   -9.59624  1.000 136.93000 ? 103 GLN B C   1 
ATOM 1453 O O   . GLN B 2 103 ? -1.98437  2.91505   -8.93577  1.000 133.08000 ? 103 GLN B O   1 
ATOM 1454 C CB  . GLN B 2 103 ? -5.00200  3.53513   -8.32017  1.000 114.65000 ? 103 GLN B CB  1 
ATOM 1455 C CG  . GLN B 2 103 ? -4.19348  4.19922   -7.21966  1.000 144.72000 ? 103 GLN B CG  1 
ATOM 1456 C CD  . GLN B 2 103 ? -4.50355  5.67227   -7.06807  1.000 172.81000 ? 103 GLN B CD  1 
ATOM 1457 O OE1 . GLN B 2 103 ? -5.58794  6.05243   -6.62756  1.000 172.93000 ? 103 GLN B OE1 1 
ATOM 1458 N NE2 . GLN B 2 103 ? -3.54288  6.51573   -7.43385  1.000 175.95000 ? 103 GLN B NE2 1 
# 
